data_4FB2
#
_entry.id   4FB2
#
_cell.length_a   60.383
_cell.length_b   83.912
_cell.length_c   88.192
_cell.angle_alpha   96.81
_cell.angle_beta   96.39
_cell.angle_gamma   89.94
#
_symmetry.space_group_name_H-M   'P 1'
#
loop_
_entity.id
_entity.type
_entity.pdbx_description
1 polymer P450cin
2 non-polymer 'PROTOPORPHYRIN IX CONTAINING FE'
3 non-polymer 1,2-ETHANEDIOL
4 non-polymer 'CHLORIDE ION'
5 water water
#
_entity_poly.entity_id   1
_entity_poly.type   'polypeptide(L)'
_entity_poly.pdbx_seq_one_letter_code
;MTSLFTTADHYHTPLGPDGTPHAFFEALRDEAETTPIGWSEAYGGHWVVAGYKEIQAVIQNTKAFSNKGVTFPRYETGEF
ELMMAGQDDPVHKKYRQLVAKPFSPEATDLFTEQLRQSTNDLIDARIELGEGDAATWLANEIPARLTAILLGLPPEDGDT
YRRWVWAITHVENPEEGAEIFAELVAHARTLIAERRTNPGNDIMSRVIMSKIDGESLSEDDLIGFFTILLLGGIDNTARF
LSSVFWRLAWDIELRRRLIAHPELIPNAVDELLRFYGPAMVGRLVTQEVTVGDITMKPGQTAMLWFPIASRDRSAFDSPD
NIVIERTPNRHLSLGHGIHRCLGAHLIRVEARVAITEFLKRIPEFSLDPNKECEWLMGQVAGMLHVPIIFPKGKRLSE
;
_entity_poly.pdbx_strand_id   A,B,C,D
#
# COMPACT_ATOMS: atom_id res chain seq x y z
N THR A 2 0.63 57.68 -15.18
CA THR A 2 0.12 56.37 -15.61
C THR A 2 1.00 55.20 -15.15
N SER A 3 0.35 54.08 -14.95
CA SER A 3 1.04 52.88 -14.52
C SER A 3 0.81 51.79 -15.56
N LEU A 4 1.86 51.03 -15.85
CA LEU A 4 1.73 49.85 -16.70
C LEU A 4 0.89 48.76 -16.03
N PHE A 5 0.73 48.81 -14.71
CA PHE A 5 -0.11 47.82 -14.04
C PHE A 5 -1.58 47.96 -14.36
N THR A 6 -2.06 49.16 -14.58
CA THR A 6 -3.50 49.41 -14.66
C THR A 6 -4.17 48.60 -15.79
N THR A 7 -3.43 48.39 -16.87
CA THR A 7 -3.98 47.63 -17.98
C THR A 7 -3.22 46.34 -18.20
N ALA A 8 -2.44 45.91 -17.21
CA ALA A 8 -1.67 44.67 -17.37
C ALA A 8 -2.64 43.49 -17.54
N ASP A 9 -2.35 42.65 -18.52
CA ASP A 9 -3.21 41.59 -18.91
C ASP A 9 -2.36 40.51 -19.53
N HIS A 10 -2.26 39.37 -18.86
CA HIS A 10 -1.38 38.31 -19.34
C HIS A 10 -1.78 37.74 -20.70
N TYR A 11 -3.03 37.95 -21.13
CA TYR A 11 -3.44 37.51 -22.46
C TYR A 11 -3.23 38.59 -23.53
N HIS A 12 -2.80 39.77 -23.11
CA HIS A 12 -2.63 40.91 -24.01
C HIS A 12 -1.39 41.69 -23.61
N THR A 13 -0.23 41.07 -23.77
CA THR A 13 1.04 41.70 -23.42
C THR A 13 1.58 42.37 -24.68
N PRO A 14 1.81 43.68 -24.64
CA PRO A 14 2.35 44.32 -25.86
C PRO A 14 3.63 43.65 -26.38
N LEU A 15 3.70 43.45 -27.68
CA LEU A 15 4.82 42.77 -28.31
C LEU A 15 5.70 43.81 -28.99
N GLY A 16 7.01 43.62 -28.89
CA GLY A 16 8.02 44.49 -29.46
C GLY A 16 8.34 44.12 -30.90
N PRO A 17 9.32 44.81 -31.50
CA PRO A 17 9.61 44.61 -32.93
C PRO A 17 10.17 43.23 -33.17
N ASP A 18 10.77 42.66 -32.12
CA ASP A 18 11.36 41.32 -32.18
C ASP A 18 10.29 40.23 -32.10
N GLY A 19 9.07 40.60 -31.73
CA GLY A 19 7.93 39.68 -31.66
C GLY A 19 7.56 39.14 -30.28
N THR A 20 8.37 39.47 -29.27
CA THR A 20 8.18 38.96 -27.92
C THR A 20 7.62 40.08 -27.05
N PRO A 21 7.14 39.71 -25.85
CA PRO A 21 6.72 40.72 -24.89
C PRO A 21 7.87 41.24 -24.04
N HIS A 22 9.12 40.97 -24.39
CA HIS A 22 10.18 41.26 -23.44
C HIS A 22 10.47 42.75 -23.26
N ALA A 23 10.24 43.57 -24.27
CA ALA A 23 10.39 45.03 -24.02
C ALA A 23 9.37 45.47 -22.92
N PHE A 24 8.15 44.95 -23.02
CA PHE A 24 7.09 45.32 -22.06
C PHE A 24 7.49 44.76 -20.68
N PHE A 25 7.97 43.52 -20.64
CA PHE A 25 8.37 42.92 -19.38
C PHE A 25 9.48 43.73 -18.72
N GLU A 26 10.44 44.19 -19.52
CA GLU A 26 11.53 45.02 -18.99
C GLU A 26 10.99 46.35 -18.43
N ALA A 27 10.00 46.96 -19.10
CA ALA A 27 9.42 48.20 -18.62
C ALA A 27 8.64 47.98 -17.32
N LEU A 28 7.90 46.87 -17.24
CA LEU A 28 7.11 46.54 -16.05
C LEU A 28 8.07 46.21 -14.89
N ARG A 29 9.18 45.54 -15.19
CA ARG A 29 10.20 45.23 -14.16
C ARG A 29 10.73 46.54 -13.59
N ASP A 30 10.96 47.53 -14.45
CA ASP A 30 11.48 48.81 -13.98
C ASP A 30 10.46 49.47 -13.04
N GLU A 31 9.18 49.45 -13.43
CA GLU A 31 8.16 50.02 -12.57
C GLU A 31 8.01 49.27 -11.25
N ALA A 32 8.17 47.95 -11.29
CA ALA A 32 8.06 47.12 -10.11
C ALA A 32 9.13 47.41 -9.06
N GLU A 33 10.20 48.11 -9.43
CA GLU A 33 11.17 48.59 -8.44
C GLU A 33 10.53 49.61 -7.47
N THR A 34 9.50 50.29 -7.93
CA THR A 34 8.74 51.23 -7.10
C THR A 34 7.47 50.60 -6.53
N THR A 35 6.80 49.81 -7.36
CA THR A 35 5.50 49.23 -7.07
C THR A 35 5.56 47.76 -7.43
N PRO A 36 5.99 46.91 -6.49
CA PRO A 36 6.18 45.51 -6.90
C PRO A 36 4.89 44.72 -7.02
N ILE A 37 3.80 45.22 -6.44
CA ILE A 37 2.50 44.63 -6.62
C ILE A 37 1.54 45.72 -7.01
N GLY A 38 0.92 45.58 -8.17
CA GLY A 38 0.03 46.61 -8.70
C GLY A 38 -1.36 46.08 -8.97
N TRP A 39 -2.33 46.96 -9.03
CA TRP A 39 -3.69 46.60 -9.36
C TRP A 39 -3.93 46.80 -10.82
N SER A 40 -4.37 45.73 -11.49
CA SER A 40 -4.84 45.78 -12.83
C SER A 40 -6.35 45.81 -12.85
N GLU A 41 -6.91 46.59 -13.76
CA GLU A 41 -8.34 46.65 -13.95
C GLU A 41 -8.86 45.51 -14.84
N ALA A 42 -7.97 44.74 -15.45
CA ALA A 42 -8.41 43.66 -16.34
C ALA A 42 -9.14 42.56 -15.54
N TYR A 43 -10.10 41.90 -16.18
CA TYR A 43 -10.83 40.74 -15.64
C TYR A 43 -11.56 41.10 -14.35
N GLY A 44 -12.02 42.34 -14.29
CA GLY A 44 -12.81 42.79 -13.14
C GLY A 44 -11.96 43.33 -12.01
N GLY A 45 -10.64 43.33 -12.18
CA GLY A 45 -9.74 43.84 -11.18
C GLY A 45 -8.98 42.72 -10.48
N HIS A 46 -7.65 42.82 -10.41
CA HIS A 46 -6.84 41.80 -9.77
C HIS A 46 -5.42 42.31 -9.49
N TRP A 47 -4.73 41.61 -8.60
CA TRP A 47 -3.35 41.98 -8.26
C TRP A 47 -2.36 41.36 -9.23
N VAL A 48 -1.38 42.14 -9.64
CA VAL A 48 -0.27 41.67 -10.47
C VAL A 48 0.96 41.71 -9.56
N VAL A 49 1.50 40.53 -9.25
CA VAL A 49 2.64 40.40 -8.34
C VAL A 49 3.88 40.20 -9.20
N ALA A 50 4.73 41.23 -9.19
CA ALA A 50 5.84 41.31 -10.15
C ALA A 50 7.24 41.29 -9.52
N GLY A 51 7.38 41.72 -8.28
CA GLY A 51 8.68 41.67 -7.64
C GLY A 51 9.03 40.27 -7.19
N TYR A 52 10.32 39.93 -7.22
CA TYR A 52 10.76 38.60 -6.81
C TYR A 52 10.46 38.29 -5.35
N LYS A 53 10.78 39.20 -4.45
CA LYS A 53 10.48 38.95 -3.03
C LYS A 53 8.98 38.84 -2.74
N GLU A 54 8.17 39.58 -3.48
CA GLU A 54 6.74 39.59 -3.28
C GLU A 54 6.13 38.27 -3.82
N ILE A 55 6.61 37.78 -4.96
CA ILE A 55 6.13 36.49 -5.43
C ILE A 55 6.52 35.42 -4.42
N GLN A 56 7.76 35.46 -3.92
CA GLN A 56 8.16 34.47 -2.95
CA GLN A 56 8.18 34.49 -2.95
C GLN A 56 7.26 34.50 -1.72
N ALA A 57 6.94 35.70 -1.23
CA ALA A 57 6.10 35.83 -0.03
C ALA A 57 4.70 35.24 -0.29
N VAL A 58 4.14 35.49 -1.46
CA VAL A 58 2.83 34.93 -1.80
C VAL A 58 2.89 33.41 -1.91
N ILE A 59 3.87 32.92 -2.62
CA ILE A 59 3.89 31.52 -2.98
C ILE A 59 4.25 30.64 -1.78
N GLN A 60 4.93 31.22 -0.77
CA GLN A 60 5.25 30.51 0.45
C GLN A 60 4.07 30.49 1.43
N ASN A 61 3.09 31.34 1.19
CA ASN A 61 1.96 31.46 2.08
C ASN A 61 0.86 30.49 1.61
N THR A 62 0.68 29.41 2.35
CA THR A 62 -0.32 28.43 2.01
C THR A 62 -1.53 28.55 2.91
N LYS A 63 -1.60 29.59 3.73
CA LYS A 63 -2.73 29.82 4.62
C LYS A 63 -3.72 30.85 4.10
N ALA A 64 -3.21 31.86 3.39
CA ALA A 64 -4.06 32.91 2.91
C ALA A 64 -4.31 32.89 1.41
N PHE A 65 -3.68 31.96 0.71
CA PHE A 65 -3.81 31.81 -0.72
C PHE A 65 -4.16 30.37 -1.04
N SER A 66 -4.86 30.18 -2.14
CA SER A 66 -5.31 28.86 -2.55
C SER A 66 -5.02 28.63 -4.02
N ASN A 67 -4.63 27.41 -4.34
CA ASN A 67 -4.46 27.03 -5.71
C ASN A 67 -5.76 26.70 -6.48
N LYS A 68 -6.91 26.87 -5.83
CA LYS A 68 -8.18 26.81 -6.53
C LYS A 68 -8.30 27.98 -7.50
N GLY A 69 -7.45 28.98 -7.35
CA GLY A 69 -7.44 30.12 -8.24
C GLY A 69 -6.32 30.15 -9.27
N VAL A 70 -5.67 28.99 -9.55
CA VAL A 70 -4.52 29.01 -10.47
C VAL A 70 -4.85 29.45 -11.88
N THR A 71 -6.05 29.11 -12.36
CA THR A 71 -6.49 29.50 -13.69
C THR A 71 -7.30 30.78 -13.61
N PHE A 72 -6.88 31.78 -14.36
CA PHE A 72 -7.52 33.10 -14.29
C PHE A 72 -7.33 33.78 -15.65
N PRO A 73 -8.40 34.33 -16.22
CA PRO A 73 -9.77 34.30 -15.70
C PRO A 73 -10.34 32.89 -15.68
N ARG A 74 -11.42 32.70 -14.94
CA ARG A 74 -12.11 31.39 -15.00
C ARG A 74 -13.37 31.55 -15.89
N TYR A 75 -13.46 30.75 -16.96
CA TYR A 75 -14.63 30.75 -17.85
C TYR A 75 -15.19 29.34 -17.99
N PHE A 80 -13.82 21.44 -12.99
CA PHE A 80 -12.63 20.64 -13.35
C PHE A 80 -11.45 21.05 -12.52
N GLU A 81 -10.86 20.07 -11.82
CA GLU A 81 -9.70 20.37 -10.99
C GLU A 81 -8.44 19.73 -11.57
N LEU A 82 -7.41 20.53 -11.77
CA LEU A 82 -6.10 20.00 -12.11
C LEU A 82 -5.49 19.29 -10.90
N MET A 83 -5.21 18.00 -11.03
CA MET A 83 -4.55 17.28 -9.95
C MET A 83 -3.26 17.94 -9.47
N MET A 84 -3.17 18.14 -8.15
CA MET A 84 -2.06 18.80 -7.44
C MET A 84 -2.00 20.28 -7.75
N ALA A 85 -1.83 20.63 -9.02
CA ALA A 85 -1.61 22.01 -9.43
C ALA A 85 -2.76 22.92 -9.06
N GLY A 86 -3.97 22.38 -9.07
CA GLY A 86 -5.15 23.19 -8.72
C GLY A 86 -5.75 22.89 -7.37
N GLN A 87 -4.97 22.31 -6.47
CA GLN A 87 -5.50 21.82 -5.21
C GLN A 87 -4.67 22.32 -4.05
N ASP A 88 -5.27 22.27 -2.87
CA ASP A 88 -4.57 22.59 -1.64
C ASP A 88 -4.40 21.36 -0.74
N ASP A 89 -3.58 21.49 0.27
CA ASP A 89 -3.47 20.46 1.29
C ASP A 89 -4.78 20.39 2.07
N PRO A 90 -5.15 19.20 2.55
CA PRO A 90 -4.39 17.95 2.54
C PRO A 90 -4.38 17.17 1.22
N VAL A 91 -5.30 17.37 0.31
CA VAL A 91 -5.32 16.47 -0.83
C VAL A 91 -4.09 16.63 -1.73
N HIS A 92 -3.63 17.85 -1.87
CA HIS A 92 -2.43 18.12 -2.67
C HIS A 92 -1.26 17.27 -2.18
N LYS A 93 -1.04 17.28 -0.87
CA LYS A 93 0.11 16.60 -0.31
C LYS A 93 -0.05 15.08 -0.46
N LYS A 94 -1.26 14.58 -0.28
CA LYS A 94 -1.47 13.14 -0.44
C LYS A 94 -1.08 12.69 -1.87
N TYR A 95 -1.52 13.43 -2.88
CA TYR A 95 -1.17 13.12 -4.25
C TYR A 95 0.32 13.28 -4.51
N ARG A 96 0.92 14.36 -4.06
CA ARG A 96 2.32 14.60 -4.33
C ARG A 96 3.17 13.48 -3.70
N GLN A 97 2.88 13.05 -2.48
CA GLN A 97 3.61 11.96 -1.87
C GLN A 97 3.47 10.67 -2.65
N LEU A 98 2.28 10.41 -3.20
CA LEU A 98 2.06 9.19 -3.95
C LEU A 98 2.82 9.17 -5.25
N VAL A 99 2.97 10.32 -5.89
CA VAL A 99 3.70 10.33 -7.17
C VAL A 99 5.19 10.65 -7.06
N ALA A 100 5.70 10.97 -5.87
CA ALA A 100 7.06 11.46 -5.72
C ALA A 100 8.12 10.47 -6.20
N LYS A 101 8.10 9.25 -5.68
CA LYS A 101 9.09 8.28 -6.10
C LYS A 101 8.83 7.74 -7.49
N PRO A 102 7.56 7.49 -7.88
CA PRO A 102 7.31 7.07 -9.26
C PRO A 102 7.88 8.04 -10.26
N PHE A 103 7.87 9.34 -9.95
CA PHE A 103 8.31 10.36 -10.89
C PHE A 103 9.68 10.92 -10.50
N SER A 104 10.46 10.13 -9.77
CA SER A 104 11.77 10.55 -9.33
C SER A 104 12.74 10.74 -10.51
N PRO A 105 13.79 11.55 -10.31
CA PRO A 105 14.81 11.72 -11.36
C PRO A 105 15.39 10.41 -11.80
N GLU A 106 15.63 9.47 -10.89
CA GLU A 106 16.22 8.19 -11.28
C GLU A 106 15.28 7.43 -12.20
N ALA A 107 13.98 7.52 -11.92
CA ALA A 107 12.97 6.85 -12.74
C ALA A 107 12.86 7.49 -14.14
N THR A 108 12.73 8.80 -14.21
CA THR A 108 12.52 9.42 -15.52
C THR A 108 13.81 9.39 -16.38
N ASP A 109 14.96 9.35 -15.74
CA ASP A 109 16.23 9.28 -16.49
C ASP A 109 16.37 7.98 -17.32
N LEU A 110 15.68 6.91 -16.91
CA LEU A 110 15.72 5.67 -17.66
C LEU A 110 15.16 5.81 -19.08
N PHE A 111 14.46 6.92 -19.36
CA PHE A 111 13.83 7.15 -20.66
C PHE A 111 14.58 8.09 -21.57
N THR A 112 15.74 8.55 -21.11
CA THR A 112 16.46 9.56 -21.85
C THR A 112 16.91 9.11 -23.24
N GLU A 113 17.42 7.90 -23.33
CA GLU A 113 17.91 7.45 -24.62
C GLU A 113 16.78 7.22 -25.62
N GLN A 114 15.62 6.76 -25.13
CA GLN A 114 14.46 6.72 -26.00
C GLN A 114 14.03 8.10 -26.46
N LEU A 115 14.04 9.07 -25.54
CA LEU A 115 13.74 10.45 -25.93
C LEU A 115 14.70 10.96 -27.04
N ARG A 116 15.99 10.67 -26.89
CA ARG A 116 16.98 11.13 -27.85
C ARG A 116 16.70 10.52 -29.23
N GLN A 117 16.37 9.23 -29.24
CA GLN A 117 16.03 8.55 -30.48
C GLN A 117 14.80 9.16 -31.13
N SER A 118 13.75 9.40 -30.34
CA SER A 118 12.53 9.99 -30.88
C SER A 118 12.75 11.42 -31.40
N THR A 119 13.61 12.15 -30.72
CA THR A 119 13.94 13.51 -31.16
C THR A 119 14.63 13.44 -32.54
N ASN A 120 15.54 12.49 -32.72
CA ASN A 120 16.18 12.33 -34.03
C ASN A 120 15.19 11.88 -35.11
N ASP A 121 14.24 11.05 -34.73
CA ASP A 121 13.20 10.63 -35.65
C ASP A 121 12.34 11.82 -36.11
N LEU A 122 12.04 12.73 -35.18
CA LEU A 122 11.28 13.92 -35.54
C LEU A 122 12.10 14.80 -36.47
N ILE A 123 13.37 15.00 -36.16
CA ILE A 123 14.22 15.85 -37.01
C ILE A 123 14.27 15.26 -38.44
N ASP A 124 14.34 13.93 -38.54
CA ASP A 124 14.32 13.23 -39.82
C ASP A 124 13.16 13.65 -40.73
N ALA A 125 12.06 14.06 -40.14
CA ALA A 125 10.85 14.32 -40.94
C ALA A 125 11.02 15.48 -41.93
N ARG A 126 11.84 16.48 -41.59
CA ARG A 126 11.99 17.62 -42.48
C ARG A 126 13.44 18.00 -42.80
N ILE A 127 14.42 17.26 -42.29
CA ILE A 127 15.81 17.66 -42.50
C ILE A 127 16.17 17.71 -44.01
N GLU A 128 15.52 16.90 -44.85
CA GLU A 128 15.79 16.88 -46.29
C GLU A 128 15.12 18.04 -47.03
N LEU A 129 14.20 18.73 -46.37
CA LEU A 129 13.43 19.77 -47.01
C LEU A 129 14.05 21.15 -46.92
N GLY A 130 14.89 21.38 -45.91
CA GLY A 130 15.56 22.66 -45.75
C GLY A 130 14.72 23.80 -45.18
N GLU A 131 13.53 23.47 -44.70
CA GLU A 131 12.65 24.45 -44.06
C GLU A 131 11.65 23.71 -43.18
N GLY A 132 11.17 24.40 -42.15
CA GLY A 132 10.13 23.89 -41.31
C GLY A 132 9.81 24.86 -40.22
N ASP A 133 8.71 24.62 -39.52
CA ASP A 133 8.36 25.43 -38.40
C ASP A 133 8.84 24.69 -37.15
N ALA A 134 9.86 25.22 -36.50
CA ALA A 134 10.50 24.51 -35.40
C ALA A 134 9.49 24.27 -34.26
N ALA A 135 8.50 25.14 -34.12
CA ALA A 135 7.49 24.94 -33.08
C ALA A 135 6.57 23.76 -33.44
N THR A 136 6.03 23.74 -34.65
CA THR A 136 5.08 22.72 -35.06
C THR A 136 5.72 21.35 -35.31
N TRP A 137 6.90 21.36 -35.90
CA TRP A 137 7.61 20.14 -36.28
C TRP A 137 8.28 19.47 -35.11
N LEU A 138 8.88 20.27 -34.24
CA LEU A 138 9.69 19.75 -33.14
C LEU A 138 9.14 20.07 -31.75
N ALA A 139 9.06 21.35 -31.38
CA ALA A 139 8.73 21.71 -30.00
C ALA A 139 7.39 21.17 -29.56
N ASN A 140 6.39 21.17 -30.44
CA ASN A 140 5.07 20.67 -30.06
C ASN A 140 5.04 19.17 -29.94
N GLU A 141 5.94 18.48 -30.63
CA GLU A 141 5.92 17.03 -30.74
C GLU A 141 6.78 16.35 -29.70
N ILE A 142 7.91 16.95 -29.36
CA ILE A 142 8.83 16.33 -28.43
C ILE A 142 8.17 16.01 -27.07
N PRO A 143 7.51 16.96 -26.39
CA PRO A 143 6.90 16.62 -25.09
C PRO A 143 5.74 15.63 -25.20
N ALA A 144 5.05 15.62 -26.34
CA ALA A 144 3.92 14.69 -26.51
C ALA A 144 4.46 13.27 -26.69
N ARG A 145 5.52 13.11 -27.48
CA ARG A 145 6.15 11.79 -27.64
C ARG A 145 6.83 11.33 -26.34
N LEU A 146 7.38 12.28 -25.57
CA LEU A 146 7.97 11.97 -24.30
C LEU A 146 6.89 11.41 -23.36
N THR A 147 5.71 12.02 -23.35
CA THR A 147 4.64 11.53 -22.50
C THR A 147 4.32 10.05 -22.84
N ALA A 148 4.16 9.76 -24.13
CA ALA A 148 3.91 8.40 -24.55
C ALA A 148 5.04 7.48 -24.11
N ILE A 149 6.28 7.90 -24.29
CA ILE A 149 7.45 7.10 -23.85
C ILE A 149 7.39 6.82 -22.34
N LEU A 150 7.10 7.83 -21.54
CA LEU A 150 7.03 7.64 -20.09
C LEU A 150 5.94 6.66 -19.67
N LEU A 151 4.88 6.59 -20.46
CA LEU A 151 3.77 5.69 -20.19
C LEU A 151 3.96 4.30 -20.80
N GLY A 152 5.09 4.05 -21.46
CA GLY A 152 5.35 2.75 -22.03
C GLY A 152 4.63 2.51 -23.36
N LEU A 153 4.24 3.57 -24.05
CA LEU A 153 3.51 3.50 -25.30
C LEU A 153 4.43 3.84 -26.46
N PRO A 154 4.05 3.42 -27.68
CA PRO A 154 4.84 3.84 -28.84
C PRO A 154 4.91 5.37 -28.93
N PRO A 155 6.07 5.92 -29.26
CA PRO A 155 6.21 7.37 -29.21
C PRO A 155 5.21 8.08 -30.08
N GLU A 156 4.83 7.49 -31.20
CA GLU A 156 3.87 8.14 -32.10
C GLU A 156 2.46 8.25 -31.51
N ASP A 157 2.20 7.56 -30.41
CA ASP A 157 0.92 7.75 -29.69
C ASP A 157 0.81 9.20 -29.16
N GLY A 158 1.96 9.84 -28.99
CA GLY A 158 1.98 11.23 -28.58
C GLY A 158 1.23 12.15 -29.53
N ASP A 159 1.12 11.75 -30.79
CA ASP A 159 0.48 12.64 -31.74
C ASP A 159 -0.98 12.87 -31.38
N THR A 160 -1.62 11.84 -30.87
CA THR A 160 -2.99 11.96 -30.39
C THR A 160 -3.06 12.90 -29.18
N TYR A 161 -2.10 12.78 -28.27
CA TYR A 161 -2.08 13.66 -27.10
C TYR A 161 -1.98 15.10 -27.50
N ARG A 162 -1.10 15.39 -28.46
CA ARG A 162 -0.95 16.74 -28.96
C ARG A 162 -2.25 17.28 -29.50
N ARG A 163 -2.94 16.47 -30.30
CA ARG A 163 -4.19 16.91 -30.89
C ARG A 163 -5.25 17.22 -29.83
N TRP A 164 -5.35 16.37 -28.81
CA TRP A 164 -6.34 16.56 -27.75
C TRP A 164 -6.06 17.83 -26.98
N VAL A 165 -4.81 18.06 -26.59
CA VAL A 165 -4.46 19.20 -25.79
C VAL A 165 -4.79 20.48 -26.54
N TRP A 166 -4.45 20.51 -27.83
CA TRP A 166 -4.75 21.69 -28.60
C TRP A 166 -6.27 21.90 -28.71
N ALA A 167 -7.00 20.85 -29.06
CA ALA A 167 -8.44 20.96 -29.24
C ALA A 167 -9.11 21.41 -27.95
N ILE A 168 -8.75 20.79 -26.82
CA ILE A 168 -9.39 21.11 -25.54
C ILE A 168 -9.22 22.58 -25.21
N THR A 169 -8.06 23.12 -25.53
CA THR A 169 -7.78 24.50 -25.18
C THR A 169 -8.30 25.53 -26.19
N HIS A 170 -8.78 25.09 -27.35
CA HIS A 170 -9.25 26.01 -28.38
C HIS A 170 -10.71 25.91 -28.80
N VAL A 171 -11.38 24.83 -28.47
CA VAL A 171 -12.78 24.74 -28.87
C VAL A 171 -13.63 25.73 -28.10
N GLU A 172 -14.61 26.33 -28.78
CA GLU A 172 -15.55 27.28 -28.14
C GLU A 172 -16.77 26.57 -27.52
N ASN A 173 -17.17 25.44 -28.08
CA ASN A 173 -18.42 24.81 -27.70
C ASN A 173 -18.15 23.83 -26.57
N PRO A 174 -18.74 24.05 -25.38
CA PRO A 174 -18.46 23.16 -24.25
C PRO A 174 -18.84 21.70 -24.51
N GLU A 175 -19.84 21.46 -25.35
CA GLU A 175 -20.19 20.08 -25.67
C GLU A 175 -19.11 19.40 -26.49
N GLU A 176 -18.50 20.14 -27.41
CA GLU A 176 -17.38 19.60 -28.17
C GLU A 176 -16.20 19.36 -27.24
N GLY A 177 -15.92 20.30 -26.35
CA GLY A 177 -14.85 20.13 -25.38
C GLY A 177 -15.08 18.89 -24.54
N ALA A 178 -16.32 18.66 -24.12
CA ALA A 178 -16.64 17.44 -23.39
C ALA A 178 -16.43 16.17 -24.20
N GLU A 179 -16.68 16.22 -25.51
CA GLU A 179 -16.43 15.04 -26.34
C GLU A 179 -14.94 14.70 -26.44
N ILE A 180 -14.10 15.70 -26.58
CA ILE A 180 -12.67 15.48 -26.68
C ILE A 180 -12.18 14.95 -25.34
N PHE A 181 -12.62 15.56 -24.24
CA PHE A 181 -12.16 15.10 -22.94
C PHE A 181 -12.59 13.64 -22.70
N ALA A 182 -13.77 13.28 -23.19
CA ALA A 182 -14.23 11.89 -23.09
C ALA A 182 -13.32 10.90 -23.86
N GLU A 183 -12.77 11.32 -25.00
CA GLU A 183 -11.80 10.49 -25.72
C GLU A 183 -10.53 10.26 -24.87
N LEU A 184 -10.06 11.33 -24.28
CA LEU A 184 -8.86 11.31 -23.47
C LEU A 184 -9.07 10.36 -22.26
N VAL A 185 -10.19 10.51 -21.56
CA VAL A 185 -10.49 9.67 -20.44
C VAL A 185 -10.63 8.19 -20.82
N ALA A 186 -11.28 7.90 -21.95
CA ALA A 186 -11.41 6.53 -22.41
C ALA A 186 -10.05 5.87 -22.66
N HIS A 187 -9.14 6.61 -23.26
CA HIS A 187 -7.78 6.12 -23.46
C HIS A 187 -7.10 5.88 -22.13
N ALA A 188 -7.21 6.83 -21.21
CA ALA A 188 -6.57 6.68 -19.91
C ALA A 188 -7.08 5.40 -19.21
N ARG A 189 -8.38 5.14 -19.28
CA ARG A 189 -8.94 3.95 -18.62
C ARG A 189 -8.39 2.66 -19.21
N THR A 190 -8.24 2.60 -20.53
CA THR A 190 -7.67 1.42 -21.16
C THR A 190 -6.21 1.24 -20.73
N LEU A 191 -5.45 2.33 -20.72
CA LEU A 191 -4.04 2.28 -20.33
C LEU A 191 -3.92 1.79 -18.87
N ILE A 192 -4.71 2.39 -17.98
CA ILE A 192 -4.68 2.04 -16.58
C ILE A 192 -5.00 0.56 -16.37
N ALA A 193 -6.03 0.05 -17.06
CA ALA A 193 -6.41 -1.35 -16.89
C ALA A 193 -5.28 -2.28 -17.32
N GLU A 194 -4.58 -1.92 -18.40
CA GLU A 194 -3.47 -2.75 -18.91
C GLU A 194 -2.29 -2.72 -17.95
N ARG A 195 -1.96 -1.54 -17.45
CA ARG A 195 -0.81 -1.42 -16.58
C ARG A 195 -1.09 -2.06 -15.22
N ARG A 196 -2.35 -2.04 -14.78
CA ARG A 196 -2.71 -2.73 -13.54
C ARG A 196 -2.56 -4.24 -13.64
N THR A 197 -2.98 -4.80 -14.77
CA THR A 197 -2.98 -6.27 -14.91
C THR A 197 -1.60 -6.81 -15.25
N ASN A 198 -0.80 -6.03 -15.96
CA ASN A 198 0.53 -6.43 -16.43
C ASN A 198 1.51 -5.28 -16.13
N PRO A 199 1.87 -5.07 -14.86
CA PRO A 199 2.71 -3.91 -14.55
C PRO A 199 4.11 -4.02 -15.13
N GLY A 200 4.63 -2.89 -15.59
CA GLY A 200 5.96 -2.81 -16.12
C GLY A 200 6.79 -1.78 -15.35
N ASN A 201 7.74 -1.17 -16.04
CA ASN A 201 8.68 -0.24 -15.43
C ASN A 201 8.39 1.21 -15.81
N ASP A 202 7.34 1.40 -16.58
CA ASP A 202 6.94 2.74 -17.00
C ASP A 202 6.34 3.54 -15.84
N ILE A 203 6.15 4.83 -16.07
CA ILE A 203 5.69 5.70 -15.01
C ILE A 203 4.28 5.34 -14.54
N MET A 204 3.40 4.96 -15.45
CA MET A 204 2.04 4.63 -15.01
C MET A 204 2.04 3.40 -14.12
N SER A 205 2.80 2.37 -14.48
CA SER A 205 2.88 1.17 -13.62
C SER A 205 3.39 1.55 -12.26
N ARG A 206 4.37 2.45 -12.22
CA ARG A 206 4.96 2.86 -10.94
C ARG A 206 3.93 3.60 -10.09
N VAL A 207 3.21 4.52 -10.71
CA VAL A 207 2.24 5.28 -9.91
CA VAL A 207 2.22 5.29 -9.97
C VAL A 207 1.10 4.38 -9.43
N ILE A 208 0.69 3.40 -10.23
CA ILE A 208 -0.34 2.44 -9.82
C ILE A 208 0.07 1.67 -8.57
N MET A 209 1.34 1.29 -8.51
CA MET A 209 1.85 0.44 -7.43
CA MET A 209 1.81 0.44 -7.41
C MET A 209 2.21 1.22 -6.16
N SER A 210 2.23 2.55 -6.28
CA SER A 210 2.66 3.37 -5.17
C SER A 210 1.68 3.29 -4.02
N LYS A 211 2.21 3.16 -2.82
N LYS A 211 2.20 3.14 -2.81
CA LYS A 211 1.36 3.09 -1.62
CA LYS A 211 1.38 3.05 -1.61
C LYS A 211 2.00 3.94 -0.55
C LYS A 211 2.00 3.92 -0.53
N ILE A 212 1.18 4.75 0.11
CA ILE A 212 1.66 5.67 1.14
C ILE A 212 0.66 5.66 2.29
N ASP A 213 1.16 5.44 3.50
CA ASP A 213 0.31 5.37 4.70
C ASP A 213 -0.85 4.39 4.49
N GLY A 214 -0.56 3.32 3.76
CA GLY A 214 -1.50 2.25 3.51
C GLY A 214 -2.39 2.41 2.29
N GLU A 215 -2.35 3.57 1.62
CA GLU A 215 -3.31 3.89 0.58
C GLU A 215 -2.69 4.03 -0.83
N SER A 216 -3.48 3.76 -1.84
CA SER A 216 -3.08 3.94 -3.23
C SER A 216 -4.03 4.87 -3.98
N LEU A 217 -3.59 5.37 -5.11
CA LEU A 217 -4.46 6.18 -5.98
C LEU A 217 -5.63 5.35 -6.51
N SER A 218 -6.80 5.95 -6.54
CA SER A 218 -7.96 5.32 -7.15
C SER A 218 -7.87 5.47 -8.67
N GLU A 219 -8.76 4.78 -9.39
CA GLU A 219 -8.82 4.93 -10.84
C GLU A 219 -9.06 6.39 -11.23
N ASP A 220 -9.99 7.06 -10.55
CA ASP A 220 -10.22 8.48 -10.82
C ASP A 220 -8.97 9.33 -10.62
N ASP A 221 -8.21 9.03 -9.58
CA ASP A 221 -6.97 9.73 -9.31
C ASP A 221 -5.92 9.46 -10.41
N LEU A 222 -5.87 8.21 -10.89
CA LEU A 222 -4.97 7.83 -11.95
C LEU A 222 -5.33 8.52 -13.28
N ILE A 223 -6.62 8.67 -13.55
CA ILE A 223 -7.07 9.41 -14.72
C ILE A 223 -6.63 10.89 -14.54
N GLY A 224 -6.75 11.40 -13.31
CA GLY A 224 -6.34 12.76 -13.00
C GLY A 224 -4.85 12.96 -13.23
N PHE A 225 -4.06 11.94 -12.90
CA PHE A 225 -2.63 12.03 -13.09
C PHE A 225 -2.26 12.04 -14.58
N PHE A 226 -2.88 11.15 -15.33
CA PHE A 226 -2.71 11.15 -16.78
C PHE A 226 -3.08 12.53 -17.33
N THR A 227 -4.18 13.09 -16.85
CA THR A 227 -4.66 14.35 -17.37
C THR A 227 -3.65 15.48 -17.13
N ILE A 228 -3.05 15.51 -15.95
CA ILE A 228 -2.14 16.61 -15.66
C ILE A 228 -0.85 16.43 -16.45
N LEU A 229 -0.44 15.21 -16.78
CA LEU A 229 0.72 15.05 -17.67
C LEU A 229 0.45 15.78 -19.00
N LEU A 230 -0.76 15.58 -19.55
CA LEU A 230 -1.10 16.18 -20.82
C LEU A 230 -1.34 17.66 -20.69
N LEU A 231 -2.23 18.06 -19.79
CA LEU A 231 -2.69 19.44 -19.68
C LEU A 231 -1.77 20.34 -18.88
N GLY A 232 -0.90 19.76 -18.07
CA GLY A 232 0.08 20.55 -17.31
C GLY A 232 1.50 20.47 -17.85
N GLY A 233 1.80 19.48 -18.68
CA GLY A 233 3.16 19.32 -19.16
C GLY A 233 3.40 19.70 -20.60
N ILE A 234 2.52 19.26 -21.50
CA ILE A 234 2.83 19.36 -22.89
C ILE A 234 2.91 20.82 -23.39
N ASP A 235 1.91 21.66 -23.12
CA ASP A 235 1.96 23.04 -23.61
C ASP A 235 3.09 23.85 -22.99
N ASN A 236 3.34 23.70 -21.68
CA ASN A 236 4.43 24.43 -21.06
C ASN A 236 5.75 24.08 -21.74
N THR A 237 5.98 22.79 -21.95
CA THR A 237 7.22 22.38 -22.55
C THR A 237 7.32 22.86 -24.01
N ALA A 238 6.22 22.74 -24.75
CA ALA A 238 6.23 23.13 -26.16
C ALA A 238 6.55 24.61 -26.32
N ARG A 239 5.91 25.47 -25.54
CA ARG A 239 6.12 26.89 -25.67
C ARG A 239 7.55 27.26 -25.24
N PHE A 240 8.05 26.63 -24.16
CA PHE A 240 9.44 26.87 -23.77
C PHE A 240 10.42 26.48 -24.88
N LEU A 241 10.28 25.25 -25.38
CA LEU A 241 11.20 24.80 -26.43
C LEU A 241 11.08 25.65 -27.70
N SER A 242 9.87 26.07 -28.04
CA SER A 242 9.67 26.93 -29.23
C SER A 242 10.46 28.24 -29.08
N SER A 243 10.36 28.83 -27.89
CA SER A 243 11.08 30.06 -27.60
C SER A 243 12.59 29.86 -27.68
N VAL A 244 13.06 28.72 -27.19
CA VAL A 244 14.49 28.41 -27.26
C VAL A 244 14.95 28.21 -28.71
N PHE A 245 14.18 27.50 -29.51
CA PHE A 245 14.54 27.31 -30.92
C PHE A 245 14.57 28.66 -31.65
N TRP A 246 13.63 29.54 -31.37
CA TRP A 246 13.61 30.86 -31.91
C TRP A 246 14.88 31.64 -31.54
N ARG A 247 15.22 31.60 -30.27
CA ARG A 247 16.39 32.35 -29.81
C ARG A 247 17.66 31.81 -30.47
N LEU A 248 17.81 30.48 -30.59
CA LEU A 248 18.99 29.89 -31.22
C LEU A 248 19.04 30.18 -32.72
N ALA A 249 17.90 30.41 -33.35
CA ALA A 249 17.83 30.68 -34.79
C ALA A 249 18.48 32.02 -35.13
N TRP A 250 18.31 33.04 -34.29
CA TRP A 250 18.90 34.35 -34.60
C TRP A 250 20.14 34.71 -33.78
N ASP A 251 20.25 34.14 -32.58
CA ASP A 251 21.33 34.47 -31.63
C ASP A 251 22.55 33.60 -31.92
N ILE A 252 23.32 34.03 -32.92
CA ILE A 252 24.41 33.24 -33.46
C ILE A 252 25.56 33.12 -32.46
N GLU A 253 25.62 34.07 -31.53
CA GLU A 253 26.66 34.03 -30.51
C GLU A 253 26.34 32.98 -29.42
N LEU A 254 25.11 32.97 -28.92
CA LEU A 254 24.69 31.91 -28.03
C LEU A 254 24.89 30.54 -28.69
N ARG A 255 24.46 30.42 -29.93
CA ARG A 255 24.49 29.15 -30.63
C ARG A 255 25.92 28.60 -30.73
N ARG A 256 26.87 29.44 -31.14
CA ARG A 256 28.22 28.93 -31.35
C ARG A 256 28.80 28.48 -30.02
N ARG A 257 28.45 29.15 -28.92
CA ARG A 257 28.99 28.78 -27.60
C ARG A 257 28.47 27.41 -27.15
N LEU A 258 27.19 27.12 -27.40
CA LEU A 258 26.63 25.82 -27.02
C LEU A 258 27.19 24.69 -27.84
N ILE A 259 27.54 24.96 -29.10
CA ILE A 259 28.19 23.97 -29.96
C ILE A 259 29.63 23.72 -29.52
N ALA A 260 30.33 24.78 -29.15
CA ALA A 260 31.76 24.69 -28.76
C ALA A 260 31.93 24.11 -27.35
N HIS A 261 30.95 24.34 -26.49
CA HIS A 261 31.00 23.94 -25.08
C HIS A 261 29.73 23.19 -24.65
N PRO A 262 29.53 21.99 -25.17
CA PRO A 262 28.33 21.26 -24.80
C PRO A 262 28.19 21.00 -23.29
N GLU A 263 29.28 21.02 -22.54
CA GLU A 263 29.18 20.87 -21.09
C GLU A 263 28.43 22.04 -20.45
N LEU A 264 28.31 23.16 -21.15
CA LEU A 264 27.54 24.31 -20.64
C LEU A 264 26.05 24.24 -20.90
N ILE A 265 25.59 23.26 -21.65
CA ILE A 265 24.18 23.22 -22.01
C ILE A 265 23.25 23.12 -20.78
N PRO A 266 23.58 22.28 -19.77
CA PRO A 266 22.65 22.27 -18.61
C PRO A 266 22.53 23.63 -17.93
N ASN A 267 23.63 24.34 -17.70
CA ASN A 267 23.51 25.64 -17.08
CA ASN A 267 23.52 25.65 -17.08
C ASN A 267 22.79 26.63 -18.00
N ALA A 268 22.99 26.48 -19.31
CA ALA A 268 22.31 27.32 -20.28
C ALA A 268 20.82 27.04 -20.29
N VAL A 269 20.40 25.78 -20.11
CA VAL A 269 18.98 25.43 -20.02
C VAL A 269 18.36 26.16 -18.85
N ASP A 270 19.06 26.22 -17.71
CA ASP A 270 18.49 26.91 -16.56
CA ASP A 270 18.48 26.91 -16.57
C ASP A 270 18.39 28.42 -16.83
N GLU A 271 19.36 28.98 -17.53
CA GLU A 271 19.31 30.38 -17.87
C GLU A 271 18.26 30.68 -18.90
N LEU A 272 18.01 29.76 -19.82
CA LEU A 272 16.91 29.96 -20.77
C LEU A 272 15.54 29.82 -20.08
N LEU A 273 15.45 28.95 -19.07
CA LEU A 273 14.24 28.86 -18.26
C LEU A 273 13.96 30.17 -17.54
N ARG A 274 14.99 30.81 -16.99
CA ARG A 274 14.81 32.11 -16.35
C ARG A 274 14.27 33.13 -17.36
N PHE A 275 14.77 33.09 -18.58
CA PHE A 275 14.51 34.13 -19.55
C PHE A 275 13.19 33.91 -20.32
N TYR A 276 12.86 32.66 -20.60
CA TYR A 276 11.74 32.31 -21.49
C TYR A 276 10.72 31.41 -20.79
N GLY A 277 10.72 31.39 -19.47
CA GLY A 277 9.76 30.59 -18.74
C GLY A 277 8.33 30.95 -19.10
N PRO A 278 7.55 29.97 -19.56
CA PRO A 278 6.22 30.29 -20.08
C PRO A 278 5.14 30.65 -19.07
N ALA A 279 5.31 30.26 -17.82
CA ALA A 279 4.16 30.26 -16.90
C ALA A 279 3.92 31.57 -16.14
N MET A 280 2.63 31.88 -16.05
CA MET A 280 2.13 32.88 -15.09
CA MET A 280 2.13 32.89 -15.11
C MET A 280 0.91 32.27 -14.43
N VAL A 281 0.90 32.21 -13.10
CA VAL A 281 -0.07 31.39 -12.36
C VAL A 281 -0.83 32.24 -11.37
N GLY A 282 -2.09 31.90 -11.16
CA GLY A 282 -2.92 32.59 -10.21
C GLY A 282 -2.90 32.02 -8.81
N ARG A 283 -3.35 32.84 -7.86
CA ARG A 283 -3.70 32.41 -6.52
C ARG A 283 -5.02 33.11 -6.15
N LEU A 284 -5.91 32.36 -5.52
CA LEU A 284 -7.09 32.93 -4.91
C LEU A 284 -6.76 33.34 -3.49
N VAL A 285 -7.13 34.56 -3.12
CA VAL A 285 -6.94 35.03 -1.75
C VAL A 285 -8.08 34.43 -0.90
N THR A 286 -7.71 33.76 0.18
CA THR A 286 -8.72 33.17 1.08
C THR A 286 -8.83 33.86 2.44
N GLN A 287 -7.77 34.55 2.86
CA GLN A 287 -7.81 35.32 4.08
C GLN A 287 -7.15 36.66 3.83
N GLU A 288 -7.55 37.67 4.60
CA GLU A 288 -6.94 38.97 4.45
C GLU A 288 -5.47 38.88 4.77
N VAL A 289 -4.63 39.49 3.93
CA VAL A 289 -3.20 39.32 4.04
C VAL A 289 -2.52 40.57 3.46
N THR A 290 -1.49 41.02 4.14
CA THR A 290 -0.71 42.13 3.69
C THR A 290 0.60 41.61 3.15
N VAL A 291 0.92 42.06 1.95
CA VAL A 291 2.17 41.69 1.30
C VAL A 291 2.78 43.01 0.87
N GLY A 292 3.91 43.35 1.48
CA GLY A 292 4.49 44.65 1.25
C GLY A 292 3.55 45.75 1.63
N ASP A 293 3.25 46.61 0.67
CA ASP A 293 2.42 47.80 0.88
C ASP A 293 0.93 47.53 0.65
N ILE A 294 0.61 46.33 0.22
CA ILE A 294 -0.72 46.02 -0.28
C ILE A 294 -1.43 45.08 0.65
N THR A 295 -2.70 45.33 0.90
CA THR A 295 -3.54 44.38 1.63
C THR A 295 -4.52 43.75 0.65
N MET A 296 -4.44 42.43 0.53
CA MET A 296 -5.36 41.69 -0.33
C MET A 296 -6.52 41.16 0.47
N LYS A 297 -7.69 41.04 -0.16
CA LYS A 297 -8.93 40.67 0.52
C LYS A 297 -9.46 39.35 0.01
N PRO A 298 -10.14 38.58 0.88
CA PRO A 298 -10.73 37.33 0.43
C PRO A 298 -11.56 37.46 -0.84
N GLY A 299 -11.35 36.54 -1.75
CA GLY A 299 -12.05 36.50 -3.02
C GLY A 299 -11.32 37.15 -4.17
N GLN A 300 -10.33 37.99 -3.88
CA GLN A 300 -9.49 38.56 -4.93
C GLN A 300 -8.54 37.51 -5.49
N THR A 301 -8.00 37.83 -6.66
CA THR A 301 -6.99 36.99 -7.30
C THR A 301 -5.69 37.76 -7.38
N ALA A 302 -4.59 37.07 -7.09
CA ALA A 302 -3.25 37.54 -7.35
C ALA A 302 -2.62 36.72 -8.48
N MET A 303 -2.15 37.37 -9.53
CA MET A 303 -1.41 36.69 -10.62
C MET A 303 0.07 36.83 -10.35
N LEU A 304 0.78 35.73 -10.39
CA LEU A 304 2.21 35.70 -10.15
C LEU A 304 2.92 35.81 -11.49
N TRP A 305 3.44 37.00 -11.80
CA TRP A 305 4.11 37.24 -13.09
C TRP A 305 5.57 36.85 -13.00
N PHE A 306 5.82 35.55 -12.97
CA PHE A 306 7.17 35.02 -12.86
C PHE A 306 8.17 35.67 -13.83
N PRO A 307 7.78 35.94 -15.10
CA PRO A 307 8.78 36.57 -16.00
C PRO A 307 9.31 37.93 -15.55
N ILE A 308 8.52 38.65 -14.78
CA ILE A 308 9.00 39.92 -14.28
C ILE A 308 9.96 39.71 -13.11
N ALA A 309 9.60 38.80 -12.20
CA ALA A 309 10.46 38.46 -11.09
C ALA A 309 11.80 37.87 -11.54
N SER A 310 11.76 37.14 -12.66
CA SER A 310 12.97 36.56 -13.22
C SER A 310 13.94 37.61 -13.74
N ARG A 311 13.48 38.86 -13.84
CA ARG A 311 14.27 39.98 -14.34
C ARG A 311 14.56 41.02 -13.25
N ASP A 312 14.23 40.69 -11.99
CA ASP A 312 14.39 41.61 -10.86
C ASP A 312 15.90 41.81 -10.59
N ARG A 313 16.35 43.06 -10.63
CA ARG A 313 17.75 43.38 -10.43
C ARG A 313 18.25 43.12 -9.02
N SER A 314 17.34 43.06 -8.07
CA SER A 314 17.76 42.73 -6.69
C SER A 314 18.01 41.23 -6.54
N ALA A 315 17.49 40.43 -7.47
CA ALA A 315 17.69 38.98 -7.46
C ALA A 315 18.77 38.50 -8.45
N PHE A 316 18.89 39.16 -9.59
CA PHE A 316 19.81 38.75 -10.63
C PHE A 316 20.62 39.95 -11.15
N ASP A 317 21.93 39.81 -11.16
CA ASP A 317 22.77 40.80 -11.79
C ASP A 317 22.66 40.65 -13.31
N SER A 318 22.68 41.77 -14.03
CA SER A 318 22.57 41.75 -15.49
C SER A 318 21.40 40.87 -15.93
N PRO A 319 20.19 41.18 -15.44
CA PRO A 319 19.06 40.30 -15.62
C PRO A 319 18.57 40.24 -17.04
N ASP A 320 18.91 41.24 -17.84
CA ASP A 320 18.43 41.28 -19.22
C ASP A 320 19.35 40.55 -20.21
N ASN A 321 20.40 39.96 -19.69
CA ASN A 321 21.34 39.18 -20.48
C ASN A 321 21.23 37.71 -20.15
N ILE A 322 21.35 36.87 -21.18
CA ILE A 322 21.45 35.41 -21.05
C ILE A 322 22.92 35.09 -20.78
N VAL A 323 23.19 34.87 -19.51
CA VAL A 323 24.55 34.58 -19.06
C VAL A 323 24.57 33.11 -18.80
N ILE A 324 25.11 32.36 -19.75
CA ILE A 324 24.92 30.92 -19.67
C ILE A 324 25.65 30.27 -18.52
N GLU A 325 26.68 30.92 -18.01
CA GLU A 325 27.45 30.43 -16.88
C GLU A 325 26.91 30.86 -15.52
N ARG A 326 25.75 31.53 -15.53
CA ARG A 326 25.16 32.04 -14.29
C ARG A 326 24.93 30.93 -13.28
N THR A 327 25.46 31.04 -12.08
CA THR A 327 25.20 30.04 -11.04
C THR A 327 25.55 30.58 -9.67
N PRO A 328 24.65 30.39 -8.69
CA PRO A 328 23.34 29.75 -8.81
C PRO A 328 22.35 30.61 -9.63
N ASN A 329 21.19 30.02 -9.84
CA ASN A 329 20.20 30.66 -10.68
C ASN A 329 18.85 30.31 -10.08
N ARG A 330 18.44 31.10 -9.11
CA ARG A 330 17.24 30.78 -8.37
C ARG A 330 16.00 31.40 -9.03
N HIS A 331 15.80 31.12 -10.29
CA HIS A 331 14.62 31.63 -10.97
C HIS A 331 13.35 30.92 -10.48
N LEU A 332 12.23 31.53 -10.76
CA LEU A 332 10.93 31.04 -10.35
C LEU A 332 10.11 30.40 -11.48
N SER A 333 10.75 30.10 -12.60
CA SER A 333 10.02 29.61 -13.75
C SER A 333 9.38 28.24 -13.58
N LEU A 334 9.87 27.46 -12.63
CA LEU A 334 9.33 26.16 -12.28
C LEU A 334 8.67 26.19 -10.89
N GLY A 335 8.32 27.38 -10.44
CA GLY A 335 7.68 27.55 -9.16
C GLY A 335 8.65 27.45 -7.98
N HIS A 336 8.06 27.33 -6.79
CA HIS A 336 8.81 27.39 -5.55
C HIS A 336 7.90 26.98 -4.41
N GLY A 337 8.41 26.18 -3.50
CA GLY A 337 7.62 25.74 -2.37
C GLY A 337 6.81 24.51 -2.68
N ILE A 338 5.63 24.39 -2.07
CA ILE A 338 4.93 23.10 -2.07
C ILE A 338 4.40 22.66 -3.45
N HIS A 339 4.19 23.61 -4.35
CA HIS A 339 3.70 23.33 -5.71
C HIS A 339 4.79 23.34 -6.76
N ARG A 340 6.05 23.33 -6.33
CA ARG A 340 7.14 23.37 -7.31
C ARG A 340 6.98 22.26 -8.35
N CYS A 341 7.29 22.58 -9.60
CA CYS A 341 6.98 21.73 -10.75
C CYS A 341 7.42 20.27 -10.53
N LEU A 342 6.46 19.35 -10.66
CA LEU A 342 6.78 17.94 -10.62
C LEU A 342 7.71 17.50 -11.74
N GLY A 343 7.62 18.20 -12.87
CA GLY A 343 8.43 17.92 -14.05
C GLY A 343 9.77 18.63 -14.07
N ALA A 344 10.20 19.22 -12.96
CA ALA A 344 11.35 20.14 -12.99
C ALA A 344 12.61 19.45 -13.48
N HIS A 345 12.85 18.24 -13.02
CA HIS A 345 14.03 17.50 -13.48
C HIS A 345 13.86 17.03 -14.92
N LEU A 346 12.69 16.46 -15.21
CA LEU A 346 12.37 15.94 -16.51
C LEU A 346 12.59 16.98 -17.61
N ILE A 347 12.09 18.18 -17.41
CA ILE A 347 12.15 19.15 -18.48
C ILE A 347 13.56 19.71 -18.65
N ARG A 348 14.35 19.75 -17.60
CA ARG A 348 15.75 20.13 -17.76
C ARG A 348 16.52 19.11 -18.60
N VAL A 349 16.25 17.83 -18.37
CA VAL A 349 16.88 16.78 -19.16
C VAL A 349 16.36 16.82 -20.62
N GLU A 350 15.05 16.97 -20.78
CA GLU A 350 14.42 17.03 -22.09
C GLU A 350 14.95 18.22 -22.93
N ALA A 351 15.07 19.39 -22.33
CA ALA A 351 15.61 20.54 -23.03
C ALA A 351 17.07 20.33 -23.42
N ARG A 352 17.85 19.71 -22.55
CA ARG A 352 19.25 19.40 -22.88
C ARG A 352 19.31 18.52 -24.10
N VAL A 353 18.52 17.46 -24.10
CA VAL A 353 18.51 16.53 -25.24
C VAL A 353 18.05 17.21 -26.52
N ALA A 354 16.97 18.00 -26.44
CA ALA A 354 16.43 18.69 -27.60
C ALA A 354 17.46 19.61 -28.23
N ILE A 355 18.09 20.42 -27.39
CA ILE A 355 19.07 21.39 -27.87
C ILE A 355 20.26 20.61 -28.47
N THR A 356 20.70 19.60 -27.75
CA THR A 356 21.90 18.87 -28.18
C THR A 356 21.68 18.21 -29.53
N GLU A 357 20.60 17.47 -29.67
CA GLU A 357 20.35 16.76 -30.93
C GLU A 357 20.05 17.72 -32.06
N PHE A 358 19.31 18.79 -31.76
CA PHE A 358 19.04 19.71 -32.84
C PHE A 358 20.30 20.35 -33.37
N LEU A 359 21.17 20.84 -32.48
CA LEU A 359 22.36 21.55 -32.94
C LEU A 359 23.36 20.60 -33.59
N LYS A 360 23.33 19.32 -33.20
CA LYS A 360 24.19 18.31 -33.81
C LYS A 360 23.74 18.03 -35.24
N ARG A 361 22.42 17.96 -35.47
CA ARG A 361 21.86 17.62 -36.79
C ARG A 361 21.80 18.83 -37.72
N ILE A 362 21.53 20.00 -37.14
CA ILE A 362 21.28 21.25 -37.90
C ILE A 362 22.01 22.41 -37.22
N PRO A 363 23.32 22.48 -37.39
CA PRO A 363 24.08 23.53 -36.70
C PRO A 363 23.94 24.89 -37.36
N GLU A 364 23.53 24.90 -38.63
CA GLU A 364 23.35 26.11 -39.40
C GLU A 364 21.87 26.25 -39.77
N PHE A 365 21.26 27.33 -39.30
CA PHE A 365 19.88 27.62 -39.60
C PHE A 365 19.61 29.06 -39.25
N SER A 366 18.47 29.56 -39.71
CA SER A 366 18.08 30.93 -39.41
C SER A 366 16.55 31.04 -39.54
N LEU A 367 16.00 32.14 -39.08
CA LEU A 367 14.59 32.41 -39.24
C LEU A 367 14.26 32.66 -40.72
N ASP A 368 13.12 32.11 -41.14
CA ASP A 368 12.69 32.25 -42.54
C ASP A 368 12.25 33.68 -42.81
N PRO A 369 12.87 34.34 -43.80
CA PRO A 369 12.50 35.74 -44.04
C PRO A 369 11.15 35.92 -44.71
N ASN A 370 10.57 34.82 -45.19
CA ASN A 370 9.31 34.90 -45.92
C ASN A 370 8.09 34.39 -45.17
N LYS A 371 8.30 34.05 -43.89
CA LYS A 371 7.21 33.60 -43.04
C LYS A 371 7.35 34.27 -41.68
N GLU A 372 6.25 34.41 -40.98
CA GLU A 372 6.25 35.16 -39.73
C GLU A 372 6.36 34.23 -38.51
N CYS A 373 7.09 34.69 -37.50
CA CYS A 373 7.01 34.08 -36.18
C CYS A 373 5.76 34.62 -35.49
N GLU A 374 5.33 33.93 -34.45
CA GLU A 374 4.18 34.35 -33.68
C GLU A 374 4.37 33.91 -32.24
N TRP A 375 4.12 34.82 -31.31
CA TRP A 375 4.17 34.59 -29.87
C TRP A 375 2.75 34.39 -29.34
N LEU A 376 2.55 33.31 -28.59
CA LEU A 376 1.32 33.02 -27.89
C LEU A 376 1.35 33.63 -26.50
N MET A 377 0.31 34.39 -26.19
CA MET A 377 0.14 35.01 -24.90
C MET A 377 -0.79 34.22 -24.01
N GLY A 378 -0.71 34.44 -22.71
CA GLY A 378 -1.64 33.84 -21.77
C GLY A 378 -0.92 33.34 -20.52
N GLN A 379 -1.48 32.33 -19.87
CA GLN A 379 -0.81 31.74 -18.72
C GLN A 379 0.32 30.81 -19.09
N VAL A 380 0.39 30.43 -20.34
CA VAL A 380 1.47 29.60 -20.84
C VAL A 380 1.89 30.25 -22.12
N ALA A 381 2.95 31.05 -22.06
CA ALA A 381 3.33 31.93 -23.15
C ALA A 381 4.67 31.55 -23.78
N GLY A 382 4.79 31.77 -25.08
CA GLY A 382 6.04 31.56 -25.76
C GLY A 382 5.77 31.47 -27.25
N MET A 383 6.81 31.26 -28.03
CA MET A 383 6.61 31.20 -29.46
C MET A 383 5.69 30.05 -29.84
N LEU A 384 4.83 30.34 -30.82
CA LEU A 384 3.86 29.41 -31.37
C LEU A 384 4.26 28.97 -32.77
N HIS A 385 4.86 29.88 -33.51
CA HIS A 385 5.39 29.62 -34.85
C HIS A 385 6.79 30.16 -34.95
N VAL A 386 7.71 29.31 -35.39
CA VAL A 386 9.11 29.62 -35.53
C VAL A 386 9.60 29.04 -36.88
N PRO A 387 9.23 29.68 -37.97
CA PRO A 387 9.66 29.17 -39.28
C PRO A 387 11.17 29.39 -39.45
N ILE A 388 11.86 28.31 -39.81
CA ILE A 388 13.30 28.36 -40.03
C ILE A 388 13.66 27.77 -41.39
N ILE A 389 14.85 28.14 -41.85
CA ILE A 389 15.44 27.59 -43.04
C ILE A 389 16.83 27.05 -42.69
N PHE A 390 17.30 26.11 -43.48
CA PHE A 390 18.59 25.49 -43.21
C PHE A 390 19.01 24.73 -44.47
N PRO A 391 20.31 24.50 -44.62
CA PRO A 391 20.74 23.65 -45.74
C PRO A 391 20.16 22.24 -45.64
N LYS A 392 19.70 21.71 -46.77
CA LYS A 392 19.16 20.37 -46.79
C LYS A 392 20.18 19.36 -46.30
N GLY A 393 19.70 18.43 -45.47
CA GLY A 393 20.53 17.44 -44.83
C GLY A 393 19.99 16.05 -45.03
N LYS A 394 20.46 15.12 -44.21
CA LYS A 394 20.20 13.70 -44.39
C LYS A 394 19.51 13.08 -43.20
N ARG A 395 18.55 12.20 -43.48
CA ARG A 395 17.90 11.42 -42.43
C ARG A 395 18.88 10.42 -41.82
N LEU A 396 18.80 10.21 -40.50
CA LEU A 396 19.59 9.17 -39.85
C LEU A 396 18.96 7.81 -40.14
N SER A 397 17.66 7.80 -40.43
CA SER A 397 16.98 6.58 -40.84
C SER A 397 15.97 6.90 -41.96
N THR B 2 -21.36 -51.74 -7.91
CA THR B 2 -21.50 -50.81 -9.03
C THR B 2 -21.99 -49.45 -8.53
N SER B 3 -21.42 -48.37 -9.04
CA SER B 3 -21.79 -47.05 -8.56
C SER B 3 -22.20 -46.19 -9.73
N LEU B 4 -23.26 -45.42 -9.55
CA LEU B 4 -23.71 -44.49 -10.55
C LEU B 4 -22.75 -43.33 -10.75
N PHE B 5 -21.86 -43.07 -9.79
CA PHE B 5 -20.92 -42.00 -9.95
C PHE B 5 -19.86 -42.29 -11.02
N THR B 6 -19.47 -43.53 -11.18
CA THR B 6 -18.30 -43.86 -11.99
C THR B 6 -18.45 -43.41 -13.43
N THR B 7 -19.66 -43.47 -13.96
CA THR B 7 -19.91 -43.01 -15.30
C THR B 7 -20.79 -41.74 -15.34
N ALA B 8 -20.90 -41.06 -14.21
CA ALA B 8 -21.72 -39.85 -14.19
C ALA B 8 -21.13 -38.79 -15.15
N ASP B 9 -22.00 -38.17 -15.91
CA ASP B 9 -21.61 -37.30 -16.99
C ASP B 9 -22.75 -36.37 -17.25
N HIS B 10 -22.56 -35.09 -16.94
CA HIS B 10 -23.61 -34.09 -17.07
C HIS B 10 -24.11 -33.88 -18.49
N TYR B 11 -23.30 -34.26 -19.51
CA TYR B 11 -23.75 -34.21 -20.88
C TYR B 11 -24.45 -35.49 -21.35
N HIS B 12 -24.45 -36.51 -20.49
CA HIS B 12 -25.03 -37.82 -20.84
C HIS B 12 -25.74 -38.43 -19.62
N THR B 13 -26.84 -37.78 -19.23
CA THR B 13 -27.65 -38.22 -18.10
C THR B 13 -28.78 -39.10 -18.64
N PRO B 14 -28.83 -40.37 -18.23
CA PRO B 14 -29.88 -41.27 -18.72
C PRO B 14 -31.28 -40.67 -18.58
N LEU B 15 -32.08 -40.78 -19.63
CA LEU B 15 -33.45 -40.25 -19.62
C LEU B 15 -34.44 -41.37 -19.43
N GLY B 16 -35.48 -41.08 -18.65
CA GLY B 16 -36.53 -42.03 -18.30
C GLY B 16 -37.70 -41.95 -19.26
N PRO B 17 -38.79 -42.73 -19.01
CA PRO B 17 -39.86 -42.82 -20.01
C PRO B 17 -40.61 -41.50 -20.20
N ASP B 18 -40.44 -40.61 -19.22
CA ASP B 18 -41.12 -39.32 -19.24
C ASP B 18 -40.31 -38.31 -20.05
N GLY B 19 -39.05 -38.65 -20.34
CA GLY B 19 -38.17 -37.80 -21.14
C GLY B 19 -37.15 -36.93 -20.41
N THR B 20 -37.17 -37.00 -19.09
CA THR B 20 -36.27 -36.21 -18.26
C THR B 20 -35.23 -37.13 -17.63
N PRO B 21 -34.19 -36.52 -17.06
CA PRO B 21 -33.19 -37.30 -16.31
C PRO B 21 -33.62 -37.54 -14.85
N HIS B 22 -34.89 -37.30 -14.50
CA HIS B 22 -35.24 -37.27 -13.08
C HIS B 22 -35.26 -38.63 -12.39
N ALA B 23 -35.58 -39.71 -13.10
CA ALA B 23 -35.42 -41.03 -12.51
C ALA B 23 -33.96 -41.27 -12.14
N PHE B 24 -33.06 -40.94 -13.07
CA PHE B 24 -31.60 -41.06 -12.81
C PHE B 24 -31.18 -40.13 -11.65
N PHE B 25 -31.67 -38.91 -11.64
CA PHE B 25 -31.30 -38.01 -10.56
C PHE B 25 -31.78 -38.55 -9.20
N GLU B 26 -32.97 -39.16 -9.16
CA GLU B 26 -33.46 -39.76 -7.93
C GLU B 26 -32.62 -40.93 -7.48
N ALA B 27 -32.16 -41.74 -8.44
CA ALA B 27 -31.30 -42.88 -8.09
C ALA B 27 -29.93 -42.40 -7.59
N LEU B 28 -29.40 -41.36 -8.22
CA LEU B 28 -28.13 -40.83 -7.80
C LEU B 28 -28.26 -40.14 -6.40
N ARG B 29 -29.37 -39.47 -6.18
CA ARG B 29 -29.67 -38.91 -4.86
C ARG B 29 -29.66 -40.00 -3.77
N ASP B 30 -30.28 -41.14 -4.09
CA ASP B 30 -30.31 -42.23 -3.14
C ASP B 30 -28.89 -42.73 -2.85
N GLU B 31 -28.07 -42.90 -3.89
CA GLU B 31 -26.69 -43.32 -3.68
C GLU B 31 -25.86 -42.30 -2.92
N ALA B 32 -26.16 -41.02 -3.14
CA ALA B 32 -25.43 -39.94 -2.47
C ALA B 32 -25.67 -39.91 -0.96
N GLU B 33 -26.70 -40.62 -0.47
CA GLU B 33 -26.89 -40.79 0.97
C GLU B 33 -25.76 -41.62 1.57
N THR B 34 -25.15 -42.46 0.77
CA THR B 34 -24.02 -43.26 1.21
C THR B 34 -22.69 -42.56 0.87
N THR B 35 -22.64 -42.00 -0.33
CA THR B 35 -21.45 -41.41 -0.91
C THR B 35 -21.79 -40.05 -1.53
N PRO B 36 -21.72 -38.95 -0.76
CA PRO B 36 -22.20 -37.67 -1.29
C PRO B 36 -21.25 -37.01 -2.27
N ILE B 37 -20.01 -37.45 -2.33
CA ILE B 37 -19.06 -37.02 -3.33
C ILE B 37 -18.43 -38.26 -3.93
N GLY B 38 -18.55 -38.39 -5.23
CA GLY B 38 -18.05 -39.56 -5.92
C GLY B 38 -17.12 -39.20 -7.07
N TRP B 39 -16.27 -40.14 -7.44
CA TRP B 39 -15.37 -39.98 -8.57
C TRP B 39 -16.03 -40.50 -9.83
N SER B 40 -16.06 -39.64 -10.84
CA SER B 40 -16.48 -40.05 -12.15
C SER B 40 -15.23 -40.19 -13.02
N GLU B 41 -15.23 -41.18 -13.90
CA GLU B 41 -14.16 -41.38 -14.85
C GLU B 41 -14.30 -40.50 -16.10
N ALA B 42 -15.44 -39.83 -16.26
CA ALA B 42 -15.66 -39.03 -17.46
C ALA B 42 -14.74 -37.80 -17.46
N TYR B 43 -14.40 -37.34 -18.67
CA TYR B 43 -13.58 -36.13 -18.87
C TYR B 43 -12.23 -36.25 -18.18
N GLY B 44 -11.68 -37.45 -18.16
CA GLY B 44 -10.35 -37.65 -17.61
C GLY B 44 -10.36 -37.90 -16.11
N GLY B 45 -11.55 -37.83 -15.52
CA GLY B 45 -11.68 -38.02 -14.09
C GLY B 45 -12.00 -36.74 -13.35
N HIS B 46 -13.07 -36.74 -12.56
CA HIS B 46 -13.44 -35.54 -11.80
C HIS B 46 -14.34 -35.90 -10.65
N TRP B 47 -14.52 -34.99 -9.70
CA TRP B 47 -15.41 -35.22 -8.57
C TRP B 47 -16.82 -34.74 -8.87
N VAL B 48 -17.79 -35.56 -8.51
CA VAL B 48 -19.22 -35.19 -8.60
C VAL B 48 -19.71 -34.96 -7.18
N VAL B 49 -20.08 -33.73 -6.89
CA VAL B 49 -20.52 -33.32 -5.55
C VAL B 49 -22.05 -33.25 -5.59
N ALA B 50 -22.68 -34.19 -4.89
CA ALA B 50 -24.13 -34.41 -4.99
C ALA B 50 -24.91 -34.19 -3.69
N GLY B 51 -24.27 -34.25 -2.54
CA GLY B 51 -24.99 -33.97 -1.29
C GLY B 51 -25.14 -32.46 -1.05
N TYR B 52 -26.24 -32.07 -0.41
CA TYR B 52 -26.50 -30.68 -0.11
C TYR B 52 -25.42 -30.06 0.74
N LYS B 53 -25.09 -30.69 1.86
CA LYS B 53 -24.10 -30.13 2.76
C LYS B 53 -22.72 -30.05 2.11
N GLU B 54 -22.42 -31.02 1.26
CA GLU B 54 -21.12 -31.04 0.60
C GLU B 54 -21.02 -29.95 -0.46
N ILE B 55 -22.09 -29.76 -1.23
CA ILE B 55 -22.10 -28.64 -2.17
C ILE B 55 -21.92 -27.33 -1.40
N GLN B 56 -22.67 -27.14 -0.31
CA GLN B 56 -22.50 -25.91 0.42
C GLN B 56 -21.07 -25.71 0.93
N ALA B 57 -20.43 -26.78 1.39
CA ALA B 57 -19.06 -26.69 1.89
C ALA B 57 -18.09 -26.29 0.78
N VAL B 58 -18.25 -26.86 -0.40
CA VAL B 58 -17.39 -26.50 -1.53
C VAL B 58 -17.63 -25.03 -1.94
N ILE B 59 -18.90 -24.65 -2.06
CA ILE B 59 -19.25 -23.36 -2.57
C ILE B 59 -18.81 -22.25 -1.63
N GLN B 60 -18.78 -22.51 -0.34
CA GLN B 60 -18.35 -21.53 0.61
C GLN B 60 -16.84 -21.41 0.70
N ASN B 61 -16.12 -22.43 0.25
CA ASN B 61 -14.67 -22.45 0.35
C ASN B 61 -13.98 -21.84 -0.84
N THR B 62 -13.86 -20.53 -0.84
CA THR B 62 -13.27 -19.83 -1.98
C THR B 62 -11.76 -19.84 -1.94
N LYS B 63 -11.17 -20.35 -0.85
CA LYS B 63 -9.72 -20.46 -0.74
C LYS B 63 -9.18 -21.62 -1.59
N ALA B 64 -9.88 -22.74 -1.60
CA ALA B 64 -9.43 -23.94 -2.26
C ALA B 64 -10.14 -24.23 -3.57
N PHE B 65 -11.22 -23.50 -3.88
N PHE B 65 -11.23 -23.51 -3.80
CA PHE B 65 -12.05 -23.79 -5.07
CA PHE B 65 -11.97 -23.67 -5.02
C PHE B 65 -12.46 -22.55 -5.85
C PHE B 65 -11.91 -22.35 -5.76
N SER B 66 -11.95 -22.46 -7.07
CA SER B 66 -11.98 -21.27 -7.92
C SER B 66 -13.01 -21.34 -9.03
N ASN B 67 -13.63 -20.19 -9.32
CA ASN B 67 -14.53 -20.11 -10.43
C ASN B 67 -13.84 -20.06 -11.81
N LYS B 68 -12.52 -20.15 -11.84
CA LYS B 68 -11.82 -20.35 -13.08
C LYS B 68 -12.28 -21.65 -13.72
N GLY B 69 -12.84 -22.54 -12.91
CA GLY B 69 -13.26 -23.81 -13.43
C GLY B 69 -14.76 -24.02 -13.60
N VAL B 70 -15.52 -22.95 -13.77
CA VAL B 70 -16.95 -23.13 -13.86
C VAL B 70 -17.41 -23.92 -15.07
N THR B 71 -16.70 -23.80 -16.19
CA THR B 71 -17.04 -24.53 -17.39
C THR B 71 -16.21 -25.79 -17.44
N PHE B 72 -16.87 -26.93 -17.62
CA PHE B 72 -16.20 -28.22 -17.63
C PHE B 72 -17.02 -29.17 -18.49
N PRO B 73 -16.37 -29.92 -19.40
CA PRO B 73 -14.94 -29.86 -19.71
C PRO B 73 -14.50 -28.52 -20.35
N ARG B 74 -13.19 -28.27 -20.27
CA ARG B 74 -12.52 -27.11 -20.85
C ARG B 74 -11.59 -27.72 -21.92
N TYR B 75 -12.16 -28.23 -23.02
CA TYR B 75 -11.33 -28.68 -24.16
C TYR B 75 -11.02 -27.49 -25.04
N PHE B 80 -11.79 -15.89 -23.74
CA PHE B 80 -12.70 -14.99 -23.03
C PHE B 80 -13.11 -15.54 -21.66
N GLU B 81 -13.51 -14.64 -20.77
CA GLU B 81 -13.86 -15.00 -19.40
C GLU B 81 -15.27 -14.50 -19.10
N LEU B 82 -16.07 -15.27 -18.40
CA LEU B 82 -17.41 -14.82 -18.00
C LEU B 82 -17.27 -13.85 -16.84
N MET B 83 -17.68 -12.60 -17.05
CA MET B 83 -17.60 -11.60 -16.01
C MET B 83 -18.37 -12.03 -14.76
N MET B 84 -17.73 -11.87 -13.59
CA MET B 84 -18.23 -12.29 -12.27
C MET B 84 -18.31 -13.80 -12.15
N ALA B 85 -19.14 -14.43 -12.99
CA ALA B 85 -19.42 -15.85 -12.91
C ALA B 85 -18.14 -16.69 -13.02
N GLY B 86 -17.16 -16.20 -13.78
CA GLY B 86 -15.97 -16.96 -14.06
C GLY B 86 -14.74 -16.39 -13.38
N GLN B 87 -14.93 -15.56 -12.35
CA GLN B 87 -13.87 -14.83 -11.68
C GLN B 87 -13.87 -15.02 -10.18
N ASP B 88 -12.72 -14.77 -9.54
CA ASP B 88 -12.60 -14.82 -8.11
C ASP B 88 -12.41 -13.41 -7.55
N ASP B 89 -12.54 -13.25 -6.24
CA ASP B 89 -12.20 -11.99 -5.60
C ASP B 89 -10.68 -11.77 -5.73
N PRO B 90 -10.25 -10.51 -5.77
CA PRO B 90 -11.06 -9.29 -5.57
C PRO B 90 -11.81 -8.78 -6.77
N VAL B 91 -11.48 -9.20 -7.98
CA VAL B 91 -12.17 -8.61 -9.13
C VAL B 91 -13.66 -8.95 -9.13
N HIS B 92 -14.03 -10.16 -8.75
CA HIS B 92 -15.44 -10.53 -8.67
C HIS B 92 -16.24 -9.58 -7.81
N LYS B 93 -15.73 -9.27 -6.63
CA LYS B 93 -16.42 -8.41 -5.69
C LYS B 93 -16.48 -6.99 -6.21
N LYS B 94 -15.43 -6.53 -6.88
CA LYS B 94 -15.46 -5.18 -7.45
C LYS B 94 -16.65 -5.04 -8.38
N TYR B 95 -16.81 -6.01 -9.28
CA TYR B 95 -17.86 -5.94 -10.26
C TYR B 95 -19.23 -6.14 -9.60
N ARG B 96 -19.38 -7.10 -8.68
CA ARG B 96 -20.68 -7.30 -8.04
C ARG B 96 -21.12 -6.00 -7.32
N GLN B 97 -20.19 -5.36 -6.64
CA GLN B 97 -20.52 -4.12 -5.97
C GLN B 97 -20.97 -3.05 -6.95
N LEU B 98 -20.27 -2.93 -8.07
CA LEU B 98 -20.60 -1.91 -9.06
C LEU B 98 -21.95 -2.13 -9.76
N VAL B 99 -22.38 -3.39 -9.88
CA VAL B 99 -23.68 -3.63 -10.52
C VAL B 99 -24.83 -3.84 -9.55
N ALA B 100 -24.55 -3.81 -8.24
CA ALA B 100 -25.60 -4.14 -7.27
C ALA B 100 -26.78 -3.20 -7.34
N LYS B 101 -26.52 -1.90 -7.27
CA LYS B 101 -27.62 -0.94 -7.33
C LYS B 101 -28.23 -0.86 -8.73
N PRO B 102 -27.39 -0.80 -9.78
CA PRO B 102 -27.94 -0.76 -11.14
C PRO B 102 -28.90 -1.92 -11.43
N PHE B 103 -28.59 -3.11 -10.92
CA PHE B 103 -29.39 -4.31 -11.15
C PHE B 103 -30.29 -4.66 -9.96
N SER B 104 -30.65 -3.65 -9.16
CA SER B 104 -31.44 -3.88 -7.94
C SER B 104 -32.87 -4.33 -8.34
N PRO B 105 -33.55 -5.01 -7.42
CA PRO B 105 -34.94 -5.40 -7.70
C PRO B 105 -35.82 -4.21 -8.07
N GLU B 106 -35.60 -3.08 -7.42
CA GLU B 106 -36.39 -1.90 -7.69
C GLU B 106 -36.18 -1.49 -9.15
N ALA B 107 -34.92 -1.48 -9.60
CA ALA B 107 -34.60 -1.12 -10.97
C ALA B 107 -35.19 -2.08 -12.03
N THR B 108 -35.04 -3.38 -11.81
CA THR B 108 -35.54 -4.33 -12.80
C THR B 108 -37.08 -4.42 -12.76
N ASP B 109 -37.68 -4.17 -11.61
CA ASP B 109 -39.16 -4.22 -11.49
C ASP B 109 -39.85 -3.16 -12.37
N LEU B 110 -39.13 -2.10 -12.71
CA LEU B 110 -39.69 -1.08 -13.59
C LEU B 110 -40.06 -1.60 -14.97
N PHE B 111 -39.51 -2.75 -15.35
CA PHE B 111 -39.70 -3.28 -16.69
C PHE B 111 -40.74 -4.41 -16.78
N THR B 112 -41.37 -4.73 -15.66
CA THR B 112 -42.30 -5.86 -15.62
C THR B 112 -43.47 -5.67 -16.57
N GLU B 113 -44.06 -4.49 -16.61
CA GLU B 113 -45.21 -4.31 -17.49
C GLU B 113 -44.85 -4.42 -18.99
N GLN B 114 -43.69 -3.93 -19.39
CA GLN B 114 -43.24 -4.15 -20.75
C GLN B 114 -43.03 -5.65 -21.01
N LEU B 115 -42.47 -6.37 -20.04
CA LEU B 115 -42.29 -7.80 -20.21
C LEU B 115 -43.64 -8.48 -20.39
N ARG B 116 -44.62 -8.07 -19.61
CA ARG B 116 -45.93 -8.68 -19.68
C ARG B 116 -46.53 -8.42 -21.06
N GLN B 117 -46.36 -7.21 -21.58
CA GLN B 117 -46.86 -6.88 -22.92
C GLN B 117 -46.21 -7.76 -23.99
N SER B 118 -44.87 -7.85 -23.96
CA SER B 118 -44.13 -8.68 -24.93
C SER B 118 -44.55 -10.13 -24.87
N THR B 119 -44.78 -10.66 -23.68
CA THR B 119 -45.19 -12.03 -23.52
C THR B 119 -46.54 -12.25 -24.19
N ASN B 120 -47.48 -11.34 -24.00
CA ASN B 120 -48.76 -11.47 -24.67
C ASN B 120 -48.65 -11.32 -26.18
N ASP B 121 -47.71 -10.51 -26.65
CA ASP B 121 -47.51 -10.36 -28.10
C ASP B 121 -46.98 -11.68 -28.66
N LEU B 122 -46.11 -12.37 -27.91
CA LEU B 122 -45.60 -13.65 -28.36
C LEU B 122 -46.74 -14.68 -28.41
N ILE B 123 -47.57 -14.70 -27.38
CA ILE B 123 -48.68 -15.64 -27.34
C ILE B 123 -49.61 -15.41 -28.55
N ASP B 124 -49.82 -14.15 -28.92
CA ASP B 124 -50.65 -13.81 -30.06
C ASP B 124 -50.23 -14.52 -31.33
N ALA B 125 -48.93 -14.79 -31.48
CA ALA B 125 -48.40 -15.33 -32.73
C ALA B 125 -48.90 -16.74 -33.08
N ARG B 126 -49.28 -17.55 -32.07
CA ARG B 126 -49.74 -18.91 -32.37
C ARG B 126 -51.05 -19.29 -31.70
N ILE B 127 -51.65 -18.38 -30.94
CA ILE B 127 -52.83 -18.77 -30.19
C ILE B 127 -53.98 -19.18 -31.11
N GLU B 128 -54.04 -18.62 -32.32
CA GLU B 128 -55.08 -18.99 -33.27
C GLU B 128 -54.84 -20.33 -33.96
N LEU B 129 -53.64 -20.86 -33.85
CA LEU B 129 -53.24 -22.02 -34.60
C LEU B 129 -53.57 -23.31 -33.86
N GLY B 130 -53.66 -23.23 -32.53
CA GLY B 130 -53.92 -24.42 -31.72
C GLY B 130 -52.77 -25.41 -31.55
N GLU B 131 -51.56 -25.02 -31.94
CA GLU B 131 -50.39 -25.85 -31.76
C GLU B 131 -49.13 -25.00 -31.79
N GLY B 132 -48.11 -25.47 -31.11
CA GLY B 132 -46.84 -24.74 -31.10
C GLY B 132 -45.82 -25.45 -30.25
N ASP B 133 -44.57 -25.10 -30.43
CA ASP B 133 -43.54 -25.63 -29.56
C ASP B 133 -43.29 -24.57 -28.49
N ALA B 134 -43.71 -24.84 -27.26
CA ALA B 134 -43.61 -23.84 -26.22
C ALA B 134 -42.18 -23.38 -25.99
N ALA B 135 -41.19 -24.23 -26.26
CA ALA B 135 -39.80 -23.82 -26.09
C ALA B 135 -39.41 -22.79 -27.17
N THR B 136 -39.63 -23.16 -28.43
CA THR B 136 -39.20 -22.30 -29.52
C THR B 136 -40.03 -21.00 -29.61
N TRP B 137 -41.33 -21.13 -29.36
CA TRP B 137 -42.31 -20.04 -29.49
C TRP B 137 -42.22 -19.04 -28.31
N LEU B 138 -42.13 -19.56 -27.10
CA LEU B 138 -42.21 -18.71 -25.92
C LEU B 138 -40.94 -18.71 -25.06
N ALA B 139 -40.52 -19.87 -24.56
CA ALA B 139 -39.43 -19.90 -23.57
C ALA B 139 -38.11 -19.35 -24.12
N ASN B 140 -37.84 -19.61 -25.40
CA ASN B 140 -36.59 -19.18 -25.99
C ASN B 140 -36.60 -17.65 -26.23
N GLU B 141 -37.81 -17.10 -26.36
CA GLU B 141 -37.99 -15.72 -26.79
C GLU B 141 -38.12 -14.75 -25.65
N ILE B 142 -38.84 -15.16 -24.63
CA ILE B 142 -39.09 -14.30 -23.50
C ILE B 142 -37.80 -13.70 -22.91
N PRO B 143 -36.79 -14.53 -22.55
CA PRO B 143 -35.61 -13.94 -21.95
C PRO B 143 -34.80 -13.04 -22.88
N ALA B 144 -34.87 -13.31 -24.20
CA ALA B 144 -34.10 -12.49 -25.15
C ALA B 144 -34.78 -11.14 -25.29
N ARG B 145 -36.11 -11.15 -25.33
CA ARG B 145 -36.83 -9.88 -25.38
C ARG B 145 -36.67 -9.11 -24.08
N LEU B 146 -36.64 -9.81 -22.96
CA LEU B 146 -36.41 -9.15 -21.69
C LEU B 146 -35.04 -8.47 -21.67
N THR B 147 -34.02 -9.12 -22.22
CA THR B 147 -32.69 -8.50 -22.25
C THR B 147 -32.75 -7.16 -23.00
N ALA B 148 -33.37 -7.19 -24.16
CA ALA B 148 -33.50 -5.98 -24.94
C ALA B 148 -34.28 -4.91 -24.18
N ILE B 149 -35.37 -5.31 -23.55
CA ILE B 149 -36.18 -4.39 -22.74
C ILE B 149 -35.33 -3.74 -21.63
N LEU B 150 -34.55 -4.52 -20.90
CA LEU B 150 -33.70 -3.99 -19.82
C LEU B 150 -32.66 -2.99 -20.34
N LEU B 151 -32.25 -3.15 -21.58
CA LEU B 151 -31.26 -2.28 -22.18
C LEU B 151 -31.88 -1.06 -22.85
N GLY B 152 -33.19 -0.93 -22.77
CA GLY B 152 -33.90 0.18 -23.38
C GLY B 152 -34.05 0.07 -24.89
N LEU B 153 -34.03 -1.14 -25.41
CA LEU B 153 -34.12 -1.38 -26.84
C LEU B 153 -35.45 -2.02 -27.20
N PRO B 154 -35.83 -1.94 -28.47
CA PRO B 154 -37.04 -2.67 -28.90
C PRO B 154 -36.95 -4.17 -28.62
N PRO B 155 -38.03 -4.78 -28.10
CA PRO B 155 -38.04 -6.21 -27.80
C PRO B 155 -37.51 -7.08 -28.94
N GLU B 156 -37.85 -6.69 -30.17
CA GLU B 156 -37.40 -7.39 -31.35
C GLU B 156 -35.87 -7.54 -31.49
N ASP B 157 -35.10 -6.67 -30.87
CA ASP B 157 -33.64 -6.79 -30.88
C ASP B 157 -33.18 -8.08 -30.18
N GLY B 158 -34.08 -8.66 -29.38
CA GLY B 158 -33.86 -9.98 -28.82
C GLY B 158 -33.57 -11.04 -29.85
N ASP B 159 -34.08 -10.86 -31.07
CA ASP B 159 -33.84 -11.88 -32.10
C ASP B 159 -32.36 -12.01 -32.39
N THR B 160 -31.68 -10.86 -32.48
CA THR B 160 -30.26 -10.86 -32.76
C THR B 160 -29.50 -11.53 -31.61
N TYR B 161 -29.93 -11.27 -30.39
CA TYR B 161 -29.26 -11.84 -29.22
C TYR B 161 -29.35 -13.37 -29.23
N ARG B 162 -30.50 -13.91 -29.58
CA ARG B 162 -30.63 -15.36 -29.64
C ARG B 162 -29.72 -15.96 -30.68
N ARG B 163 -29.61 -15.30 -31.83
CA ARG B 163 -28.72 -15.76 -32.88
C ARG B 163 -27.29 -15.82 -32.38
N TRP B 164 -26.84 -14.75 -31.73
CA TRP B 164 -25.47 -14.73 -31.24
C TRP B 164 -25.26 -15.83 -30.20
N VAL B 165 -26.17 -15.96 -29.25
CA VAL B 165 -26.03 -16.98 -28.22
C VAL B 165 -25.96 -18.35 -28.85
N TRP B 166 -26.85 -18.61 -29.82
CA TRP B 166 -26.85 -19.89 -30.54
C TRP B 166 -25.53 -20.11 -31.27
N ALA B 167 -25.06 -19.08 -31.96
CA ALA B 167 -23.82 -19.18 -32.71
C ALA B 167 -22.64 -19.45 -31.79
N ILE B 168 -22.53 -18.70 -30.70
CA ILE B 168 -21.41 -18.82 -29.79
C ILE B 168 -21.39 -20.18 -29.12
N THR B 169 -22.56 -20.75 -28.87
CA THR B 169 -22.64 -22.01 -28.15
C THR B 169 -22.45 -23.19 -29.09
N HIS B 170 -22.23 -22.90 -30.36
CA HIS B 170 -22.06 -23.95 -31.36
C HIS B 170 -20.86 -23.68 -32.26
N VAL B 171 -19.91 -22.87 -31.77
CA VAL B 171 -18.71 -22.56 -32.53
C VAL B 171 -17.76 -23.74 -32.50
N GLU B 172 -16.95 -23.88 -33.53
CA GLU B 172 -16.09 -25.06 -33.67
C GLU B 172 -14.68 -24.69 -34.12
N ASN B 173 -14.33 -23.41 -34.00
CA ASN B 173 -12.98 -22.96 -34.29
C ASN B 173 -12.79 -21.54 -33.84
N PRO B 174 -11.59 -21.23 -33.33
CA PRO B 174 -11.30 -19.91 -32.77
C PRO B 174 -11.50 -18.82 -33.81
N GLU B 175 -11.52 -19.20 -35.09
CA GLU B 175 -11.63 -18.21 -36.14
C GLU B 175 -13.06 -17.75 -36.25
N GLU B 176 -14.00 -18.66 -36.07
CA GLU B 176 -15.41 -18.32 -36.12
C GLU B 176 -15.89 -17.64 -34.83
N GLY B 177 -15.35 -18.11 -33.69
CA GLY B 177 -15.65 -17.51 -32.40
C GLY B 177 -15.18 -16.06 -32.36
N ALA B 178 -14.03 -15.78 -32.97
CA ALA B 178 -13.58 -14.40 -33.11
C ALA B 178 -14.63 -13.57 -33.85
N GLU B 179 -15.24 -14.17 -34.88
CA GLU B 179 -16.15 -13.44 -35.76
C GLU B 179 -17.37 -12.93 -35.02
N ILE B 180 -18.13 -13.85 -34.43
CA ILE B 180 -19.42 -13.48 -33.86
C ILE B 180 -19.25 -12.53 -32.69
N PHE B 181 -18.21 -12.75 -31.88
CA PHE B 181 -17.92 -11.80 -30.82
C PHE B 181 -17.69 -10.40 -31.37
N ALA B 182 -17.01 -10.26 -32.52
CA ALA B 182 -16.82 -8.93 -33.08
C ALA B 182 -18.17 -8.24 -33.37
N GLU B 183 -19.16 -8.98 -33.84
CA GLU B 183 -20.49 -8.40 -34.07
C GLU B 183 -21.14 -7.95 -32.76
N LEU B 184 -21.00 -8.78 -31.75
CA LEU B 184 -21.56 -8.50 -30.43
C LEU B 184 -20.90 -7.25 -29.86
N VAL B 185 -19.57 -7.19 -29.95
CA VAL B 185 -18.81 -6.09 -29.40
C VAL B 185 -19.16 -4.79 -30.11
N ALA B 186 -19.28 -4.84 -31.43
CA ALA B 186 -19.66 -3.65 -32.19
C ALA B 186 -21.01 -3.11 -31.75
N HIS B 187 -21.99 -4.01 -31.55
CA HIS B 187 -23.31 -3.58 -31.10
C HIS B 187 -23.22 -3.01 -29.67
N ALA B 188 -22.48 -3.70 -28.81
CA ALA B 188 -22.30 -3.25 -27.46
C ALA B 188 -21.67 -1.86 -27.42
N ARG B 189 -20.66 -1.62 -28.24
CA ARG B 189 -19.99 -0.32 -28.23
C ARG B 189 -20.93 0.79 -28.65
N THR B 190 -21.76 0.50 -29.65
CA THR B 190 -22.75 1.45 -30.13
C THR B 190 -23.78 1.73 -29.06
N LEU B 191 -24.26 0.68 -28.40
CA LEU B 191 -25.24 0.82 -27.34
C LEU B 191 -24.68 1.64 -26.18
N ILE B 192 -23.48 1.29 -25.75
CA ILE B 192 -22.85 1.99 -24.64
C ILE B 192 -22.65 3.48 -24.95
N ALA B 193 -22.18 3.80 -26.15
CA ALA B 193 -21.97 5.20 -26.51
C ALA B 193 -23.27 5.96 -26.38
N GLU B 194 -24.37 5.36 -26.84
CA GLU B 194 -25.65 6.06 -26.82
C GLU B 194 -26.15 6.27 -25.40
N ARG B 195 -26.00 5.24 -24.56
CA ARG B 195 -26.50 5.30 -23.19
C ARG B 195 -25.60 6.17 -22.31
N ARG B 196 -24.35 6.35 -22.71
CA ARG B 196 -23.46 7.13 -21.89
C ARG B 196 -23.68 8.61 -22.17
N THR B 197 -23.94 8.94 -23.43
CA THR B 197 -24.15 10.34 -23.81
C THR B 197 -25.61 10.79 -23.58
N ASN B 198 -26.55 9.87 -23.74
CA ASN B 198 -27.95 10.17 -23.49
C ASN B 198 -28.54 9.15 -22.53
N PRO B 199 -28.23 9.29 -21.24
CA PRO B 199 -28.63 8.30 -20.22
C PRO B 199 -30.13 8.28 -20.05
N GLY B 200 -30.69 7.09 -19.82
CA GLY B 200 -32.09 6.94 -19.46
C GLY B 200 -32.18 6.10 -18.20
N ASN B 201 -33.29 5.39 -18.01
CA ASN B 201 -33.49 4.62 -16.80
C ASN B 201 -33.25 3.11 -17.00
N ASP B 202 -32.69 2.76 -18.14
CA ASP B 202 -32.42 1.36 -18.45
C ASP B 202 -31.17 0.90 -17.70
N ILE B 203 -30.98 -0.40 -17.66
CA ILE B 203 -29.91 -0.98 -16.88
C ILE B 203 -28.53 -0.54 -17.39
N MET B 204 -28.35 -0.44 -18.70
CA MET B 204 -27.05 -0.03 -19.21
C MET B 204 -26.69 1.38 -18.76
N SER B 205 -27.63 2.32 -18.85
CA SER B 205 -27.39 3.68 -18.40
C SER B 205 -26.95 3.67 -16.93
N ARG B 206 -27.60 2.83 -16.14
CA ARG B 206 -27.35 2.77 -14.70
C ARG B 206 -25.96 2.21 -14.41
N VAL B 207 -25.59 1.12 -15.09
CA VAL B 207 -24.25 0.55 -14.89
C VAL B 207 -23.15 1.52 -15.34
N ILE B 208 -23.39 2.25 -16.42
CA ILE B 208 -22.40 3.22 -16.88
C ILE B 208 -22.10 4.27 -15.81
N MET B 209 -23.15 4.70 -15.09
CA MET B 209 -23.01 5.78 -14.10
C MET B 209 -22.50 5.32 -12.72
N SER B 210 -22.42 4.02 -12.51
CA SER B 210 -22.08 3.47 -11.21
C SER B 210 -20.62 3.75 -10.85
N LYS B 211 -20.39 4.26 -9.66
CA LYS B 211 -19.02 4.54 -9.20
C LYS B 211 -18.92 4.27 -7.73
N ILE B 212 -17.86 3.57 -7.35
CA ILE B 212 -17.61 3.25 -5.95
C ILE B 212 -16.14 3.45 -5.64
N ASP B 213 -15.85 4.33 -4.69
CA ASP B 213 -14.47 4.57 -4.23
C ASP B 213 -13.58 4.97 -5.41
N GLY B 214 -14.12 5.82 -6.27
CA GLY B 214 -13.36 6.32 -7.41
C GLY B 214 -13.11 5.29 -8.50
N GLU B 215 -13.84 4.18 -8.48
CA GLU B 215 -13.72 3.12 -9.47
C GLU B 215 -15.04 2.97 -10.21
N SER B 216 -14.95 2.69 -11.49
CA SER B 216 -16.15 2.43 -12.22
C SER B 216 -15.85 1.41 -13.30
N LEU B 217 -16.87 0.95 -13.99
CA LEU B 217 -16.67 -0.05 -15.01
C LEU B 217 -16.04 0.60 -16.25
N SER B 218 -14.98 -0.02 -16.76
CA SER B 218 -14.32 0.39 -18.01
C SER B 218 -15.16 -0.01 -19.22
N GLU B 219 -14.75 0.43 -20.41
CA GLU B 219 -15.45 0.04 -21.62
C GLU B 219 -15.49 -1.48 -21.76
N ASP B 220 -14.34 -2.11 -21.54
CA ASP B 220 -14.28 -3.56 -21.65
C ASP B 220 -15.14 -4.21 -20.59
N ASP B 221 -15.19 -3.65 -19.39
CA ASP B 221 -16.06 -4.18 -18.34
C ASP B 221 -17.53 -4.09 -18.76
N LEU B 222 -17.92 -2.97 -19.36
CA LEU B 222 -19.31 -2.80 -19.81
C LEU B 222 -19.69 -3.75 -20.95
N ILE B 223 -18.77 -3.99 -21.86
CA ILE B 223 -18.98 -5.00 -22.86
C ILE B 223 -19.10 -6.39 -22.20
N GLY B 224 -18.29 -6.63 -21.18
CA GLY B 224 -18.37 -7.88 -20.44
C GLY B 224 -19.70 -8.08 -19.73
N PHE B 225 -20.27 -6.99 -19.24
CA PHE B 225 -21.53 -7.06 -18.54
C PHE B 225 -22.65 -7.35 -19.54
N PHE B 226 -22.63 -6.66 -20.68
CA PHE B 226 -23.58 -6.98 -21.75
C PHE B 226 -23.48 -8.47 -22.12
N THR B 227 -22.26 -8.96 -22.22
CA THR B 227 -22.03 -10.33 -22.64
C THR B 227 -22.59 -11.31 -21.61
N ILE B 228 -22.47 -11.01 -20.33
CA ILE B 228 -22.94 -11.97 -19.34
C ILE B 228 -24.48 -11.95 -19.29
N LEU B 229 -25.11 -10.82 -19.61
CA LEU B 229 -26.56 -10.86 -19.75
C LEU B 229 -26.96 -11.88 -20.84
N LEU B 230 -26.27 -11.85 -21.97
CA LEU B 230 -26.62 -12.78 -23.05
C LEU B 230 -26.22 -14.20 -22.71
N LEU B 231 -24.98 -14.42 -22.34
CA LEU B 231 -24.43 -15.76 -22.19
C LEU B 231 -24.67 -16.38 -20.84
N GLY B 232 -25.03 -15.56 -19.86
CA GLY B 232 -25.33 -16.08 -18.54
C GLY B 232 -26.82 -16.19 -18.25
N GLY B 233 -27.62 -15.44 -19.01
CA GLY B 233 -29.04 -15.28 -18.70
C GLY B 233 -29.97 -16.04 -19.62
N ILE B 234 -29.79 -15.90 -20.92
CA ILE B 234 -30.81 -16.31 -21.86
C ILE B 234 -31.06 -17.81 -21.89
N ASP B 235 -30.04 -18.64 -22.08
CA ASP B 235 -30.25 -20.06 -22.14
C ASP B 235 -30.70 -20.68 -20.80
N ASN B 236 -30.18 -20.20 -19.66
CA ASN B 236 -30.62 -20.73 -18.38
C ASN B 236 -32.10 -20.49 -18.26
N THR B 237 -32.54 -19.26 -18.57
CA THR B 237 -33.96 -18.92 -18.44
C THR B 237 -34.79 -19.74 -19.42
N ALA B 238 -34.33 -19.83 -20.66
CA ALA B 238 -35.07 -20.56 -21.68
C ALA B 238 -35.28 -22.01 -21.32
N ARG B 239 -34.24 -22.68 -20.84
CA ARG B 239 -34.35 -24.09 -20.52
C ARG B 239 -35.25 -24.26 -19.29
N PHE B 240 -35.12 -23.38 -18.30
CA PHE B 240 -36.01 -23.45 -17.14
C PHE B 240 -37.48 -23.28 -17.55
N LEU B 241 -37.78 -22.21 -18.29
CA LEU B 241 -39.17 -21.93 -18.69
C LEU B 241 -39.70 -23.06 -19.56
N SER B 242 -38.85 -23.67 -20.40
CA SER B 242 -39.28 -24.79 -21.25
C SER B 242 -39.72 -25.96 -20.40
N SER B 243 -38.90 -26.32 -19.42
CA SER B 243 -39.25 -27.41 -18.50
C SER B 243 -40.52 -27.10 -17.73
N VAL B 244 -40.72 -25.85 -17.34
CA VAL B 244 -41.96 -25.46 -16.65
C VAL B 244 -43.19 -25.64 -17.57
N PHE B 245 -43.11 -25.13 -18.80
CA PHE B 245 -44.19 -25.35 -19.75
C PHE B 245 -44.50 -26.83 -19.96
N TRP B 246 -43.47 -27.65 -20.08
CA TRP B 246 -43.64 -29.07 -20.25
C TRP B 246 -44.39 -29.63 -19.04
N ARG B 247 -43.96 -29.26 -17.83
CA ARG B 247 -44.59 -29.80 -16.64
C ARG B 247 -46.06 -29.39 -16.54
N LEU B 248 -46.35 -28.13 -16.85
CA LEU B 248 -47.73 -27.65 -16.79
C LEU B 248 -48.62 -28.28 -17.88
N ALA B 249 -48.00 -28.73 -18.97
CA ALA B 249 -48.73 -29.33 -20.08
C ALA B 249 -49.37 -30.65 -19.66
N TRP B 250 -48.68 -31.43 -18.84
CA TRP B 250 -49.25 -32.72 -18.42
C TRP B 250 -49.75 -32.77 -16.98
N ASP B 251 -49.17 -31.96 -16.09
CA ASP B 251 -49.53 -31.97 -14.68
C ASP B 251 -50.75 -31.12 -14.42
N ILE B 252 -51.91 -31.72 -14.67
CA ILE B 252 -53.16 -30.99 -14.63
C ILE B 252 -53.53 -30.54 -13.22
N GLU B 253 -53.01 -31.24 -12.20
CA GLU B 253 -53.28 -30.86 -10.82
C GLU B 253 -52.48 -29.61 -10.40
N LEU B 254 -51.20 -29.55 -10.74
CA LEU B 254 -50.43 -28.34 -10.53
C LEU B 254 -51.05 -27.17 -11.28
N ARG B 255 -51.41 -27.42 -12.52
CA ARG B 255 -51.92 -26.33 -13.36
C ARG B 255 -53.20 -25.74 -12.77
N ARG B 256 -54.15 -26.57 -12.38
CA ARG B 256 -55.40 -26.01 -11.85
C ARG B 256 -55.18 -25.20 -10.59
N ARG B 257 -54.23 -25.61 -9.74
CA ARG B 257 -53.97 -24.87 -8.52
C ARG B 257 -53.40 -23.49 -8.76
N LEU B 258 -52.53 -23.36 -9.76
CA LEU B 258 -51.96 -22.05 -10.09
C LEU B 258 -53.02 -21.12 -10.68
N ILE B 259 -53.98 -21.67 -11.41
CA ILE B 259 -55.06 -20.86 -11.96
C ILE B 259 -56.02 -20.43 -10.83
N ALA B 260 -56.33 -21.32 -9.91
CA ALA B 260 -57.26 -21.01 -8.81
C ALA B 260 -56.66 -20.09 -7.77
N HIS B 261 -55.35 -20.16 -7.58
CA HIS B 261 -54.71 -19.35 -6.57
C HIS B 261 -53.47 -18.66 -7.13
N PRO B 262 -53.68 -17.63 -7.94
CA PRO B 262 -52.54 -16.91 -8.50
C PRO B 262 -51.55 -16.42 -7.44
N GLU B 263 -52.00 -16.16 -6.22
CA GLU B 263 -51.11 -15.69 -5.17
C GLU B 263 -50.03 -16.74 -4.82
N LEU B 264 -50.24 -17.99 -5.19
CA LEU B 264 -49.27 -19.05 -4.92
C LEU B 264 -48.25 -19.16 -6.02
N ILE B 265 -48.38 -18.39 -7.08
CA ILE B 265 -47.42 -18.53 -8.18
C ILE B 265 -45.96 -18.20 -7.76
N PRO B 266 -45.69 -17.14 -6.97
CA PRO B 266 -44.29 -16.92 -6.58
C PRO B 266 -43.64 -18.08 -5.83
N ASN B 267 -44.34 -18.65 -4.85
CA ASN B 267 -43.77 -19.79 -4.15
C ASN B 267 -43.69 -21.01 -5.06
N ALA B 268 -44.64 -21.15 -5.99
CA ALA B 268 -44.58 -22.21 -6.96
C ALA B 268 -43.37 -22.10 -7.90
N VAL B 269 -43.02 -20.88 -8.27
CA VAL B 269 -41.84 -20.65 -9.09
C VAL B 269 -40.60 -21.12 -8.35
N ASP B 270 -40.51 -20.80 -7.07
CA ASP B 270 -39.38 -21.24 -6.27
C ASP B 270 -39.29 -22.77 -6.24
N GLU B 271 -40.43 -23.42 -6.11
CA GLU B 271 -40.44 -24.86 -6.07
C GLU B 271 -40.12 -25.46 -7.44
N LEU B 272 -40.59 -24.82 -8.49
CA LEU B 272 -40.23 -25.29 -9.83
C LEU B 272 -38.74 -25.10 -10.10
N LEU B 273 -38.14 -24.02 -9.59
CA LEU B 273 -36.69 -23.83 -9.70
C LEU B 273 -35.97 -24.96 -8.98
N ARG B 274 -36.43 -25.34 -7.80
CA ARG B 274 -35.83 -26.47 -7.11
C ARG B 274 -35.85 -27.74 -7.95
N PHE B 275 -36.97 -27.98 -8.64
CA PHE B 275 -37.16 -29.24 -9.33
C PHE B 275 -36.54 -29.26 -10.74
N TYR B 276 -36.53 -28.12 -11.41
CA TYR B 276 -36.12 -28.05 -12.82
C TYR B 276 -34.95 -27.07 -13.05
N GLY B 277 -34.17 -26.82 -12.02
CA GLY B 277 -33.08 -25.90 -12.17
C GLY B 277 -32.09 -26.40 -13.21
N PRO B 278 -31.80 -25.60 -14.22
CA PRO B 278 -30.99 -26.09 -15.33
C PRO B 278 -29.50 -26.25 -15.01
N ALA B 279 -28.98 -25.57 -13.99
CA ALA B 279 -27.52 -25.41 -13.86
C ALA B 279 -26.77 -26.53 -13.13
N MET B 280 -25.62 -26.90 -13.70
CA MET B 280 -24.60 -27.64 -12.97
C MET B 280 -23.29 -26.92 -13.26
N VAL B 281 -22.57 -26.57 -12.21
CA VAL B 281 -21.40 -25.71 -12.38
C VAL B 281 -20.14 -26.33 -11.82
N GLY B 282 -18.99 -25.99 -12.43
CA GLY B 282 -17.72 -26.50 -11.95
C GLY B 282 -17.01 -25.62 -10.94
N ARG B 283 -16.03 -26.22 -10.25
CA ARG B 283 -15.04 -25.49 -9.49
C ARG B 283 -13.68 -26.13 -9.77
N LEU B 284 -12.68 -25.28 -9.90
CA LEU B 284 -11.31 -25.75 -10.04
C LEU B 284 -10.67 -25.80 -8.68
N VAL B 285 -10.07 -26.93 -8.34
CA VAL B 285 -9.38 -27.09 -7.07
C VAL B 285 -8.01 -26.43 -7.17
N THR B 286 -7.70 -25.55 -6.22
CA THR B 286 -6.47 -24.75 -6.27
C THR B 286 -5.53 -25.03 -5.10
N GLN B 287 -5.98 -25.83 -4.14
CA GLN B 287 -5.09 -26.31 -3.08
C GLN B 287 -5.63 -27.61 -2.56
N GLU B 288 -4.79 -28.45 -1.96
CA GLU B 288 -5.25 -29.70 -1.41
C GLU B 288 -6.31 -29.41 -0.35
N VAL B 289 -7.43 -30.13 -0.42
CA VAL B 289 -8.54 -29.82 0.44
C VAL B 289 -9.32 -31.09 0.72
N THR B 290 -9.76 -31.24 1.96
CA THR B 290 -10.62 -32.35 2.30
C THR B 290 -12.07 -31.89 2.53
N VAL B 291 -12.99 -32.54 1.82
CA VAL B 291 -14.40 -32.27 2.00
C VAL B 291 -15.04 -33.60 2.29
N GLY B 292 -15.63 -33.73 3.48
CA GLY B 292 -16.20 -35.00 3.85
C GLY B 292 -15.14 -36.07 3.89
N ASP B 293 -15.39 -37.18 3.20
CA ASP B 293 -14.47 -38.31 3.24
C ASP B 293 -13.38 -38.18 2.17
N ILE B 294 -13.44 -37.13 1.36
CA ILE B 294 -12.67 -37.05 0.12
C ILE B 294 -11.60 -35.99 0.20
N THR B 295 -10.42 -36.32 -0.29
CA THR B 295 -9.36 -35.32 -0.47
C THR B 295 -9.14 -35.01 -1.96
N MET B 296 -9.25 -33.73 -2.30
CA MET B 296 -9.11 -33.30 -3.67
C MET B 296 -7.74 -32.64 -3.82
N LYS B 297 -7.20 -32.66 -5.03
CA LYS B 297 -5.85 -32.20 -5.30
C LYS B 297 -5.86 -31.05 -6.29
N PRO B 298 -4.88 -30.16 -6.24
CA PRO B 298 -4.81 -29.06 -7.19
C PRO B 298 -4.86 -29.54 -8.64
N GLY B 299 -5.66 -28.84 -9.41
CA GLY B 299 -5.86 -29.09 -10.82
C GLY B 299 -7.08 -29.94 -11.12
N GLN B 300 -7.61 -30.60 -10.10
CA GLN B 300 -8.83 -31.40 -10.29
C GLN B 300 -10.05 -30.47 -10.38
N THR B 301 -11.13 -31.01 -10.92
CA THR B 301 -12.41 -30.30 -10.97
C THR B 301 -13.43 -31.00 -10.10
N ALA B 302 -14.24 -30.17 -9.42
CA ALA B 302 -15.43 -30.65 -8.73
C ALA B 302 -16.65 -30.07 -9.43
N MET B 303 -17.55 -30.95 -9.89
CA MET B 303 -18.80 -30.52 -10.48
C MET B 303 -19.88 -30.50 -9.40
N LEU B 304 -20.59 -29.39 -9.33
CA LEU B 304 -21.63 -29.19 -8.36
C LEU B 304 -22.97 -29.60 -8.99
N TRP B 305 -23.47 -30.78 -8.65
CA TRP B 305 -24.70 -31.28 -9.22
C TRP B 305 -25.88 -30.79 -8.41
N PHE B 306 -26.18 -29.50 -8.57
CA PHE B 306 -27.28 -28.86 -7.85
C PHE B 306 -28.60 -29.67 -7.92
N PRO B 307 -28.96 -30.27 -9.07
CA PRO B 307 -30.26 -30.99 -9.06
C PRO B 307 -30.32 -32.15 -8.08
N ILE B 308 -29.18 -32.76 -7.79
CA ILE B 308 -29.17 -33.85 -6.83
C ILE B 308 -29.28 -33.32 -5.40
N ALA B 309 -28.53 -32.25 -5.10
CA ALA B 309 -28.60 -31.62 -3.78
C ALA B 309 -29.99 -31.05 -3.50
N SER B 310 -30.63 -30.54 -4.54
CA SER B 310 -31.93 -29.92 -4.39
C SER B 310 -33.01 -31.00 -4.11
N ARG B 311 -32.62 -32.28 -4.13
CA ARG B 311 -33.47 -33.42 -3.79
C ARG B 311 -33.03 -34.18 -2.55
N ASP B 312 -32.10 -33.62 -1.79
CA ASP B 312 -31.50 -34.30 -0.63
C ASP B 312 -32.53 -34.38 0.50
N ARG B 313 -32.80 -35.59 0.97
CA ARG B 313 -33.76 -35.78 2.06
C ARG B 313 -33.33 -35.20 3.40
N SER B 314 -32.06 -34.87 3.54
CA SER B 314 -31.59 -34.21 4.74
C SER B 314 -31.76 -32.67 4.68
N ALA B 315 -32.25 -32.13 3.56
CA ALA B 315 -32.48 -30.69 3.40
C ALA B 315 -33.90 -30.35 3.05
N PHE B 316 -34.69 -31.34 2.61
CA PHE B 316 -36.08 -31.11 2.19
C PHE B 316 -36.99 -32.26 2.58
N ASP B 317 -38.16 -31.94 3.13
CA ASP B 317 -39.23 -32.96 3.29
C ASP B 317 -39.82 -33.26 1.90
N SER B 318 -40.16 -34.51 1.62
CA SER B 318 -40.83 -34.90 0.37
C SER B 318 -40.16 -34.26 -0.84
N PRO B 319 -38.86 -34.53 -1.02
CA PRO B 319 -38.11 -33.85 -2.06
C PRO B 319 -38.52 -34.21 -3.47
N ASP B 320 -39.18 -35.35 -3.64
CA ASP B 320 -39.57 -35.78 -4.96
C ASP B 320 -40.94 -35.24 -5.39
N ASN B 321 -41.58 -34.47 -4.53
CA ASN B 321 -42.87 -33.85 -4.84
C ASN B 321 -42.70 -32.35 -4.99
N ILE B 322 -43.47 -31.75 -5.89
CA ILE B 322 -43.52 -30.33 -6.10
C ILE B 322 -44.57 -29.79 -5.14
N VAL B 323 -44.08 -29.30 -3.99
CA VAL B 323 -44.92 -28.82 -2.91
C VAL B 323 -44.91 -27.30 -3.03
N ILE B 324 -45.91 -26.77 -3.70
CA ILE B 324 -45.86 -25.36 -4.10
C ILE B 324 -45.87 -24.41 -2.94
N GLU B 325 -46.38 -24.84 -1.78
CA GLU B 325 -46.44 -23.99 -0.59
C GLU B 325 -45.19 -24.09 0.29
N ARG B 326 -44.18 -24.84 -0.15
CA ARG B 326 -42.93 -25.00 0.59
C ARG B 326 -42.30 -23.64 0.83
N THR B 327 -41.97 -23.31 2.07
CA THR B 327 -41.36 -21.99 2.32
C THR B 327 -40.77 -21.97 3.71
N PRO B 328 -39.55 -21.42 3.83
CA PRO B 328 -38.68 -20.95 2.75
C PRO B 328 -38.24 -22.10 1.84
N ASN B 329 -37.64 -21.74 0.72
CA ASN B 329 -37.19 -22.78 -0.19
C ASN B 329 -35.66 -22.65 -0.35
N ARG B 330 -34.93 -23.56 0.27
CA ARG B 330 -33.48 -23.45 0.29
C ARG B 330 -32.81 -24.20 -0.84
N HIS B 331 -33.42 -24.24 -2.00
CA HIS B 331 -32.79 -24.87 -3.14
C HIS B 331 -31.49 -24.18 -3.54
N LEU B 332 -30.65 -24.92 -4.27
CA LEU B 332 -29.37 -24.43 -4.75
C LEU B 332 -29.40 -24.10 -6.24
N SER B 333 -30.57 -23.97 -6.85
CA SER B 333 -30.64 -23.81 -8.30
C SER B 333 -30.13 -22.45 -8.80
N LEU B 334 -30.05 -21.48 -7.92
CA LEU B 334 -29.48 -20.16 -8.20
C LEU B 334 -28.17 -19.95 -7.48
N GLY B 335 -27.56 -21.02 -7.05
CA GLY B 335 -26.32 -20.92 -6.33
C GLY B 335 -26.47 -20.52 -4.87
N HIS B 336 -25.36 -20.14 -4.27
CA HIS B 336 -25.28 -19.91 -2.83
C HIS B 336 -23.96 -19.22 -2.56
N GLY B 337 -23.96 -18.25 -1.65
CA GLY B 337 -22.71 -17.58 -1.28
C GLY B 337 -22.38 -16.47 -2.28
N ILE B 338 -21.08 -16.23 -2.50
CA ILE B 338 -20.65 -14.99 -3.13
C ILE B 338 -21.01 -14.91 -4.61
N HIS B 339 -21.23 -16.05 -5.25
CA HIS B 339 -21.59 -16.08 -6.68
C HIS B 339 -23.08 -16.30 -6.92
N ARG B 340 -23.89 -16.21 -5.87
CA ARG B 340 -25.33 -16.44 -6.06
C ARG B 340 -25.89 -15.55 -7.19
N CYS B 341 -26.76 -16.16 -8.00
CA CYS B 341 -27.22 -15.55 -9.24
C CYS B 341 -27.59 -14.06 -9.14
N LEU B 342 -26.96 -13.24 -9.95
CA LEU B 342 -27.30 -11.83 -10.04
C LEU B 342 -28.71 -11.63 -10.52
N GLY B 343 -29.18 -12.56 -11.35
CA GLY B 343 -30.53 -12.53 -11.90
C GLY B 343 -31.62 -13.17 -11.04
N ALA B 344 -31.32 -13.43 -9.77
CA ALA B 344 -32.25 -14.24 -8.98
C ALA B 344 -33.61 -13.59 -8.88
N HIS B 345 -33.64 -12.30 -8.58
CA HIS B 345 -34.91 -11.61 -8.48
C HIS B 345 -35.59 -11.50 -9.86
N LEU B 346 -34.79 -11.13 -10.87
CA LEU B 346 -35.32 -10.94 -12.22
C LEU B 346 -36.03 -12.18 -12.71
N ILE B 347 -35.41 -13.34 -12.54
CA ILE B 347 -35.99 -14.53 -13.12
C ILE B 347 -37.19 -15.00 -12.34
N ARG B 348 -37.26 -14.71 -11.03
CA ARG B 348 -38.44 -15.08 -10.32
C ARG B 348 -39.63 -14.26 -10.83
N VAL B 349 -39.42 -12.97 -11.09
CA VAL B 349 -40.49 -12.13 -11.59
C VAL B 349 -40.83 -12.53 -13.02
N GLU B 350 -39.80 -12.78 -13.82
CA GLU B 350 -40.03 -13.21 -15.21
C GLU B 350 -40.86 -14.50 -15.30
N ALA B 351 -40.52 -15.50 -14.50
CA ALA B 351 -41.28 -16.74 -14.53
C ALA B 351 -42.72 -16.55 -14.05
N ARG B 352 -42.92 -15.73 -13.02
CA ARG B 352 -44.26 -15.40 -12.56
C ARG B 352 -45.05 -14.79 -13.72
N VAL B 353 -44.47 -13.85 -14.43
CA VAL B 353 -45.19 -13.20 -15.52
C VAL B 353 -45.49 -14.19 -16.65
N ALA B 354 -44.51 -15.03 -17.01
CA ALA B 354 -44.72 -15.99 -18.10
C ALA B 354 -45.84 -16.96 -17.76
N ILE B 355 -45.79 -17.54 -16.57
CA ILE B 355 -46.78 -18.52 -16.16
C ILE B 355 -48.16 -17.87 -16.08
N THR B 356 -48.23 -16.68 -15.48
CA THR B 356 -49.50 -15.99 -15.29
C THR B 356 -50.13 -15.68 -16.63
N GLU B 357 -49.37 -15.12 -17.56
CA GLU B 357 -49.96 -14.70 -18.83
C GLU B 357 -50.31 -15.92 -19.67
N PHE B 358 -49.45 -16.92 -19.67
CA PHE B 358 -49.75 -18.09 -20.48
C PHE B 358 -51.02 -18.78 -19.98
N LEU B 359 -51.12 -19.02 -18.68
CA LEU B 359 -52.30 -19.72 -18.15
C LEU B 359 -53.57 -18.89 -18.26
N LYS B 360 -53.44 -17.58 -18.26
CA LYS B 360 -54.58 -16.70 -18.47
C LYS B 360 -55.10 -16.87 -19.89
N ARG B 361 -54.17 -16.94 -20.84
CA ARG B 361 -54.54 -16.95 -22.27
C ARG B 361 -54.94 -18.36 -22.74
N ILE B 362 -54.23 -19.37 -22.23
CA ILE B 362 -54.33 -20.76 -22.67
C ILE B 362 -54.39 -21.69 -21.43
N PRO B 363 -55.54 -21.73 -20.79
CA PRO B 363 -55.64 -22.51 -19.55
C PRO B 363 -55.74 -24.02 -19.82
N GLU B 364 -56.11 -24.38 -21.03
CA GLU B 364 -56.26 -25.80 -21.43
C GLU B 364 -55.25 -26.08 -22.54
N PHE B 365 -54.33 -27.00 -22.30
CA PHE B 365 -53.35 -27.43 -23.30
C PHE B 365 -52.79 -28.78 -22.86
N SER B 366 -52.13 -29.45 -23.79
CA SER B 366 -51.51 -30.75 -23.49
C SER B 366 -50.32 -30.94 -24.40
N LEU B 367 -49.50 -31.94 -24.11
CA LEU B 367 -48.42 -32.30 -25.01
C LEU B 367 -48.97 -32.91 -26.30
N ASP B 368 -48.32 -32.58 -27.42
CA ASP B 368 -48.74 -33.05 -28.73
C ASP B 368 -48.43 -34.51 -28.87
N PRO B 369 -49.45 -35.37 -29.08
CA PRO B 369 -49.18 -36.81 -29.20
C PRO B 369 -48.46 -37.19 -30.49
N ASN B 370 -48.34 -36.25 -31.43
CA ASN B 370 -47.75 -36.58 -32.73
C ASN B 370 -46.35 -36.01 -32.94
N LYS B 371 -45.81 -35.39 -31.90
CA LYS B 371 -44.48 -34.79 -31.98
C LYS B 371 -43.72 -35.12 -30.69
N GLU B 372 -42.41 -35.16 -30.78
CA GLU B 372 -41.57 -35.51 -29.64
C GLU B 372 -41.08 -34.31 -28.82
N CYS B 373 -41.09 -34.49 -27.50
CA CYS B 373 -40.33 -33.59 -26.64
C CYS B 373 -38.85 -34.00 -26.70
N GLU B 374 -37.98 -33.09 -26.30
CA GLU B 374 -36.56 -33.35 -26.25
C GLU B 374 -35.95 -32.56 -25.10
N TRP B 375 -35.18 -33.27 -24.26
CA TRP B 375 -34.41 -32.70 -23.16
C TRP B 375 -32.97 -32.47 -23.57
N LEU B 376 -32.49 -31.24 -23.40
CA LEU B 376 -31.10 -30.90 -23.64
C LEU B 376 -30.26 -31.14 -22.39
N MET B 377 -29.19 -31.88 -22.53
CA MET B 377 -28.29 -32.15 -21.42
C MET B 377 -27.11 -31.20 -21.42
N GLY B 378 -26.41 -31.16 -20.31
CA GLY B 378 -25.19 -30.35 -20.18
C GLY B 378 -25.16 -29.54 -18.90
N GLN B 379 -24.39 -28.47 -18.90
CA GLN B 379 -24.30 -27.57 -17.75
C GLN B 379 -25.51 -26.64 -17.63
N VAL B 380 -26.29 -26.53 -18.70
CA VAL B 380 -27.54 -25.77 -18.68
C VAL B 380 -28.58 -26.66 -19.36
N ALA B 381 -29.34 -27.37 -18.55
CA ALA B 381 -30.16 -28.46 -19.03
C ALA B 381 -31.65 -28.20 -18.84
N GLY B 382 -32.45 -28.74 -19.74
CA GLY B 382 -33.90 -28.61 -19.63
C GLY B 382 -34.53 -28.94 -20.95
N MET B 383 -35.85 -28.92 -21.00
CA MET B 383 -36.51 -29.22 -22.23
C MET B 383 -36.09 -28.24 -23.33
N LEU B 384 -35.86 -28.77 -24.51
CA LEU B 384 -35.48 -27.97 -25.68
C LEU B 384 -36.64 -27.86 -26.68
N HIS B 385 -37.45 -28.92 -26.75
CA HIS B 385 -38.65 -28.92 -27.60
C HIS B 385 -39.81 -29.44 -26.76
N VAL B 386 -40.89 -28.64 -26.76
CA VAL B 386 -42.08 -28.94 -25.98
C VAL B 386 -43.31 -28.69 -26.88
N PRO B 387 -43.57 -29.61 -27.80
CA PRO B 387 -44.74 -29.45 -28.68
C PRO B 387 -46.04 -29.62 -27.92
N ILE B 388 -46.92 -28.61 -28.01
CA ILE B 388 -48.20 -28.63 -27.34
C ILE B 388 -49.34 -28.39 -28.33
N ILE B 389 -50.53 -28.77 -27.90
CA ILE B 389 -51.75 -28.48 -28.62
C ILE B 389 -52.72 -27.88 -27.64
N PHE B 390 -53.67 -27.11 -28.15
CA PHE B 390 -54.63 -26.38 -27.34
C PHE B 390 -55.78 -25.94 -28.25
N PRO B 391 -56.97 -25.71 -27.67
CA PRO B 391 -58.09 -25.20 -28.43
C PRO B 391 -57.69 -23.85 -29.00
N LYS B 392 -58.06 -23.61 -30.25
CA LYS B 392 -57.71 -22.35 -30.89
C LYS B 392 -58.33 -21.21 -30.11
N GLY B 393 -57.57 -20.12 -29.97
CA GLY B 393 -58.01 -18.98 -29.18
C GLY B 393 -57.84 -17.70 -29.95
N LYS B 394 -57.95 -16.59 -29.23
CA LYS B 394 -58.00 -15.28 -29.84
C LYS B 394 -56.81 -14.41 -29.45
N ARG B 395 -56.35 -13.61 -30.40
CA ARG B 395 -55.35 -12.60 -30.09
C ARG B 395 -56.02 -11.55 -29.23
N LEU B 396 -55.27 -10.86 -28.37
CA LEU B 396 -55.84 -9.75 -27.65
C LEU B 396 -55.98 -8.66 -28.68
N SER B 397 -55.11 -8.77 -29.69
CA SER B 397 -54.62 -7.66 -30.48
C SER B 397 -54.54 -8.05 -31.97
N THR C 2 29.46 23.76 15.25
CA THR C 2 30.24 22.51 15.29
C THR C 2 29.60 21.38 14.49
N SER C 3 30.40 20.78 13.65
CA SER C 3 29.92 19.72 12.81
C SER C 3 30.43 18.38 13.32
N LEU C 4 29.59 17.35 13.25
CA LEU C 4 30.01 16.01 13.59
C LEU C 4 31.04 15.47 12.61
N PHE C 5 31.14 16.05 11.43
CA PHE C 5 32.12 15.55 10.47
C PHE C 5 33.53 15.85 10.86
N THR C 6 33.75 16.97 11.54
CA THR C 6 35.12 17.44 11.76
C THR C 6 35.99 16.43 12.53
N THR C 7 35.37 15.71 13.45
CA THR C 7 36.08 14.70 14.22
C THR C 7 35.62 13.27 13.89
N ALA C 8 34.91 13.10 12.77
CA ALA C 8 34.45 11.77 12.40
C ALA C 8 35.62 10.85 12.13
N ASP C 9 35.54 9.65 12.66
CA ASP C 9 36.67 8.74 12.66
C ASP C 9 36.08 7.38 12.84
N HIS C 10 36.20 6.56 11.81
CA HIS C 10 35.56 5.25 11.82
C HIS C 10 36.12 4.30 12.89
N TYR C 11 37.32 4.60 13.44
CA TYR C 11 37.89 3.79 14.52
C TYR C 11 37.53 4.32 15.91
N HIS C 12 36.82 5.45 15.93
CA HIS C 12 36.46 6.12 17.17
C HIS C 12 35.06 6.73 17.04
N THR C 13 34.10 5.86 16.90
CA THR C 13 32.69 6.27 16.77
C THR C 13 32.08 6.28 18.15
N PRO C 14 31.58 7.45 18.63
CA PRO C 14 30.93 7.46 19.96
C PRO C 14 29.87 6.39 20.15
N LEU C 15 29.89 5.70 21.29
CA LEU C 15 28.94 4.64 21.56
C LEU C 15 27.90 5.15 22.53
N GLY C 16 26.65 4.75 22.30
CA GLY C 16 25.55 5.13 23.16
C GLY C 16 25.35 4.16 24.31
N PRO C 17 24.28 4.38 25.10
CA PRO C 17 24.10 3.59 26.31
C PRO C 17 23.81 2.11 25.99
N ASP C 18 23.33 1.83 24.79
CA ASP C 18 23.05 0.45 24.35
C ASP C 18 24.35 -0.28 23.91
N GLY C 19 25.43 0.46 23.72
CA GLY C 19 26.70 -0.13 23.36
C GLY C 19 27.11 -0.02 21.90
N THR C 20 26.23 0.53 21.06
CA THR C 20 26.45 0.62 19.62
C THR C 20 26.71 2.08 19.25
N PRO C 21 27.22 2.32 18.05
CA PRO C 21 27.38 3.68 17.52
C PRO C 21 26.12 4.21 16.88
N HIS C 22 24.97 3.55 17.07
CA HIS C 22 23.82 3.94 16.26
C HIS C 22 23.20 5.30 16.63
N ALA C 23 23.31 5.74 17.86
CA ALA C 23 22.85 7.11 18.19
C ALA C 23 23.68 8.13 17.39
N PHE C 24 24.98 7.90 17.37
CA PHE C 24 25.90 8.78 16.62
C PHE C 24 25.59 8.70 15.12
N PHE C 25 25.38 7.48 14.61
CA PHE C 25 25.07 7.34 13.22
C PHE C 25 23.77 8.07 12.84
N GLU C 26 22.78 8.02 13.75
CA GLU C 26 21.52 8.74 13.52
C GLU C 26 21.75 10.25 13.49
N ALA C 27 22.56 10.76 14.41
CA ALA C 27 22.89 12.20 14.44
C ALA C 27 23.66 12.63 13.18
N LEU C 28 24.62 11.81 12.73
CA LEU C 28 25.38 12.11 11.54
C LEU C 28 24.46 12.05 10.31
N ARG C 29 23.53 11.10 10.28
CA ARG C 29 22.55 11.01 9.20
C ARG C 29 21.72 12.28 9.13
N ASP C 30 21.31 12.80 10.29
CA ASP C 30 20.54 14.06 10.30
C ASP C 30 21.38 15.21 9.72
N GLU C 31 22.65 15.29 10.09
CA GLU C 31 23.51 16.34 9.58
C GLU C 31 23.75 16.18 8.09
N ALA C 32 23.86 14.94 7.63
CA ALA C 32 24.11 14.65 6.24
C ALA C 32 22.97 15.11 5.31
N GLU C 33 21.78 15.39 5.88
CA GLU C 33 20.71 16.00 5.09
C GLU C 33 21.08 17.42 4.60
N THR C 34 21.94 18.08 5.33
CA THR C 34 22.42 19.41 4.95
C THR C 34 23.77 19.31 4.22
N THR C 35 24.63 18.43 4.74
CA THR C 35 26.00 18.28 4.28
C THR C 35 26.27 16.80 4.05
N PRO C 36 26.02 16.29 2.83
CA PRO C 36 26.15 14.83 2.69
C PRO C 36 27.57 14.34 2.53
N ILE C 37 28.50 15.23 2.28
CA ILE C 37 29.93 14.91 2.25
C ILE C 37 30.62 15.94 3.07
N GLY C 38 31.32 15.49 4.11
CA GLY C 38 31.97 16.42 5.02
C GLY C 38 33.45 16.15 5.13
N TRP C 39 34.23 17.10 5.61
CA TRP C 39 35.63 16.96 5.79
C TRP C 39 35.90 16.63 7.23
N SER C 40 36.57 15.51 7.45
CA SER C 40 37.10 15.14 8.75
C SER C 40 38.59 15.48 8.86
N GLU C 41 39.00 15.99 10.01
CA GLU C 41 40.41 16.24 10.26
C GLU C 41 41.18 14.99 10.67
N ALA C 42 40.48 13.88 10.89
CA ALA C 42 41.17 12.66 11.30
C ALA C 42 42.08 12.13 10.19
N TYR C 43 43.16 11.46 10.58
CA TYR C 43 44.09 10.81 9.65
C TYR C 43 44.70 11.79 8.65
N GLY C 44 44.89 13.03 9.07
CA GLY C 44 45.51 14.02 8.22
C GLY C 44 44.52 14.75 7.34
N GLY C 45 43.23 14.41 7.46
CA GLY C 45 42.20 15.05 6.67
C GLY C 45 41.68 14.14 5.56
N HIS C 46 40.36 13.96 5.51
CA HIS C 46 39.74 13.11 4.48
C HIS C 46 38.26 13.41 4.36
N TRP C 47 37.67 12.96 3.26
CA TRP C 47 36.23 13.11 3.03
C TRP C 47 35.44 11.98 3.63
N VAL C 48 34.33 12.31 4.27
CA VAL C 48 33.38 11.34 4.83
C VAL C 48 32.14 11.46 3.96
N VAL C 49 31.87 10.43 3.17
CA VAL C 49 30.74 10.40 2.27
C VAL C 49 29.59 9.66 2.91
N ALA C 50 28.54 10.42 3.28
CA ALA C 50 27.47 9.92 4.15
C ALA C 50 26.09 9.83 3.50
N GLY C 51 25.80 10.65 2.52
CA GLY C 51 24.51 10.57 1.85
C GLY C 51 24.43 9.39 0.90
N TYR C 52 23.25 8.82 0.75
CA TYR C 52 23.05 7.71 -0.17
C TYR C 52 23.38 8.03 -1.61
N LYS C 53 22.84 9.12 -2.14
CA LYS C 53 23.08 9.47 -3.53
C LYS C 53 24.57 9.79 -3.77
N GLU C 54 25.24 10.32 -2.75
CA GLU C 54 26.63 10.71 -2.91
C GLU C 54 27.52 9.46 -2.88
N ILE C 55 27.26 8.51 -1.98
CA ILE C 55 27.98 7.24 -2.03
C ILE C 55 27.79 6.58 -3.39
N GLN C 56 26.57 6.55 -3.88
CA GLN C 56 26.33 5.93 -5.18
C GLN C 56 27.13 6.63 -6.26
N ALA C 57 27.19 7.96 -6.25
CA ALA C 57 27.95 8.70 -7.25
C ALA C 57 29.42 8.37 -7.19
N VAL C 58 29.99 8.25 -5.99
CA VAL C 58 31.40 7.91 -5.85
C VAL C 58 31.63 6.49 -6.32
N ILE C 59 30.80 5.56 -5.85
CA ILE C 59 31.08 4.16 -6.05
C ILE C 59 30.87 3.77 -7.53
N GLN C 60 30.05 4.54 -8.28
CA GLN C 60 29.85 4.30 -9.68
C GLN C 60 30.94 4.88 -10.56
N ASN C 61 31.75 5.75 -9.99
CA ASN C 61 32.79 6.44 -10.73
C ASN C 61 34.11 5.63 -10.60
N THR C 62 34.46 4.95 -11.65
CA THR C 62 35.65 4.13 -11.68
C THR C 62 36.76 4.81 -12.45
N LYS C 63 36.56 6.07 -12.83
CA LYS C 63 37.59 6.85 -13.52
C LYS C 63 38.37 7.79 -12.58
N ALA C 64 37.69 8.35 -11.57
CA ALA C 64 38.32 9.31 -10.68
C ALA C 64 38.62 8.76 -9.30
N PHE C 65 38.25 7.53 -9.05
CA PHE C 65 38.48 6.86 -7.78
C PHE C 65 39.12 5.51 -8.00
N SER C 66 39.88 5.07 -7.00
CA SER C 66 40.60 3.82 -7.09
C SER C 66 40.44 3.00 -5.82
N ASN C 67 40.34 1.69 -5.99
CA ASN C 67 40.30 0.79 -4.87
C ASN C 67 41.68 0.49 -4.27
N LYS C 68 42.74 1.12 -4.78
CA LYS C 68 44.02 1.06 -4.10
C LYS C 68 43.96 1.76 -2.76
N GLY C 69 42.88 2.54 -2.56
CA GLY C 69 42.67 3.23 -1.30
C GLY C 69 41.62 2.66 -0.38
N VAL C 70 41.24 1.37 -0.58
CA VAL C 70 40.17 0.81 0.26
C VAL C 70 40.46 0.73 1.74
N THR C 71 41.73 0.48 2.09
CA THR C 71 42.12 0.42 3.48
C THR C 71 42.66 1.77 3.92
N PHE C 72 42.07 2.34 4.96
CA PHE C 72 42.40 3.67 5.43
C PHE C 72 42.16 3.73 6.94
N PRO C 73 43.13 4.25 7.71
CA PRO C 73 44.44 4.73 7.27
C PRO C 73 45.29 3.61 6.71
N ARG C 74 46.29 3.97 5.94
CA ARG C 74 47.18 2.93 5.36
C ARG C 74 48.43 2.72 6.18
N PHE C 80 51.48 -5.70 -0.52
CA PHE C 80 50.35 -6.62 -0.29
C PHE C 80 49.01 -6.05 -0.78
N GLU C 81 48.35 -6.81 -1.63
CA GLU C 81 47.18 -6.28 -2.30
C GLU C 81 46.01 -7.25 -2.12
N LEU C 82 44.87 -6.73 -1.72
CA LEU C 82 43.68 -7.56 -1.64
C LEU C 82 43.17 -7.87 -3.07
N MET C 83 43.12 -9.13 -3.46
CA MET C 83 42.64 -9.52 -4.77
C MET C 83 41.20 -9.03 -4.99
N MET C 84 40.98 -8.36 -6.14
CA MET C 84 39.71 -7.75 -6.55
C MET C 84 39.37 -6.54 -5.70
N ALA C 85 39.21 -6.75 -4.40
CA ALA C 85 38.71 -5.76 -3.50
C ALA C 85 39.61 -4.55 -3.46
N GLY C 86 40.92 -4.74 -3.63
CA GLY C 86 41.87 -3.64 -3.57
C GLY C 86 42.49 -3.27 -4.92
N GLN C 87 41.81 -3.63 -6.02
CA GLN C 87 42.36 -3.48 -7.36
C GLN C 87 41.37 -2.79 -8.28
N ASP C 88 41.88 -2.26 -9.38
CA ASP C 88 41.08 -1.61 -10.39
C ASP C 88 41.13 -2.39 -11.68
N ASP C 89 40.26 -2.03 -12.61
CA ASP C 89 40.30 -2.63 -13.94
C ASP C 89 41.56 -2.15 -14.64
N PRO C 90 42.17 -2.98 -15.51
CA PRO C 90 41.65 -4.25 -16.03
C PRO C 90 41.88 -5.48 -15.13
N VAL C 91 42.81 -5.43 -14.18
CA VAL C 91 43.11 -6.60 -13.37
C VAL C 91 41.87 -7.06 -12.61
N HIS C 92 41.15 -6.12 -12.00
CA HIS C 92 39.99 -6.46 -11.21
C HIS C 92 39.00 -7.29 -12.02
N LYS C 93 38.69 -6.84 -13.22
CA LYS C 93 37.69 -7.49 -14.06
CA LYS C 93 37.68 -7.49 -14.06
C LYS C 93 38.16 -8.89 -14.48
N LYS C 94 39.45 -9.02 -14.79
CA LYS C 94 39.95 -10.33 -15.19
C LYS C 94 39.68 -11.35 -14.07
N TYR C 95 40.03 -10.97 -12.85
CA TYR C 95 39.83 -11.85 -11.70
C TYR C 95 38.34 -12.11 -11.41
N ARG C 96 37.55 -11.06 -11.45
CA ARG C 96 36.14 -11.23 -11.15
C ARG C 96 35.48 -12.20 -12.17
N GLN C 97 35.85 -12.07 -13.45
CA GLN C 97 35.30 -12.95 -14.46
C GLN C 97 35.73 -14.41 -14.25
N LEU C 98 36.98 -14.61 -13.84
CA LEU C 98 37.48 -15.95 -13.61
C LEU C 98 36.77 -16.63 -12.42
N VAL C 99 36.40 -15.87 -11.37
CA VAL C 99 35.77 -16.48 -10.22
C VAL C 99 34.24 -16.46 -10.23
N ALA C 100 33.62 -15.84 -11.23
CA ALA C 100 32.18 -15.62 -11.23
C ALA C 100 31.38 -16.92 -11.20
N LYS C 101 31.63 -17.83 -12.13
CA LYS C 101 30.86 -19.06 -12.15
C LYS C 101 31.28 -20.03 -11.07
N PRO C 102 32.60 -20.13 -10.78
CA PRO C 102 33.01 -20.97 -9.66
C PRO C 102 32.31 -20.59 -8.37
N PHE C 103 32.04 -19.30 -8.15
CA PHE C 103 31.43 -18.82 -6.92
C PHE C 103 29.97 -18.49 -7.10
N SER C 104 29.32 -19.11 -8.10
CA SER C 104 27.93 -18.84 -8.37
C SER C 104 27.02 -19.35 -7.23
N PRO C 105 25.81 -18.81 -7.13
CA PRO C 105 24.88 -19.24 -6.10
C PRO C 105 24.59 -20.72 -6.21
N GLU C 106 24.49 -21.24 -7.44
CA GLU C 106 24.26 -22.68 -7.61
C GLU C 106 25.39 -23.48 -6.97
N ALA C 107 26.62 -23.02 -7.14
CA ALA C 107 27.79 -23.72 -6.59
C ALA C 107 27.86 -23.63 -5.06
N THR C 108 27.69 -22.45 -4.51
CA THR C 108 27.82 -22.34 -3.06
C THR C 108 26.61 -22.96 -2.32
N ASP C 109 25.43 -23.00 -2.94
CA ASP C 109 24.26 -23.63 -2.35
C ASP C 109 24.43 -25.13 -2.07
N LEU C 110 25.33 -25.77 -2.81
CA LEU C 110 25.62 -27.18 -2.58
C LEU C 110 26.18 -27.47 -1.18
N PHE C 111 26.65 -26.45 -0.49
CA PHE C 111 27.29 -26.60 0.82
C PHE C 111 26.39 -26.24 2.00
N THR C 112 25.14 -25.88 1.72
CA THR C 112 24.23 -25.39 2.76
C THR C 112 23.96 -26.43 3.83
N GLU C 113 23.72 -27.66 3.46
CA GLU C 113 23.43 -28.62 4.49
C GLU C 113 24.66 -28.96 5.36
N GLN C 114 25.85 -28.96 4.76
CA GLN C 114 27.07 -29.09 5.58
C GLN C 114 27.21 -27.93 6.56
N LEU C 115 26.91 -26.74 6.07
CA LEU C 115 26.93 -25.57 6.95
C LEU C 115 25.95 -25.72 8.11
N ARG C 116 24.75 -26.20 7.81
CA ARG C 116 23.72 -26.34 8.82
C ARG C 116 24.20 -27.36 9.87
N GLN C 117 24.80 -28.45 9.42
CA GLN C 117 25.36 -29.43 10.33
C GLN C 117 26.43 -28.84 11.23
N SER C 118 27.36 -28.10 10.63
CA SER C 118 28.43 -27.51 11.41
C SER C 118 27.93 -26.49 12.39
N THR C 119 26.89 -25.76 12.04
CA THR C 119 26.31 -24.78 12.94
C THR C 119 25.69 -25.47 14.17
N ASN C 120 25.00 -26.57 13.93
CA ASN C 120 24.50 -27.36 15.05
C ASN C 120 25.61 -27.98 15.91
N ASP C 121 26.71 -28.39 15.29
CA ASP C 121 27.87 -28.89 16.03
C ASP C 121 28.45 -27.79 16.94
N LEU C 122 28.48 -26.54 16.45
CA LEU C 122 29.01 -25.45 17.25
C LEU C 122 28.06 -25.20 18.44
N ILE C 123 26.77 -25.19 18.17
CA ILE C 123 25.78 -24.94 19.22
C ILE C 123 25.90 -26.01 20.33
N ASP C 124 26.15 -27.26 19.92
CA ASP C 124 26.35 -28.36 20.85
C ASP C 124 27.43 -28.09 21.88
N ALA C 125 28.41 -27.27 21.52
CA ALA C 125 29.58 -27.05 22.40
C ALA C 125 29.21 -26.38 23.74
N ARG C 126 28.16 -25.55 23.76
CA ARG C 126 27.77 -24.87 24.98
C ARG C 126 26.31 -24.97 25.36
N ILE C 127 25.48 -25.65 24.57
CA ILE C 127 24.05 -25.67 24.89
C ILE C 127 23.77 -26.25 26.28
N GLU C 128 24.61 -27.17 26.75
CA GLU C 128 24.39 -27.77 28.08
C GLU C 128 24.85 -26.88 29.24
N LEU C 129 25.50 -25.76 28.91
CA LEU C 129 26.13 -24.91 29.91
C LEU C 129 25.28 -23.74 30.34
N GLY C 130 24.38 -23.29 29.46
CA GLY C 130 23.43 -22.23 29.80
C GLY C 130 24.02 -20.82 29.71
N GLU C 131 25.22 -20.71 29.16
CA GLU C 131 25.87 -19.43 28.98
C GLU C 131 26.94 -19.56 27.93
N GLY C 132 27.21 -18.44 27.26
CA GLY C 132 28.32 -18.37 26.35
C GLY C 132 28.37 -17.00 25.71
N ASP C 133 29.46 -16.72 25.03
CA ASP C 133 29.62 -15.49 24.27
C ASP C 133 29.24 -15.84 22.83
N ALA C 134 28.09 -15.33 22.40
CA ALA C 134 27.57 -15.70 21.09
C ALA C 134 28.53 -15.30 19.98
N ALA C 135 29.31 -14.26 20.19
CA ALA C 135 30.30 -13.84 19.20
C ALA C 135 31.46 -14.86 19.14
N THR C 136 32.04 -15.17 20.30
CA THR C 136 33.23 -16.01 20.35
C THR C 136 32.89 -17.46 20.00
N TRP C 137 31.75 -17.93 20.48
CA TRP C 137 31.35 -19.32 20.35
C TRP C 137 30.75 -19.64 18.98
N LEU C 138 29.92 -18.74 18.47
CA LEU C 138 29.19 -18.97 17.23
C LEU C 138 29.58 -18.07 16.08
N ALA C 139 29.41 -16.76 16.22
CA ALA C 139 29.58 -15.85 15.07
C ALA C 139 30.97 -15.87 14.49
N ASN C 140 31.99 -16.01 15.35
CA ASN C 140 33.36 -15.98 14.86
C ASN C 140 33.71 -17.30 14.15
N GLU C 141 33.04 -18.38 14.57
CA GLU C 141 33.35 -19.72 14.09
C GLU C 141 32.62 -20.11 12.83
N ILE C 142 31.35 -19.72 12.70
CA ILE C 142 30.54 -20.08 11.57
C ILE C 142 31.21 -19.76 10.22
N PRO C 143 31.64 -18.52 9.98
CA PRO C 143 32.26 -18.20 8.68
C PRO C 143 33.61 -18.86 8.46
N ALA C 144 34.36 -19.16 9.52
CA ALA C 144 35.64 -19.83 9.36
C ALA C 144 35.43 -21.29 8.97
N ARG C 145 34.48 -21.95 9.61
CA ARG C 145 34.13 -23.33 9.25
C ARG C 145 33.51 -23.40 7.84
N LEU C 146 32.71 -22.41 7.46
CA LEU C 146 32.16 -22.35 6.14
C LEU C 146 33.26 -22.25 5.09
N THR C 147 34.27 -21.44 5.34
CA THR C 147 35.39 -21.29 4.41
C THR C 147 36.02 -22.65 4.19
N ALA C 148 36.31 -23.35 5.26
CA ALA C 148 36.86 -24.72 5.13
C ALA C 148 35.97 -25.63 4.32
N ILE C 149 34.67 -25.59 4.62
CA ILE C 149 33.71 -26.42 3.92
C ILE C 149 33.71 -26.11 2.43
N LEU C 150 33.74 -24.83 2.06
CA LEU C 150 33.74 -24.48 0.65
C LEU C 150 34.97 -24.97 -0.09
N LEU C 151 36.06 -25.11 0.64
CA LEU C 151 37.32 -25.55 0.07
C LEU C 151 37.45 -27.07 0.10
N GLY C 152 36.44 -27.78 0.58
CA GLY C 152 36.50 -29.25 0.65
C GLY C 152 37.35 -29.79 1.79
N LEU C 153 37.57 -28.98 2.83
CA LEU C 153 38.41 -29.32 3.98
C LEU C 153 37.55 -29.58 5.21
N PRO C 154 38.10 -30.30 6.20
CA PRO C 154 37.38 -30.47 7.47
C PRO C 154 37.03 -29.13 8.09
N PRO C 155 35.79 -28.98 8.56
CA PRO C 155 35.36 -27.70 9.15
C PRO C 155 36.32 -27.20 10.23
N GLU C 156 36.92 -28.11 10.99
CA GLU C 156 37.88 -27.73 12.02
C GLU C 156 39.11 -26.96 11.55
N ASP C 157 39.45 -27.02 10.26
CA ASP C 157 40.53 -26.15 9.75
C ASP C 157 40.23 -24.63 9.91
N GLY C 158 38.96 -24.28 10.09
CA GLY C 158 38.58 -22.90 10.37
C GLY C 158 39.30 -22.28 11.57
N ASP C 159 39.64 -23.08 12.57
CA ASP C 159 40.35 -22.54 13.75
C ASP C 159 41.67 -21.87 13.36
N THR C 160 42.38 -22.52 12.46
CA THR C 160 43.64 -21.96 11.99
C THR C 160 43.37 -20.67 11.22
N TYR C 161 42.33 -20.66 10.39
CA TYR C 161 42.02 -19.47 9.59
C TYR C 161 41.78 -18.27 10.49
N ARG C 162 41.06 -18.47 11.58
CA ARG C 162 40.83 -17.39 12.55
C ARG C 162 42.13 -16.88 13.18
N ARG C 163 43.06 -17.78 13.50
CA ARG C 163 44.34 -17.37 14.06
C ARG C 163 45.13 -16.52 13.06
N TRP C 164 45.12 -16.90 11.80
CA TRP C 164 45.85 -16.16 10.79
C TRP C 164 45.23 -14.81 10.59
N VAL C 165 43.91 -14.73 10.56
CA VAL C 165 43.24 -13.45 10.28
C VAL C 165 43.51 -12.51 11.41
N TRP C 166 43.44 -13.00 12.63
CA TRP C 166 43.79 -12.15 13.76
C TRP C 166 45.25 -11.64 13.66
N ALA C 167 46.22 -12.52 13.41
CA ALA C 167 47.62 -12.11 13.35
C ALA C 167 47.87 -11.09 12.24
N ILE C 168 47.19 -11.26 11.12
CA ILE C 168 47.43 -10.40 9.98
C ILE C 168 46.92 -8.99 10.33
N THR C 169 45.80 -8.94 11.06
CA THR C 169 45.15 -7.66 11.40
C THR C 169 45.66 -7.06 12.71
N HIS C 170 46.67 -7.69 13.30
CA HIS C 170 47.28 -7.17 14.53
C HIS C 170 48.77 -7.47 14.53
N VAL C 171 49.46 -7.05 13.49
CA VAL C 171 50.85 -7.48 13.24
C VAL C 171 51.85 -6.94 14.28
N GLU C 172 52.13 -5.64 14.18
CA GLU C 172 53.13 -4.98 15.03
C GLU C 172 54.51 -5.61 14.96
N ASN C 173 54.84 -6.31 13.87
CA ASN C 173 56.10 -7.03 13.84
C ASN C 173 56.40 -7.79 12.55
N PRO C 174 57.12 -7.15 11.61
CA PRO C 174 57.33 -7.70 10.26
C PRO C 174 57.83 -9.14 10.21
N GLU C 175 58.60 -9.60 11.20
CA GLU C 175 59.13 -10.95 11.16
C GLU C 175 58.07 -11.96 11.56
N GLU C 176 57.29 -11.60 12.56
CA GLU C 176 56.14 -12.39 12.95
C GLU C 176 55.17 -12.46 11.79
N GLY C 177 54.98 -11.32 11.15
CA GLY C 177 54.01 -11.19 10.07
C GLY C 177 54.42 -12.05 8.90
N ALA C 178 55.71 -12.04 8.58
CA ALA C 178 56.21 -12.89 7.51
C ALA C 178 55.99 -14.35 7.87
N GLU C 179 56.18 -14.68 9.15
CA GLU C 179 55.99 -16.06 9.64
C GLU C 179 54.56 -16.50 9.43
N ILE C 180 53.61 -15.69 9.87
CA ILE C 180 52.20 -16.02 9.68
C ILE C 180 51.83 -16.15 8.21
N PHE C 181 52.35 -15.25 7.37
CA PHE C 181 51.97 -15.29 5.98
C PHE C 181 52.58 -16.51 5.29
N ALA C 182 53.76 -16.92 5.74
CA ALA C 182 54.35 -18.11 5.18
C ALA C 182 53.49 -19.31 5.52
N GLU C 183 52.91 -19.32 6.71
CA GLU C 183 52.07 -20.44 7.12
C GLU C 183 50.84 -20.51 6.22
N LEU C 184 50.25 -19.34 5.99
CA LEU C 184 49.05 -19.26 5.22
C LEU C 184 49.31 -19.70 3.79
N VAL C 185 50.41 -19.21 3.22
CA VAL C 185 50.76 -19.53 1.86
C VAL C 185 51.10 -21.02 1.73
N ALA C 186 51.78 -21.60 2.73
CA ALA C 186 52.14 -23.02 2.67
C ALA C 186 50.89 -23.88 2.62
N HIS C 187 49.91 -23.54 3.46
CA HIS C 187 48.63 -24.24 3.47
C HIS C 187 47.93 -24.08 2.13
N ALA C 188 47.84 -22.84 1.62
CA ALA C 188 47.20 -22.60 0.34
C ALA C 188 47.87 -23.39 -0.79
N ARG C 189 49.21 -23.46 -0.78
CA ARG C 189 49.95 -24.18 -1.83
C ARG C 189 49.68 -25.68 -1.78
N THR C 190 49.61 -26.24 -0.57
CA THR C 190 49.30 -27.66 -0.39
C THR C 190 47.89 -27.93 -0.89
N LEU C 191 46.96 -27.03 -0.57
CA LEU C 191 45.58 -27.20 -0.99
C LEU C 191 45.45 -27.13 -2.50
N ILE C 192 46.08 -26.14 -3.09
CA ILE C 192 46.02 -25.93 -4.51
C ILE C 192 46.61 -27.14 -5.26
N ALA C 193 47.72 -27.65 -4.79
CA ALA C 193 48.37 -28.78 -5.50
C ALA C 193 47.44 -30.00 -5.49
N GLU C 194 46.75 -30.23 -4.36
CA GLU C 194 45.87 -31.38 -4.23
C GLU C 194 44.64 -31.21 -5.13
N ARG C 195 44.07 -30.01 -5.14
CA ARG C 195 42.90 -29.75 -5.95
C ARG C 195 43.23 -29.75 -7.44
N ARG C 196 44.44 -29.34 -7.80
CA ARG C 196 44.84 -29.42 -9.21
C ARG C 196 44.97 -30.86 -9.68
N THR C 197 45.56 -31.71 -8.85
CA THR C 197 45.87 -33.08 -9.28
C THR C 197 44.63 -33.97 -9.20
N ASN C 198 43.76 -33.73 -8.22
CA ASN C 198 42.56 -34.53 -7.99
CA ASN C 198 42.55 -34.52 -8.00
C ASN C 198 41.37 -33.58 -7.81
N PRO C 199 40.89 -32.99 -8.91
CA PRO C 199 39.83 -32.00 -8.74
C PRO C 199 38.52 -32.57 -8.31
N GLY C 200 37.79 -31.82 -7.49
CA GLY C 200 36.49 -32.21 -7.00
C GLY C 200 35.48 -31.13 -7.35
N ASN C 201 34.42 -31.02 -6.55
CA ASN C 201 33.40 -30.01 -6.82
C ASN C 201 33.40 -28.88 -5.82
N ASP C 202 34.46 -28.80 -5.02
CA ASP C 202 34.60 -27.68 -4.10
C ASP C 202 34.97 -26.43 -4.85
N ILE C 203 34.92 -25.30 -4.15
CA ILE C 203 35.16 -24.02 -4.78
C ILE C 203 36.58 -23.90 -5.32
N MET C 204 37.57 -24.41 -4.61
CA MET C 204 38.96 -24.28 -5.09
C MET C 204 39.15 -25.04 -6.39
N SER C 205 38.61 -26.27 -6.47
CA SER C 205 38.70 -27.06 -7.72
C SER C 205 38.08 -26.25 -8.85
N ARG C 206 36.93 -25.65 -8.56
CA ARG C 206 36.21 -24.90 -9.60
C ARG C 206 37.01 -23.68 -10.09
N VAL C 207 37.59 -22.96 -9.14
CA VAL C 207 38.38 -21.77 -9.50
C VAL C 207 39.62 -22.18 -10.33
N ILE C 208 40.25 -23.28 -9.96
CA ILE C 208 41.43 -23.77 -10.67
C ILE C 208 41.11 -24.08 -12.14
N MET C 209 39.95 -24.68 -12.39
CA MET C 209 39.56 -25.10 -13.72
CA MET C 209 39.57 -25.11 -13.73
C MET C 209 38.97 -24.00 -14.59
N SER C 210 38.70 -22.86 -13.98
CA SER C 210 38.05 -21.78 -14.71
C SER C 210 38.99 -21.21 -15.76
N LYS C 211 38.46 -20.99 -16.95
CA LYS C 211 39.22 -20.42 -18.05
CA LYS C 211 39.22 -20.44 -18.05
C LYS C 211 38.37 -19.36 -18.73
N ILE C 212 39.00 -18.20 -18.99
CA ILE C 212 38.31 -17.08 -19.62
C ILE C 212 39.26 -16.47 -20.64
N ASP C 213 38.77 -16.34 -21.87
CA ASP C 213 39.56 -15.77 -22.96
C ASP C 213 40.91 -16.51 -23.09
N GLY C 214 40.86 -17.80 -22.84
CA GLY C 214 42.01 -18.67 -22.97
C GLY C 214 42.90 -18.80 -21.75
N GLU C 215 42.64 -18.01 -20.71
CA GLU C 215 43.55 -17.88 -19.58
C GLU C 215 42.98 -18.44 -18.27
N SER C 216 43.87 -18.89 -17.41
CA SER C 216 43.51 -19.40 -16.09
CA SER C 216 43.48 -19.36 -16.09
C SER C 216 44.28 -18.65 -15.01
N LEU C 217 43.79 -18.71 -13.78
CA LEU C 217 44.51 -18.13 -12.66
C LEU C 217 45.85 -18.83 -12.44
N SER C 218 46.89 -18.07 -12.14
CA SER C 218 48.19 -18.64 -11.77
C SER C 218 48.15 -19.07 -10.31
N GLU C 219 49.19 -19.77 -9.87
CA GLU C 219 49.26 -20.17 -8.48
C GLU C 219 49.24 -18.96 -7.55
N ASP C 220 49.98 -17.92 -7.89
CA ASP C 220 49.96 -16.72 -7.08
C ASP C 220 48.54 -16.14 -6.99
N ASP C 221 47.83 -16.14 -8.11
CA ASP C 221 46.44 -15.65 -8.15
C ASP C 221 45.52 -16.51 -7.26
N LEU C 222 45.72 -17.83 -7.30
CA LEU C 222 44.95 -18.76 -6.49
C LEU C 222 45.21 -18.55 -4.99
N ILE C 223 46.45 -18.29 -4.63
CA ILE C 223 46.83 -17.95 -3.26
C ILE C 223 46.14 -16.63 -2.86
N GLY C 224 46.11 -15.68 -3.79
CA GLY C 224 45.40 -14.43 -3.56
C GLY C 224 43.92 -14.64 -3.37
N PHE C 225 43.34 -15.59 -4.09
CA PHE C 225 41.92 -15.87 -3.93
C PHE C 225 41.64 -16.49 -2.56
N PHE C 226 42.41 -17.48 -2.19
CA PHE C 226 42.34 -18.02 -0.85
C PHE C 226 42.43 -16.92 0.23
N THR C 227 43.36 -16.00 0.03
CA THR C 227 43.62 -14.95 1.00
C THR C 227 42.40 -14.04 1.13
N ILE C 228 41.76 -13.71 0.03
CA ILE C 228 40.61 -12.80 0.10
C ILE C 228 39.42 -13.50 0.75
N LEU C 229 39.29 -14.83 0.58
CA LEU C 229 38.22 -15.53 1.32
C LEU C 229 38.39 -15.30 2.80
N LEU C 230 39.62 -15.44 3.28
CA LEU C 230 39.90 -15.27 4.71
C LEU C 230 39.80 -13.82 5.13
N LEU C 231 40.50 -12.94 4.44
CA LEU C 231 40.63 -11.53 4.86
C LEU C 231 39.45 -10.65 4.47
N GLY C 232 38.67 -11.07 3.48
CA GLY C 232 37.51 -10.31 3.05
C GLY C 232 36.20 -10.88 3.55
N GLY C 233 36.21 -12.14 3.97
CA GLY C 233 34.99 -12.82 4.36
C GLY C 233 34.77 -13.04 5.84
N ILE C 234 35.76 -13.56 6.53
CA ILE C 234 35.51 -14.09 7.85
C ILE C 234 35.12 -12.96 8.83
N ASP C 235 35.92 -11.89 8.97
CA ASP C 235 35.58 -10.86 9.96
C ASP C 235 34.32 -10.10 9.64
N ASN C 236 34.07 -9.78 8.37
CA ASN C 236 32.82 -9.13 7.98
CA ASN C 236 32.81 -9.13 8.02
C ASN C 236 31.64 -9.97 8.48
N THR C 237 31.67 -11.25 8.16
CA THR C 237 30.57 -12.12 8.49
C THR C 237 30.47 -12.25 10.02
N ALA C 238 31.59 -12.42 10.70
CA ALA C 238 31.57 -12.60 12.14
C ALA C 238 30.98 -11.38 12.84
N ARG C 239 31.38 -10.18 12.43
CA ARG C 239 30.86 -8.98 13.09
C ARG C 239 29.38 -8.79 12.80
N PHE C 240 28.95 -9.07 11.56
CA PHE C 240 27.53 -8.98 11.22
C PHE C 240 26.74 -9.98 12.08
N LEU C 241 27.14 -11.24 12.10
CA LEU C 241 26.37 -12.23 12.86
C LEU C 241 26.37 -11.91 14.35
N SER C 242 27.48 -11.41 14.87
CA SER C 242 27.53 -11.05 16.28
C SER C 242 26.50 -9.96 16.58
N SER C 243 26.42 -8.94 15.73
CA SER C 243 25.45 -7.88 15.92
C SER C 243 24.03 -8.43 15.84
N VAL C 244 23.78 -9.35 14.93
CA VAL C 244 22.46 -9.98 14.83
C VAL C 244 22.11 -10.78 16.11
N PHE C 245 23.03 -11.58 16.62
CA PHE C 245 22.76 -12.39 17.82
C PHE C 245 22.49 -11.42 18.99
N TRP C 246 23.23 -10.32 19.08
CA TRP C 246 23.02 -9.32 20.11
C TRP C 246 21.58 -8.74 20.01
N ARG C 247 21.19 -8.37 18.80
CA ARG C 247 19.88 -7.79 18.60
C ARG C 247 18.78 -8.77 18.97
N LEU C 248 18.93 -10.03 18.58
CA LEU C 248 17.93 -11.04 18.87
C LEU C 248 17.87 -11.36 20.39
N ALA C 249 18.97 -11.13 21.10
CA ALA C 249 19.04 -11.39 22.53
C ALA C 249 18.15 -10.46 23.34
N TRP C 250 18.04 -9.20 22.93
CA TRP C 250 17.19 -8.27 23.66
C TRP C 250 15.88 -7.93 22.97
N ASP C 251 15.83 -8.00 21.64
CA ASP C 251 14.67 -7.54 20.88
C ASP C 251 13.69 -8.70 20.76
N ILE C 252 12.89 -8.82 21.81
CA ILE C 252 12.01 -9.98 21.96
C ILE C 252 10.90 -9.98 20.92
N GLU C 253 10.57 -8.80 20.42
CA GLU C 253 9.52 -8.66 19.42
C GLU C 253 10.01 -9.15 18.05
N LEU C 254 11.19 -8.72 17.64
CA LEU C 254 11.81 -9.28 16.43
C LEU C 254 11.91 -10.79 16.53
N ARG C 255 12.41 -11.26 17.67
CA ARG C 255 12.66 -12.68 17.81
C ARG C 255 11.40 -13.50 17.64
N ARG C 256 10.30 -13.10 18.29
CA ARG C 256 9.11 -13.93 18.21
C ARG C 256 8.55 -13.97 16.81
N ARG C 257 8.71 -12.88 16.04
CA ARG C 257 8.21 -12.84 14.68
C ARG C 257 9.02 -13.80 13.79
N LEU C 258 10.34 -13.90 13.98
CA LEU C 258 11.14 -14.81 13.15
C LEU C 258 10.86 -16.26 13.47
N ILE C 259 10.55 -16.55 14.72
CA ILE C 259 10.13 -17.90 15.09
C ILE C 259 8.73 -18.26 14.55
N ALA C 260 7.78 -17.32 14.61
CA ALA C 260 6.42 -17.56 14.15
C ALA C 260 6.32 -17.61 12.64
N HIS C 261 7.21 -16.90 11.96
CA HIS C 261 7.16 -16.78 10.51
C HIS C 261 8.53 -16.98 9.88
N PRO C 262 9.01 -18.21 9.87
CA PRO C 262 10.36 -18.45 9.33
C PRO C 262 10.48 -18.07 7.87
N GLU C 263 9.36 -18.02 7.13
CA GLU C 263 9.39 -17.58 5.75
C GLU C 263 9.85 -16.11 5.62
N LEU C 264 9.77 -15.36 6.70
CA LEU C 264 10.25 -13.97 6.70
C LEU C 264 11.73 -13.82 6.95
N ILE C 265 12.43 -14.89 7.26
CA ILE C 265 13.84 -14.75 7.62
C ILE C 265 14.71 -14.18 6.49
N PRO C 266 14.51 -14.63 5.23
CA PRO C 266 15.38 -14.01 4.21
C PRO C 266 15.19 -12.50 4.07
N ASN C 267 13.97 -12.00 4.10
CA ASN C 267 13.80 -10.55 4.01
CA ASN C 267 13.78 -10.56 4.02
C ASN C 267 14.29 -9.87 5.28
N ALA C 268 14.18 -10.55 6.42
CA ALA C 268 14.72 -10.01 7.66
C ALA C 268 16.24 -9.93 7.62
N VAL C 269 16.89 -10.92 7.02
CA VAL C 269 18.35 -10.91 6.88
C VAL C 269 18.76 -9.67 6.06
N ASP C 270 18.04 -9.35 5.00
CA ASP C 270 18.39 -8.18 4.20
CA ASP C 270 18.39 -8.16 4.22
C ASP C 270 18.19 -6.89 5.02
N GLU C 271 17.16 -6.88 5.82
CA GLU C 271 16.93 -5.69 6.64
CA GLU C 271 16.90 -5.71 6.66
C GLU C 271 17.95 -5.59 7.75
N LEU C 272 18.42 -6.71 8.28
CA LEU C 272 19.47 -6.66 9.28
C LEU C 272 20.81 -6.24 8.66
N LEU C 273 21.05 -6.63 7.43
CA LEU C 273 22.23 -6.17 6.70
C LEU C 273 22.17 -4.66 6.54
N ARG C 274 21.00 -4.10 6.22
CA ARG C 274 20.88 -2.67 6.09
C ARG C 274 21.24 -2.01 7.42
N PHE C 275 20.80 -2.59 8.52
CA PHE C 275 20.89 -1.94 9.82
C PHE C 275 22.27 -2.15 10.51
N TYR C 276 22.88 -3.32 10.34
CA TYR C 276 24.08 -3.77 11.06
C TYR C 276 25.23 -4.07 10.11
N GLY C 277 25.17 -3.56 8.87
CA GLY C 277 26.24 -3.87 7.95
C GLY C 277 27.59 -3.35 8.49
N PRO C 278 28.60 -4.22 8.59
CA PRO C 278 29.83 -3.86 9.27
C PRO C 278 30.76 -2.93 8.49
N ALA C 279 30.63 -2.86 7.18
CA ALA C 279 31.70 -2.28 6.37
C ALA C 279 31.67 -0.77 6.18
N MET C 280 32.85 -0.16 6.21
CA MET C 280 33.09 1.21 5.73
CA MET C 280 33.09 1.20 5.72
C MET C 280 34.36 1.16 4.92
N VAL C 281 34.30 1.57 3.67
CA VAL C 281 35.38 1.32 2.73
CA VAL C 281 35.40 1.33 2.75
C VAL C 281 35.91 2.63 2.16
N GLY C 282 37.21 2.66 1.87
CA GLY C 282 37.84 3.81 1.29
C GLY C 282 37.86 3.83 -0.23
N ARG C 283 38.13 5.01 -0.77
CA ARG C 283 38.48 5.21 -2.17
C ARG C 283 39.61 6.25 -2.22
N LEU C 284 40.63 6.00 -3.04
CA LEU C 284 41.64 6.99 -3.34
C LEU C 284 41.15 7.82 -4.51
N VAL C 285 41.22 9.14 -4.39
CA VAL C 285 40.89 10.05 -5.48
C VAL C 285 42.08 10.06 -6.45
N THR C 286 41.82 9.79 -7.71
CA THR C 286 42.89 9.79 -8.72
C THR C 286 42.79 10.92 -9.75
N GLN C 287 41.61 11.52 -9.88
CA GLN C 287 41.42 12.67 -10.75
C GLN C 287 40.53 13.66 -10.05
N GLU C 288 40.72 14.94 -10.33
CA GLU C 288 39.87 15.93 -9.72
C GLU C 288 38.44 15.68 -10.10
N VAL C 289 37.53 15.77 -9.12
CA VAL C 289 36.16 15.35 -9.36
C VAL C 289 35.24 16.10 -8.42
N THR C 290 34.12 16.53 -8.93
CA THR C 290 33.11 17.22 -8.13
C THR C 290 31.97 16.25 -7.86
N VAL C 291 31.60 16.16 -6.58
CA VAL C 291 30.49 15.32 -6.13
C VAL C 291 29.64 16.19 -5.26
N GLY C 292 28.47 16.50 -5.77
CA GLY C 292 27.62 17.46 -5.09
C GLY C 292 28.30 18.81 -4.95
N ASP C 293 28.45 19.26 -3.72
CA ASP C 293 28.96 20.59 -3.42
C ASP C 293 30.48 20.60 -3.28
N ILE C 294 31.10 19.44 -3.37
CA ILE C 294 32.46 19.25 -2.95
C ILE C 294 33.35 18.89 -4.14
N THR C 295 34.52 19.48 -4.21
CA THR C 295 35.50 19.07 -5.20
C THR C 295 36.65 18.34 -4.50
N MET C 296 36.87 17.08 -4.89
CA MET C 296 37.94 16.28 -4.33
C MET C 296 39.16 16.32 -5.24
N LYS C 297 40.34 16.21 -4.65
CA LYS C 297 41.59 16.39 -5.35
C LYS C 297 42.41 15.10 -5.37
N PRO C 298 43.19 14.89 -6.45
CA PRO C 298 44.06 13.71 -6.48
C PRO C 298 44.91 13.54 -5.22
N GLY C 299 44.90 12.30 -4.70
CA GLY C 299 45.65 11.94 -3.53
C GLY C 299 44.87 11.95 -2.26
N GLN C 300 43.70 12.61 -2.26
CA GLN C 300 42.81 12.55 -1.11
C GLN C 300 42.10 11.22 -1.01
N THR C 301 41.59 10.93 0.18
CA THR C 301 40.79 9.74 0.40
C THR C 301 39.36 10.13 0.71
N ALA C 302 38.43 9.35 0.18
CA ALA C 302 37.03 9.45 0.54
C ALA C 302 36.63 8.14 1.27
N MET C 303 36.02 8.24 2.44
CA MET C 303 35.54 7.08 3.15
C MET C 303 34.05 6.96 2.91
N LEU C 304 33.59 5.78 2.49
CA LEU C 304 32.18 5.55 2.20
C LEU C 304 31.53 5.02 3.45
N TRP C 305 30.78 5.87 4.15
CA TRP C 305 30.13 5.50 5.40
C TRP C 305 28.78 4.86 5.12
N PHE C 306 28.81 3.63 4.63
CA PHE C 306 27.59 2.92 4.26
C PHE C 306 26.52 2.95 5.36
N PRO C 307 26.90 2.81 6.64
CA PRO C 307 25.82 2.80 7.66
C PRO C 307 25.01 4.07 7.72
N ILE C 308 25.61 5.19 7.32
CA ILE C 308 24.85 6.44 7.33
C ILE C 308 23.91 6.47 6.12
N ALA C 309 24.40 6.08 4.95
CA ALA C 309 23.58 6.00 3.76
C ALA C 309 22.43 5.02 3.93
N SER C 310 22.66 3.93 4.67
CA SER C 310 21.61 2.96 4.90
C SER C 310 20.47 3.52 5.76
N ARG C 311 20.68 4.68 6.34
CA ARG C 311 19.69 5.34 7.16
C ARG C 311 19.14 6.64 6.55
N ASP C 312 19.46 6.87 5.29
CA ASP C 312 19.09 8.09 4.62
C ASP C 312 17.56 8.07 4.37
N ARG C 313 16.88 9.11 4.85
CA ARG C 313 15.43 9.19 4.73
C ARG C 313 14.94 9.35 3.28
N SER C 314 15.80 9.81 2.40
CA SER C 314 15.39 9.95 1.01
C SER C 314 15.48 8.62 0.30
N ALA C 315 16.19 7.66 0.89
CA ALA C 315 16.26 6.30 0.33
C ALA C 315 15.34 5.28 1.01
N PHE C 316 15.11 5.44 2.30
CA PHE C 316 14.37 4.46 3.09
C PHE C 316 13.34 5.16 3.96
N ASP C 317 12.11 4.76 3.83
CA ASP C 317 11.09 5.22 4.78
C ASP C 317 11.31 4.54 6.13
N SER C 318 11.04 5.25 7.22
CA SER C 318 11.24 4.74 8.57
C SER C 318 12.60 4.04 8.69
N PRO C 319 13.70 4.78 8.42
CA PRO C 319 15.03 4.17 8.30
C PRO C 319 15.55 3.68 9.62
N ASP C 320 15.03 4.18 10.74
CA ASP C 320 15.56 3.81 12.04
C ASP C 320 14.86 2.60 12.66
N ASN C 321 13.93 2.04 11.92
CA ASN C 321 13.21 0.82 12.34
C ASN C 321 13.61 -0.35 11.47
N ILE C 322 13.70 -1.53 12.09
CA ILE C 322 13.92 -2.76 11.41
C ILE C 322 12.57 -3.29 10.96
N VAL C 323 12.27 -3.07 9.69
CA VAL C 323 10.99 -3.44 9.11
C VAL C 323 11.24 -4.69 8.30
N ILE C 324 10.93 -5.83 8.88
CA ILE C 324 11.43 -7.07 8.30
C ILE C 324 10.79 -7.41 6.97
N GLU C 325 9.62 -6.83 6.69
CA GLU C 325 8.93 -6.99 5.40
C GLU C 325 9.33 -5.95 4.33
N ARG C 326 10.30 -5.10 4.64
CA ARG C 326 10.72 -4.08 3.68
C ARG C 326 11.14 -4.69 2.36
N THR C 327 10.55 -4.24 1.26
CA THR C 327 10.96 -4.72 -0.05
C THR C 327 10.45 -3.76 -1.11
N PRO C 328 11.31 -3.38 -2.05
CA PRO C 328 12.73 -3.71 -2.12
C PRO C 328 13.53 -3.02 -1.01
N ASN C 329 14.80 -3.38 -0.97
CA ASN C 329 15.66 -2.91 0.10
C ASN C 329 17.03 -2.72 -0.53
N ARG C 330 17.23 -1.54 -1.10
CA ARG C 330 18.44 -1.29 -1.86
C ARG C 330 19.56 -0.73 -0.97
N HIS C 331 19.84 -1.42 0.12
CA HIS C 331 20.94 -1.00 0.97
C HIS C 331 22.29 -1.18 0.28
N LEU C 332 23.28 -0.49 0.80
CA LEU C 332 24.64 -0.50 0.30
C LEU C 332 25.61 -1.33 1.15
N SER C 333 25.10 -2.17 2.05
CA SER C 333 25.97 -2.88 2.98
C SER C 333 26.87 -3.92 2.30
N LEU C 334 26.49 -4.35 1.10
CA LEU C 334 27.28 -5.29 0.29
C LEU C 334 27.87 -4.62 -0.93
N GLY C 335 27.93 -3.29 -0.91
CA GLY C 335 28.48 -2.53 -1.99
C GLY C 335 27.51 -2.35 -3.15
N HIS C 336 28.04 -1.93 -4.27
CA HIS C 336 27.24 -1.53 -5.40
C HIS C 336 28.17 -1.32 -6.56
N GLY C 337 27.78 -1.79 -7.75
CA GLY C 337 28.59 -1.61 -8.95
C GLY C 337 29.66 -2.66 -9.11
N ILE C 338 30.82 -2.26 -9.64
CA ILE C 338 31.79 -3.28 -10.13
C ILE C 338 32.42 -4.11 -8.99
N HIS C 339 32.47 -3.56 -7.78
CA HIS C 339 33.08 -4.25 -6.63
C HIS C 339 32.04 -4.85 -5.70
N ARG C 340 30.78 -4.94 -6.14
CA ARG C 340 29.76 -5.48 -5.27
C ARG C 340 30.19 -6.85 -4.70
N CYS C 341 29.87 -7.08 -3.45
CA CYS C 341 30.40 -8.25 -2.74
C CYS C 341 30.24 -9.55 -3.51
N LEU C 342 31.37 -10.25 -3.67
CA LEU C 342 31.37 -11.58 -4.26
C LEU C 342 30.58 -12.56 -3.43
N GLY C 343 30.59 -12.34 -2.11
CA GLY C 343 29.89 -13.18 -1.15
C GLY C 343 28.43 -12.84 -0.89
N ALA C 344 27.84 -11.99 -1.72
CA ALA C 344 26.53 -11.42 -1.41
C ALA C 344 25.48 -12.52 -1.24
N HIS C 345 25.47 -13.52 -2.11
CA HIS C 345 24.48 -14.57 -1.99
C HIS C 345 24.83 -15.50 -0.82
N LEU C 346 26.11 -15.88 -0.74
CA LEU C 346 26.60 -16.74 0.28
C LEU C 346 26.22 -16.27 1.69
N ILE C 347 26.47 -15.00 1.98
CA ILE C 347 26.24 -14.54 3.34
C ILE C 347 24.75 -14.43 3.63
N ARG C 348 23.92 -14.18 2.63
CA ARG C 348 22.48 -14.19 2.89
C ARG C 348 21.98 -15.60 3.27
N VAL C 349 22.52 -16.63 2.61
CA VAL C 349 22.15 -18.00 2.93
C VAL C 349 22.73 -18.38 4.29
N GLU C 350 23.99 -18.00 4.52
CA GLU C 350 24.64 -18.31 5.78
C GLU C 350 23.92 -17.68 6.98
N ALA C 351 23.51 -16.41 6.85
CA ALA C 351 22.80 -15.75 7.93
C ALA C 351 21.45 -16.42 8.18
N ARG C 352 20.75 -16.77 7.10
CA ARG C 352 19.49 -17.49 7.23
C ARG C 352 19.67 -18.78 8.02
N VAL C 353 20.69 -19.56 7.66
CA VAL C 353 20.95 -20.83 8.35
C VAL C 353 21.32 -20.59 9.83
N ALA C 354 22.19 -19.62 10.09
CA ALA C 354 22.62 -19.33 11.46
C ALA C 354 21.44 -18.93 12.34
N ILE C 355 20.63 -18.03 11.85
CA ILE C 355 19.49 -17.55 12.63
C ILE C 355 18.50 -18.69 12.83
N THR C 356 18.24 -19.44 11.76
CA THR C 356 17.26 -20.53 11.84
C THR C 356 17.69 -21.57 12.86
N GLU C 357 18.93 -22.05 12.78
CA GLU C 357 19.35 -23.12 13.68
C GLU C 357 19.49 -22.60 15.09
N PHE C 358 19.99 -21.39 15.25
CA PHE C 358 20.11 -20.88 16.58
C PHE C 358 18.75 -20.74 17.27
N LEU C 359 17.77 -20.16 16.60
CA LEU C 359 16.46 -19.96 17.21
C LEU C 359 15.70 -21.28 17.41
N LYS C 360 15.98 -22.27 16.57
CA LYS C 360 15.41 -23.61 16.74
C LYS C 360 15.96 -24.28 18.00
N ARG C 361 17.26 -24.12 18.25
CA ARG C 361 17.92 -24.83 19.35
C ARG C 361 17.75 -24.08 20.67
N ILE C 362 17.76 -22.75 20.59
CA ILE C 362 17.76 -21.87 21.77
C ILE C 362 16.79 -20.72 21.51
N PRO C 363 15.49 -21.01 21.66
CA PRO C 363 14.50 -19.95 21.39
C PRO C 363 14.40 -18.93 22.50
N GLU C 364 14.85 -19.30 23.69
CA GLU C 364 14.80 -18.45 24.88
C GLU C 364 16.23 -18.13 25.34
N PHE C 365 16.61 -16.85 25.31
CA PHE C 365 17.94 -16.41 25.74
C PHE C 365 17.90 -14.92 25.99
N SER C 366 18.92 -14.39 26.63
CA SER C 366 18.97 -12.96 26.92
C SER C 366 20.44 -12.57 27.11
N LEU C 367 20.74 -11.28 27.15
CA LEU C 367 22.07 -10.84 27.43
C LEU C 367 22.40 -11.10 28.89
N ASP C 368 23.65 -11.51 29.15
CA ASP C 368 24.11 -11.80 30.51
C ASP C 368 24.22 -10.51 31.30
N PRO C 369 23.50 -10.38 32.41
CA PRO C 369 23.59 -9.14 33.21
C PRO C 369 24.92 -8.96 33.93
N ASN C 370 25.74 -10.01 33.99
CA ASN C 370 26.98 -9.96 34.76
C ASN C 370 28.24 -9.87 33.90
N LYS C 371 28.06 -9.74 32.59
CA LYS C 371 29.21 -9.61 31.69
C LYS C 371 28.88 -8.54 30.67
N GLU C 372 29.89 -7.87 30.17
CA GLU C 372 29.67 -6.77 29.25
C GLU C 372 29.72 -7.18 27.78
N CYS C 373 28.85 -6.57 26.98
CA CYS C 373 29.04 -6.58 25.54
C CYS C 373 30.11 -5.57 25.14
N GLU C 374 30.64 -5.73 23.92
CA GLU C 374 31.62 -4.81 23.41
C GLU C 374 31.45 -4.76 21.91
N TRP C 375 31.42 -3.54 21.39
CA TRP C 375 31.39 -3.22 19.97
C TRP C 375 32.79 -2.91 19.46
N LEU C 376 33.18 -3.56 18.37
CA LEU C 376 34.42 -3.29 17.69
C LEU C 376 34.21 -2.23 16.60
N MET C 377 35.01 -1.17 16.65
CA MET C 377 34.96 -0.09 15.69
C MET C 377 36.02 -0.31 14.61
N GLY C 378 35.84 0.34 13.49
CA GLY C 378 36.83 0.36 12.42
C GLY C 378 36.16 0.21 11.05
N GLN C 379 36.90 -0.32 10.10
CA GLN C 379 36.34 -0.58 8.77
C GLN C 379 35.45 -1.79 8.70
N VAL C 380 35.51 -2.63 9.72
CA VAL C 380 34.66 -3.79 9.81
C VAL C 380 34.16 -3.81 11.27
N ALA C 381 32.98 -3.26 11.47
CA ALA C 381 32.48 -2.95 12.79
C ALA C 381 31.26 -3.77 13.17
N GLY C 382 31.18 -4.08 14.44
CA GLY C 382 30.03 -4.77 14.98
C GLY C 382 30.36 -5.37 16.33
N MET C 383 29.39 -6.06 16.93
CA MET C 383 29.66 -6.63 18.24
C MET C 383 30.82 -7.61 18.17
N LEU C 384 31.66 -7.53 19.18
CA LEU C 384 32.82 -8.38 19.35
C LEU C 384 32.62 -9.38 20.51
N HIS C 385 31.86 -8.98 21.53
CA HIS C 385 31.51 -9.82 22.66
C HIS C 385 30.04 -9.68 22.93
N VAL C 386 29.33 -10.80 23.00
CA VAL C 386 27.88 -10.82 23.19
C VAL C 386 27.58 -11.95 24.19
N PRO C 387 27.88 -11.71 25.47
CA PRO C 387 27.59 -12.74 26.49
C PRO C 387 26.08 -12.92 26.66
N ILE C 388 25.61 -14.17 26.52
CA ILE C 388 24.23 -14.54 26.68
C ILE C 388 24.06 -15.64 27.73
N ILE C 389 22.83 -15.73 28.23
CA ILE C 389 22.41 -16.79 29.10
C ILE C 389 21.17 -17.42 28.53
N PHE C 390 20.94 -18.68 28.85
CA PHE C 390 19.80 -19.41 28.34
C PHE C 390 19.61 -20.64 29.20
N PRO C 391 18.37 -21.19 29.21
CA PRO C 391 18.14 -22.47 29.91
C PRO C 391 19.02 -23.57 29.32
N LYS C 392 19.56 -24.41 30.17
CA LYS C 392 20.40 -25.49 29.70
C LYS C 392 19.57 -26.42 28.82
N GLY C 393 20.18 -26.85 27.70
CA GLY C 393 19.55 -27.75 26.75
C GLY C 393 20.43 -28.94 26.41
N LYS C 394 20.11 -29.60 25.31
CA LYS C 394 20.73 -30.89 25.00
C LYS C 394 21.43 -30.88 23.64
N ARG C 395 22.53 -31.59 23.58
CA ARG C 395 23.27 -31.77 22.34
CA ARG C 395 23.27 -31.79 22.35
C ARG C 395 22.49 -32.64 21.36
N LEU C 396 22.66 -32.35 20.07
CA LEU C 396 22.10 -33.24 19.06
C LEU C 396 23.07 -34.41 18.87
N SER C 397 24.38 -34.14 19.00
CA SER C 397 25.38 -35.20 18.89
C SER C 397 25.99 -35.50 20.26
N THR D 2 -10.95 -23.14 12.43
CA THR D 2 -9.90 -22.67 11.54
C THR D 2 -9.80 -21.14 11.61
N SER D 3 -10.94 -20.45 11.54
CA SER D 3 -10.94 -18.98 11.63
C SER D 3 -10.67 -18.55 13.06
N LEU D 4 -9.84 -17.52 13.23
CA LEU D 4 -9.53 -17.01 14.54
C LEU D 4 -10.72 -16.24 15.14
N PHE D 5 -11.66 -15.84 14.31
CA PHE D 5 -12.82 -15.13 14.82
C PHE D 5 -13.75 -16.01 15.67
N THR D 6 -13.86 -17.27 15.32
CA THR D 6 -14.87 -18.13 15.89
C THR D 6 -14.77 -18.24 17.40
N THR D 7 -13.56 -18.23 17.92
CA THR D 7 -13.34 -18.25 19.37
C THR D 7 -12.75 -16.94 19.93
N ALA D 8 -12.81 -15.87 19.15
CA ALA D 8 -12.28 -14.60 19.60
C ALA D 8 -13.03 -14.15 20.86
N ASP D 9 -12.29 -13.68 21.83
CA ASP D 9 -12.82 -13.38 23.16
C ASP D 9 -11.86 -12.40 23.81
N HIS D 10 -12.34 -11.18 24.03
CA HIS D 10 -11.51 -10.12 24.53
C HIS D 10 -11.01 -10.37 25.95
N TYR D 11 -11.66 -11.27 26.68
CA TYR D 11 -11.17 -11.67 28.02
C TYR D 11 -10.21 -12.87 27.99
N HIS D 12 -10.03 -13.46 26.82
CA HIS D 12 -9.18 -14.64 26.67
C HIS D 12 -8.41 -14.56 25.35
N THR D 13 -7.50 -13.59 25.27
CA THR D 13 -6.67 -13.38 24.10
C THR D 13 -5.37 -14.16 24.32
N PRO D 14 -5.06 -15.14 23.46
CA PRO D 14 -3.80 -15.88 23.61
C PRO D 14 -2.59 -14.98 23.75
N LEU D 15 -1.72 -15.31 24.70
CA LEU D 15 -0.51 -14.54 24.95
C LEU D 15 0.71 -15.27 24.38
N GLY D 16 1.61 -14.48 23.86
CA GLY D 16 2.81 -14.98 23.24
C GLY D 16 3.96 -15.07 24.21
N PRO D 17 5.16 -15.43 23.71
CA PRO D 17 6.28 -15.67 24.63
C PRO D 17 6.75 -14.40 25.35
N ASP D 18 6.42 -13.26 24.77
CA ASP D 18 6.78 -11.96 25.30
C ASP D 18 5.77 -11.52 26.38
N GLY D 19 4.65 -12.25 26.50
CA GLY D 19 3.64 -12.01 27.51
C GLY D 19 2.49 -11.13 27.09
N THR D 20 2.48 -10.64 25.86
CA THR D 20 1.40 -9.80 25.38
C THR D 20 0.53 -10.61 24.41
N PRO D 21 -0.66 -10.10 24.06
CA PRO D 21 -1.50 -10.73 23.02
C PRO D 21 -1.11 -10.34 21.59
N HIS D 22 0.05 -9.70 21.40
CA HIS D 22 0.31 -9.06 20.10
C HIS D 22 0.59 -10.03 18.96
N ALA D 23 1.16 -11.19 19.24
CA ALA D 23 1.26 -12.17 18.16
C ALA D 23 -0.13 -12.56 17.66
N PHE D 24 -1.04 -12.80 18.61
CA PHE D 24 -2.43 -13.12 18.27
C PHE D 24 -3.09 -11.95 17.52
N PHE D 25 -2.87 -10.73 17.99
CA PHE D 25 -3.47 -9.57 17.30
C PHE D 25 -2.93 -9.46 15.87
N GLU D 26 -1.64 -9.75 15.67
CA GLU D 26 -1.07 -9.72 14.35
C GLU D 26 -1.71 -10.80 13.45
N ALA D 27 -1.95 -11.99 13.98
CA ALA D 27 -2.54 -13.06 13.19
C ALA D 27 -4.02 -12.73 12.87
N LEU D 28 -4.72 -12.11 13.81
CA LEU D 28 -6.09 -11.71 13.58
C LEU D 28 -6.14 -10.56 12.56
N ARG D 29 -5.18 -9.63 12.63
CA ARG D 29 -5.09 -8.55 11.65
C ARG D 29 -4.91 -9.17 10.23
N ASP D 30 -4.05 -10.18 10.12
CA ASP D 30 -3.84 -10.81 8.83
C ASP D 30 -5.15 -11.44 8.32
N GLU D 31 -5.87 -12.14 9.19
CA GLU D 31 -7.14 -12.74 8.79
C GLU D 31 -8.20 -11.69 8.41
N ALA D 32 -8.19 -10.56 9.13
CA ALA D 32 -9.13 -9.48 8.88
C ALA D 32 -8.98 -8.86 7.49
N GLU D 33 -7.82 -9.07 6.83
CA GLU D 33 -7.65 -8.64 5.43
C GLU D 33 -8.64 -9.40 4.50
N THR D 34 -9.00 -10.62 4.87
CA THR D 34 -9.98 -11.40 4.13
C THR D 34 -11.39 -11.20 4.70
N THR D 35 -11.51 -11.15 6.04
CA THR D 35 -12.78 -11.05 6.72
C THR D 35 -12.71 -9.99 7.81
N PRO D 36 -13.06 -8.74 7.50
CA PRO D 36 -12.80 -7.69 8.51
C PRO D 36 -13.84 -7.65 9.62
N ILE D 37 -14.96 -8.33 9.44
CA ILE D 37 -15.97 -8.48 10.50
C ILE D 37 -16.29 -9.96 10.58
N GLY D 38 -16.05 -10.57 11.71
CA GLY D 38 -16.30 -11.99 11.86
C GLY D 38 -17.22 -12.30 13.01
N TRP D 39 -17.79 -13.47 13.00
CA TRP D 39 -18.67 -13.93 14.07
C TRP D 39 -17.90 -14.74 15.09
N SER D 40 -18.00 -14.32 16.34
CA SER D 40 -17.48 -15.11 17.44
C SER D 40 -18.60 -15.81 18.14
N GLU D 41 -18.35 -17.04 18.56
CA GLU D 41 -19.31 -17.80 19.36
C GLU D 41 -19.30 -17.43 20.83
N ALA D 42 -18.34 -16.62 21.28
CA ALA D 42 -18.26 -16.36 22.71
C ALA D 42 -19.41 -15.49 23.14
N TYR D 43 -19.77 -15.57 24.41
CA TYR D 43 -20.81 -14.71 24.99
C TYR D 43 -22.13 -14.85 24.25
N GLY D 44 -22.41 -16.03 23.74
CA GLY D 44 -23.68 -16.27 23.09
C GLY D 44 -23.70 -15.92 21.62
N GLY D 45 -22.59 -15.41 21.11
CA GLY D 45 -22.46 -15.03 19.72
C GLY D 45 -22.45 -13.51 19.60
N HIS D 46 -21.46 -12.99 18.89
CA HIS D 46 -21.38 -11.56 18.66
C HIS D 46 -20.44 -11.25 17.52
N TRP D 47 -20.49 -10.05 16.99
CA TRP D 47 -19.64 -9.64 15.89
C TRP D 47 -18.36 -9.05 16.43
N VAL D 48 -17.24 -9.43 15.81
CA VAL D 48 -15.95 -8.85 16.10
C VAL D 48 -15.57 -7.99 14.88
N VAL D 49 -15.44 -6.70 15.10
CA VAL D 49 -15.17 -5.73 14.07
C VAL D 49 -13.69 -5.36 14.17
N ALA D 50 -12.91 -5.78 13.18
CA ALA D 50 -11.46 -5.74 13.23
C ALA D 50 -10.80 -4.87 12.17
N GLY D 51 -11.43 -4.67 11.04
CA GLY D 51 -10.86 -3.78 10.01
C GLY D 51 -11.03 -2.30 10.39
N TYR D 52 -10.06 -1.47 9.99
CA TYR D 52 -10.10 -0.04 10.23
C TYR D 52 -11.34 0.61 9.64
N LYS D 53 -11.57 0.40 8.35
CA LYS D 53 -12.69 1.03 7.67
C LYS D 53 -13.99 0.57 8.25
N GLU D 54 -14.07 -0.68 8.66
CA GLU D 54 -15.30 -1.23 9.23
C GLU D 54 -15.58 -0.69 10.62
N ILE D 55 -14.57 -0.55 11.46
CA ILE D 55 -14.78 0.12 12.74
C ILE D 55 -15.24 1.55 12.52
N GLN D 56 -14.60 2.25 11.58
CA GLN D 56 -15.04 3.63 11.36
C GLN D 56 -16.50 3.69 10.92
N ALA D 57 -16.93 2.76 10.06
CA ALA D 57 -18.31 2.76 9.57
C ALA D 57 -19.28 2.48 10.71
N VAL D 58 -18.93 1.59 11.62
CA VAL D 58 -19.80 1.30 12.75
C VAL D 58 -19.87 2.51 13.69
N ILE D 59 -18.71 3.06 14.01
CA ILE D 59 -18.63 4.07 15.03
C ILE D 59 -19.29 5.38 14.52
N GLN D 60 -19.30 5.61 13.21
CA GLN D 60 -19.96 6.81 12.69
C GLN D 60 -21.49 6.63 12.60
N ASN D 61 -21.97 5.39 12.57
CA ASN D 61 -23.41 5.13 12.42
C ASN D 61 -24.11 5.08 13.78
N THR D 62 -24.52 6.23 14.26
CA THR D 62 -25.21 6.33 15.53
C THR D 62 -26.70 5.97 15.40
N LYS D 63 -27.23 5.86 14.18
CA LYS D 63 -28.64 5.46 13.98
C LYS D 63 -28.87 3.99 14.34
N ALA D 64 -27.91 3.13 13.96
CA ALA D 64 -28.09 1.69 14.08
C ALA D 64 -27.28 1.08 15.20
N PHE D 65 -26.35 1.85 15.80
N PHE D 65 -26.38 1.85 15.74
CA PHE D 65 -25.38 1.31 16.80
CA PHE D 65 -25.64 1.38 16.86
C PHE D 65 -25.22 2.19 18.04
C PHE D 65 -25.93 2.29 18.04
N SER D 66 -25.76 1.69 19.19
CA SER D 66 -25.94 2.43 20.42
C SER D 66 -24.84 2.18 21.44
N ASN D 67 -24.52 3.24 22.19
CA ASN D 67 -23.58 3.11 23.30
C ASN D 67 -24.19 2.48 24.56
N LYS D 68 -25.47 2.09 24.49
CA LYS D 68 -26.07 1.33 25.58
C LYS D 68 -25.35 -0.02 25.69
N GLY D 69 -24.63 -0.41 24.63
CA GLY D 69 -23.94 -1.67 24.61
C GLY D 69 -22.44 -1.62 24.76
N VAL D 70 -21.91 -0.54 25.34
CA VAL D 70 -20.47 -0.42 25.42
C VAL D 70 -19.79 -1.50 26.26
N THR D 71 -20.48 -1.93 27.31
CA THR D 71 -19.96 -2.98 28.16
C THR D 71 -20.49 -4.33 27.72
N PHE D 72 -19.58 -5.27 27.45
CA PHE D 72 -19.97 -6.56 26.94
C PHE D 72 -18.95 -7.60 27.40
N PRO D 73 -19.40 -8.73 27.96
CA PRO D 73 -20.79 -9.10 28.22
C PRO D 73 -21.39 -8.24 29.31
N ARG D 74 -22.71 -8.23 29.34
CA ARG D 74 -23.41 -7.51 30.38
C ARG D 74 -24.26 -8.59 31.03
N TYR D 75 -23.65 -9.48 31.79
CA TYR D 75 -24.41 -10.44 32.58
C TYR D 75 -25.02 -9.59 33.71
N GLU D 76 -25.81 -8.61 33.28
CA GLU D 76 -26.24 -7.45 34.09
C GLU D 76 -26.75 -7.82 35.45
N PHE D 80 -25.68 0.02 35.70
CA PHE D 80 -25.09 1.29 36.09
C PHE D 80 -24.53 2.08 34.91
N GLU D 81 -25.12 3.25 34.63
CA GLU D 81 -24.83 3.98 33.39
C GLU D 81 -23.64 4.94 33.45
N LEU D 82 -22.70 4.74 32.54
CA LEU D 82 -21.54 5.60 32.41
C LEU D 82 -21.95 6.90 31.71
N MET D 83 -21.81 8.00 32.41
CA MET D 83 -22.10 9.29 31.82
C MET D 83 -21.32 9.52 30.53
N MET D 84 -22.04 9.96 29.49
CA MET D 84 -21.54 10.19 28.12
C MET D 84 -21.17 8.89 27.41
N ALA D 85 -20.21 8.16 27.98
CA ALA D 85 -19.60 7.01 27.35
C ALA D 85 -20.64 5.93 27.12
N GLY D 86 -21.66 5.86 27.97
CA GLY D 86 -22.68 4.83 27.85
C GLY D 86 -24.04 5.35 27.39
N GLN D 87 -24.06 6.52 26.76
CA GLN D 87 -25.28 7.21 26.40
C GLN D 87 -25.30 7.66 24.96
N ASP D 88 -26.50 7.84 24.43
CA ASP D 88 -26.69 8.33 23.09
C ASP D 88 -27.19 9.79 23.11
N ASP D 89 -27.14 10.43 21.94
CA ASP D 89 -27.77 11.76 21.82
C ASP D 89 -29.31 11.59 21.90
N PRO D 90 -30.01 12.64 22.37
CA PRO D 90 -29.48 13.97 22.71
C PRO D 90 -28.81 14.11 24.08
N VAL D 91 -28.97 13.20 25.05
CA VAL D 91 -28.39 13.49 26.34
C VAL D 91 -26.85 13.51 26.27
N HIS D 92 -26.26 12.60 25.49
CA HIS D 92 -24.80 12.57 25.34
C HIS D 92 -24.27 13.94 24.93
N LYS D 93 -24.88 14.55 23.91
CA LYS D 93 -24.41 15.82 23.41
C LYS D 93 -24.61 16.92 24.42
N LYS D 94 -25.74 16.91 25.13
CA LYS D 94 -25.95 17.89 26.18
C LYS D 94 -24.76 17.91 27.16
N TYR D 95 -24.36 16.74 27.61
CA TYR D 95 -23.29 16.63 28.58
C TYR D 95 -21.94 16.99 27.97
N ARG D 96 -21.68 16.53 26.76
CA ARG D 96 -20.37 16.86 26.16
C ARG D 96 -20.24 18.38 26.02
N GLN D 97 -21.32 19.03 25.59
CA GLN D 97 -21.31 20.47 25.43
C GLN D 97 -21.05 21.13 26.78
N LEU D 98 -21.70 20.66 27.84
CA LEU D 98 -21.53 21.28 29.16
C LEU D 98 -20.11 21.11 29.73
N VAL D 99 -19.42 20.04 29.38
CA VAL D 99 -18.09 19.82 29.94
C VAL D 99 -16.96 20.24 28.98
N ALA D 100 -17.30 20.74 27.81
CA ALA D 100 -16.28 21.03 26.80
C ALA D 100 -15.29 22.10 27.27
N LYS D 101 -15.80 23.25 27.71
CA LYS D 101 -14.92 24.32 28.20
C LYS D 101 -14.31 23.97 29.55
N PRO D 102 -15.11 23.47 30.49
CA PRO D 102 -14.48 23.09 31.76
C PRO D 102 -13.29 22.13 31.63
N PHE D 103 -13.35 21.22 30.67
CA PHE D 103 -12.32 20.20 30.49
C PHE D 103 -11.45 20.50 29.27
N SER D 104 -11.37 21.77 28.89
CA SER D 104 -10.61 22.14 27.71
C SER D 104 -9.11 21.94 27.96
N PRO D 105 -8.32 21.84 26.89
CA PRO D 105 -6.87 21.67 27.06
C PRO D 105 -6.24 22.80 27.83
N GLU D 106 -6.71 24.03 27.65
CA GLU D 106 -6.18 25.16 28.39
C GLU D 106 -6.42 24.97 29.89
N ALA D 107 -7.61 24.49 30.25
CA ALA D 107 -7.97 24.26 31.65
C ALA D 107 -7.12 23.15 32.27
N THR D 108 -7.02 22.00 31.60
CA THR D 108 -6.31 20.88 32.21
C THR D 108 -4.77 21.14 32.22
N ASP D 109 -4.29 21.94 31.27
CA ASP D 109 -2.85 22.24 31.17
C ASP D 109 -2.34 23.02 32.40
N LEU D 110 -3.25 23.69 33.10
CA LEU D 110 -2.90 24.45 34.30
C LEU D 110 -2.38 23.53 35.41
N PHE D 111 -2.67 22.23 35.31
CA PHE D 111 -2.29 21.26 36.34
C PHE D 111 -1.04 20.44 36.02
N THR D 112 -0.37 20.75 34.92
CA THR D 112 0.74 19.94 34.47
C THR D 112 1.90 19.99 35.47
N GLU D 113 2.23 21.16 36.00
CA GLU D 113 3.35 21.20 36.91
C GLU D 113 3.08 20.50 38.24
N GLN D 114 1.85 20.55 38.74
CA GLN D 114 1.51 19.75 39.91
C GLN D 114 1.62 18.25 39.61
N LEU D 115 1.19 17.85 38.42
CA LEU D 115 1.31 16.46 38.03
C LEU D 115 2.78 16.02 38.00
N ARG D 116 3.63 16.89 37.46
CA ARG D 116 5.06 16.57 37.36
C ARG D 116 5.66 16.41 38.76
N GLN D 117 5.23 17.25 39.68
CA GLN D 117 5.71 17.18 41.05
C GLN D 117 5.27 15.87 41.71
N SER D 118 3.99 15.53 41.54
CA SER D 118 3.46 14.30 42.12
C SER D 118 4.14 13.06 41.53
N THR D 119 4.48 13.11 40.25
CA THR D 119 5.15 12.01 39.61
C THR D 119 6.54 11.84 40.22
N ASN D 120 7.25 12.92 40.45
CA ASN D 120 8.55 12.84 41.09
C ASN D 120 8.46 12.35 42.53
N ASP D 121 7.41 12.77 43.23
CA ASP D 121 7.16 12.29 44.57
C ASP D 121 6.92 10.77 44.60
N LEU D 122 6.22 10.25 43.58
CA LEU D 122 5.97 8.81 43.50
C LEU D 122 7.30 8.10 43.21
N ILE D 123 8.08 8.64 42.28
CA ILE D 123 9.35 8.01 41.96
C ILE D 123 10.25 7.94 43.21
N ASP D 124 10.23 9.00 44.02
CA ASP D 124 11.03 9.05 45.25
C ASP D 124 10.78 7.82 46.11
N ALA D 125 9.57 7.25 46.05
CA ALA D 125 9.21 6.17 46.95
C ALA D 125 10.02 4.88 46.80
N ARG D 126 10.56 4.63 45.60
CA ARG D 126 11.35 3.41 45.39
C ARG D 126 12.68 3.60 44.71
N ILE D 127 13.01 4.83 44.34
CA ILE D 127 14.24 5.05 43.59
C ILE D 127 15.50 4.58 44.38
N GLU D 128 15.47 4.65 45.70
CA GLU D 128 16.58 4.17 46.49
C GLU D 128 16.64 2.65 46.62
N LEU D 129 15.56 1.95 46.27
CA LEU D 129 15.48 0.51 46.52
C LEU D 129 16.06 -0.32 45.38
N GLY D 130 16.06 0.23 44.17
CA GLY D 130 16.64 -0.48 43.03
C GLY D 130 15.72 -1.54 42.44
N GLU D 131 14.46 -1.58 42.91
CA GLU D 131 13.48 -2.46 42.33
C GLU D 131 12.09 -1.99 42.65
N GLY D 132 11.14 -2.36 41.80
CA GLY D 132 9.73 -2.09 42.07
C GLY D 132 8.89 -2.61 40.93
N ASP D 133 7.59 -2.64 41.14
CA ASP D 133 6.66 -3.01 40.10
C ASP D 133 6.17 -1.71 39.50
N ALA D 134 6.58 -1.42 38.27
CA ALA D 134 6.24 -0.14 37.65
C ALA D 134 4.74 0.07 37.57
N ALA D 135 3.98 -1.00 37.43
CA ALA D 135 2.52 -0.86 37.39
C ALA D 135 1.98 -0.42 38.76
N THR D 136 2.33 -1.17 39.80
CA THR D 136 1.76 -0.93 41.13
C THR D 136 2.30 0.37 41.74
N TRP D 137 3.55 0.65 41.50
CA TRP D 137 4.24 1.80 42.08
C TRP D 137 3.91 3.10 41.37
N LEU D 138 3.87 3.09 40.04
CA LEU D 138 3.75 4.29 39.26
C LEU D 138 2.48 4.36 38.43
N ALA D 139 2.29 3.42 37.50
CA ALA D 139 1.20 3.52 36.52
C ALA D 139 -0.15 3.54 37.17
N ASN D 140 -0.33 2.77 38.24
CA ASN D 140 -1.63 2.72 38.90
C ASN D 140 -1.92 3.96 39.72
N GLU D 141 -0.86 4.67 40.12
CA GLU D 141 -0.96 5.79 41.05
C GLU D 141 -1.07 7.13 40.33
N ILE D 142 -0.35 7.27 39.25
CA ILE D 142 -0.30 8.53 38.54
C ILE D 142 -1.71 9.07 38.17
N PRO D 143 -2.56 8.26 37.50
CA PRO D 143 -3.88 8.76 37.11
C PRO D 143 -4.80 9.03 38.29
N ALA D 144 -4.64 8.31 39.39
CA ALA D 144 -5.45 8.53 40.57
C ALA D 144 -5.07 9.85 41.24
N ARG D 145 -3.78 10.10 41.33
CA ARG D 145 -3.32 11.40 41.85
C ARG D 145 -3.67 12.56 40.94
N LEU D 146 -3.60 12.35 39.63
CA LEU D 146 -4.04 13.37 38.70
C LEU D 146 -5.51 13.69 38.90
N THR D 147 -6.35 12.68 39.13
CA THR D 147 -7.78 12.95 39.32
C THR D 147 -7.97 13.88 40.53
N ALA D 148 -7.30 13.56 41.61
CA ALA D 148 -7.37 14.41 42.79
C ALA D 148 -6.89 15.84 42.51
N ILE D 149 -5.76 15.96 41.83
CA ILE D 149 -5.21 17.26 41.44
C ILE D 149 -6.22 18.08 40.62
N LEU D 150 -6.84 17.45 39.63
CA LEU D 150 -7.83 18.14 38.79
C LEU D 150 -9.02 18.63 39.60
N LEU D 151 -9.36 17.92 40.67
CA LEU D 151 -10.48 18.31 41.54
C LEU D 151 -10.10 19.27 42.66
N GLY D 152 -8.84 19.69 42.70
CA GLY D 152 -8.36 20.63 43.69
C GLY D 152 -8.11 19.99 45.04
N LEU D 153 -7.86 18.69 45.05
CA LEU D 153 -7.61 17.97 46.29
C LEU D 153 -6.15 17.61 46.41
N PRO D 154 -5.71 17.35 47.65
CA PRO D 154 -4.34 16.85 47.82
C PRO D 154 -4.11 15.61 46.97
N PRO D 155 -2.94 15.52 46.33
CA PRO D 155 -2.69 14.39 45.42
C PRO D 155 -2.90 13.04 46.09
N GLU D 156 -2.50 12.92 47.35
CA GLU D 156 -2.64 11.67 48.07
C GLU D 156 -4.09 11.19 48.25
N ASP D 157 -5.08 12.05 48.05
CA ASP D 157 -6.47 11.62 48.08
C ASP D 157 -6.77 10.62 46.95
N GLY D 158 -5.90 10.63 45.95
CA GLY D 158 -5.97 9.64 44.90
C GLY D 158 -5.94 8.22 45.41
N ASP D 159 -5.33 7.99 46.56
CA ASP D 159 -5.26 6.65 47.13
C ASP D 159 -6.66 6.07 47.34
N THR D 160 -7.56 6.88 47.88
CA THR D 160 -8.93 6.42 48.11
C THR D 160 -9.61 6.08 46.78
N TYR D 161 -9.38 6.91 45.77
CA TYR D 161 -9.97 6.68 44.46
C TYR D 161 -9.49 5.36 43.88
N ARG D 162 -8.19 5.10 44.00
CA ARG D 162 -7.59 3.90 43.46
C ARG D 162 -8.25 2.70 44.14
N ARG D 163 -8.42 2.81 45.46
CA ARG D 163 -9.00 1.72 46.21
C ARG D 163 -10.47 1.50 45.83
N TRP D 164 -11.25 2.57 45.67
CA TRP D 164 -12.63 2.43 45.23
C TRP D 164 -12.75 1.79 43.83
N VAL D 165 -11.89 2.19 42.91
CA VAL D 165 -11.94 1.63 41.56
C VAL D 165 -11.64 0.14 41.63
N TRP D 166 -10.66 -0.24 42.43
CA TRP D 166 -10.31 -1.65 42.55
C TRP D 166 -11.46 -2.43 43.16
N ALA D 167 -12.10 -1.87 44.17
CA ALA D 167 -13.21 -2.56 44.85
C ALA D 167 -14.43 -2.72 43.93
N ILE D 168 -14.77 -1.65 43.21
CA ILE D 168 -15.92 -1.64 42.33
C ILE D 168 -15.73 -2.65 41.20
N THR D 169 -14.49 -2.80 40.74
CA THR D 169 -14.21 -3.71 39.63
C THR D 169 -13.94 -5.15 40.11
N HIS D 170 -13.91 -5.36 41.43
CA HIS D 170 -13.69 -6.69 42.00
C HIS D 170 -14.79 -6.97 43.01
N VAL D 171 -16.04 -7.04 42.54
CA VAL D 171 -17.20 -7.37 43.36
C VAL D 171 -18.03 -6.13 43.68
N PRO D 174 -22.67 -8.32 46.82
CA PRO D 174 -23.62 -7.20 46.77
C PRO D 174 -23.64 -6.48 48.11
N GLU D 175 -23.75 -5.16 48.12
CA GLU D 175 -23.70 -4.44 49.39
C GLU D 175 -22.26 -4.32 49.86
N GLU D 176 -21.38 -5.12 49.25
CA GLU D 176 -19.94 -4.97 49.47
C GLU D 176 -19.46 -3.53 49.28
N GLY D 177 -19.77 -2.89 48.15
CA GLY D 177 -20.77 -3.35 47.20
C GLY D 177 -21.45 -2.06 46.79
N ALA D 178 -22.70 -1.87 47.20
CA ALA D 178 -23.31 -0.56 47.10
C ALA D 178 -22.74 0.26 48.24
N GLU D 179 -22.21 -0.42 49.25
CA GLU D 179 -21.47 0.22 50.31
C GLU D 179 -20.35 1.06 49.71
N ILE D 180 -19.54 0.46 48.85
CA ILE D 180 -18.44 1.17 48.23
C ILE D 180 -18.97 2.35 47.43
N PHE D 181 -20.01 2.11 46.64
CA PHE D 181 -20.54 3.18 45.82
C PHE D 181 -21.10 4.31 46.68
N ALA D 182 -21.64 3.95 47.84
CA ALA D 182 -22.21 4.92 48.75
C ALA D 182 -21.12 5.82 49.31
N GLU D 183 -19.94 5.25 49.59
CA GLU D 183 -18.81 6.05 50.03
C GLU D 183 -18.44 7.04 48.93
N LEU D 184 -18.40 6.54 47.71
CA LEU D 184 -18.02 7.36 46.56
C LEU D 184 -18.98 8.53 46.44
N VAL D 185 -20.27 8.23 46.48
CA VAL D 185 -21.29 9.25 46.33
C VAL D 185 -21.28 10.25 47.48
N ALA D 186 -21.10 9.77 48.71
CA ALA D 186 -20.99 10.66 49.86
C ALA D 186 -19.83 11.64 49.69
N HIS D 187 -18.68 11.13 49.25
CA HIS D 187 -17.53 11.99 49.02
C HIS D 187 -17.82 12.98 47.89
N ALA D 188 -18.43 12.52 46.80
CA ALA D 188 -18.73 13.41 45.69
C ALA D 188 -19.65 14.56 46.14
N ARG D 189 -20.64 14.24 46.96
CA ARG D 189 -21.58 15.26 47.42
C ARG D 189 -20.87 16.32 48.26
N THR D 190 -19.99 15.87 49.15
CA THR D 190 -19.23 16.78 49.99
C THR D 190 -18.34 17.67 49.12
N LEU D 191 -17.64 17.08 48.15
CA LEU D 191 -16.77 17.83 47.27
C LEU D 191 -17.56 18.87 46.45
N ILE D 192 -18.65 18.44 45.87
CA ILE D 192 -19.47 19.33 45.06
C ILE D 192 -19.99 20.51 45.89
N ALA D 193 -20.45 20.25 47.12
CA ALA D 193 -20.98 21.32 47.94
C ALA D 193 -19.90 22.36 48.18
N GLU D 194 -18.69 21.88 48.44
CA GLU D 194 -17.60 22.80 48.76
C GLU D 194 -17.18 23.62 47.55
N ARG D 195 -17.13 22.97 46.39
CA ARG D 195 -16.72 23.64 45.16
C ARG D 195 -17.79 24.59 44.64
N ARG D 196 -19.05 24.32 45.00
CA ARG D 196 -20.13 25.19 44.58
C ARG D 196 -20.09 26.49 45.41
N THR D 197 -19.87 26.33 46.71
CA THR D 197 -19.94 27.47 47.64
C THR D 197 -18.67 28.33 47.58
N ASN D 198 -17.52 27.67 47.33
CA ASN D 198 -16.24 28.36 47.22
C ASN D 198 -15.49 27.92 45.99
N PRO D 199 -15.93 28.44 44.84
CA PRO D 199 -15.36 28.02 43.56
C PRO D 199 -13.89 28.35 43.47
N GLY D 200 -13.15 27.48 42.81
CA GLY D 200 -11.74 27.71 42.54
C GLY D 200 -11.51 27.52 41.05
N ASN D 201 -10.29 27.21 40.65
CA ASN D 201 -9.98 27.03 39.24
C ASN D 201 -9.88 25.55 38.86
N ASP D 202 -10.28 24.68 39.78
CA ASP D 202 -10.26 23.25 39.53
C ASP D 202 -11.40 22.83 38.60
N ILE D 203 -11.30 21.64 38.04
CA ILE D 203 -12.28 21.19 37.07
C ILE D 203 -13.70 21.10 37.66
N MET D 204 -13.84 20.68 38.92
CA MET D 204 -15.16 20.55 39.49
C MET D 204 -15.85 21.90 39.62
N SER D 205 -15.14 22.89 40.14
CA SER D 205 -15.69 24.23 40.23
C SER D 205 -16.20 24.65 38.84
N ARG D 206 -15.41 24.36 37.82
CA ARG D 206 -15.72 24.82 36.45
C ARG D 206 -16.92 24.11 35.90
N VAL D 207 -17.03 22.80 36.12
CA VAL D 207 -18.19 22.10 35.60
C VAL D 207 -19.48 22.54 36.30
N ILE D 208 -19.40 22.84 37.59
CA ILE D 208 -20.58 23.30 38.33
C ILE D 208 -21.14 24.58 37.74
N MET D 209 -20.25 25.49 37.35
CA MET D 209 -20.65 26.80 36.84
C MET D 209 -21.04 26.81 35.35
N SER D 210 -20.79 25.72 34.66
CA SER D 210 -21.09 25.63 33.24
C SER D 210 -22.59 25.74 32.93
N LYS D 211 -22.97 26.57 31.97
CA LYS D 211 -24.39 26.73 31.61
C LYS D 211 -24.45 26.99 30.13
N ILE D 212 -25.36 26.28 29.47
CA ILE D 212 -25.55 26.41 28.03
C ILE D 212 -27.05 26.39 27.73
N ASP D 213 -27.54 27.44 27.10
CA ASP D 213 -28.95 27.54 26.75
C ASP D 213 -29.85 27.35 27.97
N GLY D 214 -29.49 27.93 29.11
CA GLY D 214 -30.31 27.82 30.31
C GLY D 214 -30.30 26.44 30.98
N GLU D 215 -29.36 25.58 30.60
CA GLU D 215 -29.24 24.23 31.14
C GLU D 215 -27.90 24.08 31.82
N SER D 216 -27.88 23.40 32.96
CA SER D 216 -26.65 23.11 33.66
C SER D 216 -26.70 21.67 34.19
N LEU D 217 -25.57 21.21 34.70
CA LEU D 217 -25.51 19.88 35.26
C LEU D 217 -26.19 19.88 36.63
N SER D 218 -27.08 18.91 36.83
CA SER D 218 -27.74 18.67 38.12
C SER D 218 -26.74 18.02 39.11
N GLU D 219 -27.11 17.96 40.38
CA GLU D 219 -26.27 17.26 41.33
C GLU D 219 -26.00 15.82 40.89
N ASP D 220 -27.01 15.11 40.40
CA ASP D 220 -26.82 13.75 39.92
C ASP D 220 -25.86 13.71 38.75
N ASP D 221 -25.96 14.67 37.83
CA ASP D 221 -25.05 14.74 36.70
C ASP D 221 -23.62 14.97 37.18
N LEU D 222 -23.47 15.79 38.22
CA LEU D 222 -22.13 16.12 38.71
C LEU D 222 -21.52 14.91 39.40
N ILE D 223 -22.34 14.15 40.10
CA ILE D 223 -21.87 12.91 40.71
C ILE D 223 -21.50 11.95 39.58
N GLY D 224 -22.30 11.93 38.51
CA GLY D 224 -22.00 11.10 37.35
C GLY D 224 -20.67 11.48 36.70
N PHE D 225 -20.38 12.78 36.63
CA PHE D 225 -19.14 13.23 36.05
C PHE D 225 -17.95 12.81 36.91
N PHE D 226 -18.03 13.01 38.22
CA PHE D 226 -17.00 12.51 39.12
C PHE D 226 -16.79 11.01 38.89
N THR D 227 -17.89 10.29 38.76
CA THR D 227 -17.81 8.85 38.60
C THR D 227 -17.07 8.47 37.32
N ILE D 228 -17.34 9.17 36.23
CA ILE D 228 -16.71 8.77 34.98
C ILE D 228 -15.20 9.12 35.01
N LEU D 229 -14.79 10.16 35.75
CA LEU D 229 -13.37 10.40 35.90
C LEU D 229 -12.70 9.18 36.51
N LEU D 230 -13.31 8.63 37.56
CA LEU D 230 -12.74 7.48 38.24
C LEU D 230 -12.85 6.20 37.40
N LEU D 231 -14.05 5.86 36.95
CA LEU D 231 -14.32 4.59 36.27
C LEU D 231 -14.02 4.57 34.78
N GLY D 232 -13.86 5.74 34.18
CA GLY D 232 -13.54 5.84 32.76
C GLY D 232 -12.10 6.23 32.51
N GLY D 233 -11.46 6.80 33.52
CA GLY D 233 -10.11 7.31 33.38
C GLY D 233 -9.00 6.52 34.01
N ILE D 234 -9.16 6.12 35.24
CA ILE D 234 -8.03 5.61 35.98
C ILE D 234 -7.49 4.29 35.44
N ASP D 235 -8.31 3.27 35.26
CA ASP D 235 -7.79 1.99 34.78
C ASP D 235 -7.28 2.06 33.34
N ASN D 236 -7.97 2.76 32.45
CA ASN D 236 -7.44 2.93 31.10
C ASN D 236 -6.05 3.50 31.13
N THR D 237 -5.84 4.57 31.89
CA THR D 237 -4.54 5.24 31.92
C THR D 237 -3.53 4.32 32.56
N ALA D 238 -3.91 3.67 33.64
CA ALA D 238 -2.98 2.75 34.34
C ALA D 238 -2.51 1.62 33.47
N ARG D 239 -3.41 1.00 32.72
CA ARG D 239 -3.00 -0.11 31.88
C ARG D 239 -2.13 0.40 30.73
N PHE D 240 -2.48 1.50 30.13
CA PHE D 240 -1.65 2.07 29.08
C PHE D 240 -0.25 2.37 29.62
N LEU D 241 -0.14 3.13 30.72
CA LEU D 241 1.18 3.50 31.23
C LEU D 241 1.96 2.25 31.62
N SER D 242 1.28 1.25 32.15
CA SER D 242 1.98 0.03 32.53
C SER D 242 2.65 -0.62 31.32
N SER D 243 1.89 -0.76 30.26
CA SER D 243 2.41 -1.30 29.01
C SER D 243 3.57 -0.49 28.49
N VAL D 244 3.47 0.84 28.57
CA VAL D 244 4.58 1.69 28.16
C VAL D 244 5.85 1.46 29.00
N PHE D 245 5.72 1.42 30.33
CA PHE D 245 6.88 1.14 31.18
C PHE D 245 7.49 -0.23 30.84
N TRP D 246 6.64 -1.23 30.58
CA TRP D 246 7.12 -2.56 30.16
C TRP D 246 7.93 -2.45 28.86
N ARG D 247 7.38 -1.74 27.88
CA ARG D 247 8.07 -1.63 26.60
C ARG D 247 9.42 -0.92 26.78
N LEU D 248 9.44 0.17 27.54
CA LEU D 248 10.68 0.92 27.72
C LEU D 248 11.72 0.15 28.55
N ALA D 249 11.27 -0.81 29.34
CA ALA D 249 12.18 -1.60 30.17
C ALA D 249 13.07 -2.52 29.31
N TRP D 250 12.52 -3.05 28.21
CA TRP D 250 13.34 -3.95 27.40
C TRP D 250 13.78 -3.35 26.09
N ASP D 251 13.00 -2.40 25.54
CA ASP D 251 13.28 -1.83 24.21
C ASP D 251 14.27 -0.68 24.36
N ILE D 252 15.55 -1.08 24.40
CA ILE D 252 16.63 -0.15 24.70
C ILE D 252 16.83 0.87 23.59
N GLU D 253 16.41 0.52 22.38
CA GLU D 253 16.54 1.44 21.23
CA GLU D 253 16.55 1.44 21.23
C GLU D 253 15.49 2.55 21.26
N LEU D 254 14.25 2.17 21.51
CA LEU D 254 13.23 3.20 21.73
C LEU D 254 13.64 4.10 22.89
N ARG D 255 14.09 3.49 23.98
CA ARG D 255 14.39 4.27 25.16
C ARG D 255 15.49 5.32 24.91
N ARG D 256 16.59 4.92 24.29
CA ARG D 256 17.67 5.88 24.08
C ARG D 256 17.23 7.02 23.20
N ARG D 257 16.33 6.75 22.26
CA ARG D 257 15.92 7.82 21.36
C ARG D 257 15.06 8.85 22.11
N LEU D 258 14.21 8.40 23.02
CA LEU D 258 13.40 9.35 23.79
C LEU D 258 14.24 10.17 24.73
N ILE D 259 15.31 9.60 25.27
CA ILE D 259 16.22 10.37 26.11
C ILE D 259 17.02 11.39 25.28
N ALA D 260 17.49 10.99 24.10
CA ALA D 260 18.29 11.87 23.22
C ALA D 260 17.47 12.97 22.58
N HIS D 261 16.19 12.73 22.38
CA HIS D 261 15.37 13.71 21.69
C HIS D 261 14.01 13.83 22.36
N PRO D 262 14.01 14.51 23.50
CA PRO D 262 12.75 14.66 24.24
C PRO D 262 11.67 15.33 23.41
N GLU D 263 12.03 16.11 22.39
CA GLU D 263 11.04 16.73 21.54
C GLU D 263 10.20 15.70 20.77
N LEU D 264 10.69 14.47 20.66
CA LEU D 264 9.94 13.41 20.04
C LEU D 264 8.94 12.71 20.95
N ILE D 265 8.94 13.01 22.24
CA ILE D 265 8.09 12.27 23.14
C ILE D 265 6.60 12.41 22.80
N PRO D 266 6.10 13.60 22.45
CA PRO D 266 4.64 13.66 22.16
C PRO D 266 4.25 12.75 20.97
N ASN D 267 5.00 12.75 19.88
CA ASN D 267 4.64 11.88 18.77
C ASN D 267 4.86 10.40 19.14
N ALA D 268 5.85 10.12 19.98
CA ALA D 268 6.06 8.76 20.46
C ALA D 268 4.89 8.30 21.33
N VAL D 269 4.33 9.20 22.14
CA VAL D 269 3.16 8.87 22.95
C VAL D 269 1.99 8.44 22.04
N ASP D 270 1.78 9.19 20.96
CA ASP D 270 0.73 8.82 20.01
C ASP D 270 0.96 7.45 19.41
N GLU D 271 2.23 7.16 19.07
CA GLU D 271 2.53 5.86 18.51
C GLU D 271 2.41 4.74 19.52
N LEU D 272 2.74 5.01 20.77
CA LEU D 272 2.55 4.03 21.83
C LEU D 272 1.07 3.79 22.10
N LEU D 273 0.25 4.82 21.97
CA LEU D 273 -1.22 4.63 22.11
C LEU D 273 -1.73 3.77 20.96
N ARG D 274 -1.20 3.97 19.75
CA ARG D 274 -1.59 3.09 18.63
C ARG D 274 -1.27 1.65 18.95
N PHE D 275 -0.10 1.41 19.55
CA PHE D 275 0.41 0.06 19.74
C PHE D 275 -0.13 -0.64 21.01
N TYR D 276 -0.35 0.12 22.07
CA TYR D 276 -0.72 -0.43 23.37
C TYR D 276 -2.05 0.14 23.91
N GLY D 277 -2.91 0.58 23.02
CA GLY D 277 -4.18 1.12 23.42
C GLY D 277 -4.98 0.06 24.17
N PRO D 278 -5.42 0.35 25.41
CA PRO D 278 -6.08 -0.67 26.21
C PRO D 278 -7.54 -1.03 25.82
N ALA D 279 -8.23 -0.18 25.08
CA ALA D 279 -9.70 -0.30 24.99
C ALA D 279 -10.21 -1.20 23.85
N MET D 280 -11.24 -1.99 24.15
CA MET D 280 -12.10 -2.58 23.15
C MET D 280 -13.49 -2.31 23.65
N VAL D 281 -14.33 -1.74 22.82
CA VAL D 281 -15.61 -1.26 23.26
CA VAL D 281 -15.61 -1.26 23.27
C VAL D 281 -16.74 -1.87 22.46
N GLY D 282 -17.90 -2.03 23.08
CA GLY D 282 -19.05 -2.55 22.38
C GLY D 282 -19.99 -1.51 21.78
N ARG D 283 -20.84 -2.01 20.90
CA ARG D 283 -22.00 -1.29 20.38
C ARG D 283 -23.18 -2.25 20.36
N LEU D 284 -24.34 -1.78 20.80
CA LEU D 284 -25.58 -2.49 20.67
C LEU D 284 -26.21 -2.16 19.33
N VAL D 285 -26.59 -3.19 18.57
CA VAL D 285 -27.27 -3.01 17.28
C VAL D 285 -28.77 -2.72 17.60
N THR D 286 -29.29 -1.61 17.08
CA THR D 286 -30.66 -1.18 17.34
C THR D 286 -31.57 -1.18 16.11
N GLN D 287 -30.99 -1.43 14.94
CA GLN D 287 -31.74 -1.53 13.69
C GLN D 287 -31.02 -2.49 12.80
N GLU D 288 -31.72 -3.20 11.93
CA GLU D 288 -31.03 -4.01 10.94
C GLU D 288 -30.10 -3.12 10.11
N VAL D 289 -28.88 -3.57 9.93
CA VAL D 289 -27.87 -2.75 9.28
C VAL D 289 -26.85 -3.63 8.60
N THR D 290 -26.45 -3.23 7.40
CA THR D 290 -25.38 -3.93 6.71
C THR D 290 -24.09 -3.13 6.75
N VAL D 291 -22.99 -3.81 7.16
CA VAL D 291 -21.67 -3.20 7.21
C VAL D 291 -20.77 -4.14 6.44
N GLY D 292 -20.20 -3.65 5.37
CA GLY D 292 -19.37 -4.53 4.56
C GLY D 292 -20.21 -5.67 4.03
N ASP D 293 -19.77 -6.89 4.28
CA ASP D 293 -20.44 -8.08 3.78
C ASP D 293 -21.48 -8.59 4.78
N ILE D 294 -21.55 -7.95 5.95
CA ILE D 294 -22.29 -8.52 7.07
C ILE D 294 -23.58 -7.78 7.38
N THR D 295 -24.67 -8.50 7.58
CA THR D 295 -25.89 -7.89 8.10
C THR D 295 -26.10 -8.22 9.58
N MET D 296 -26.22 -7.17 10.38
CA MET D 296 -26.43 -7.33 11.81
C MET D 296 -27.90 -7.05 12.17
N LYS D 297 -28.37 -7.70 13.23
CA LYS D 297 -29.77 -7.63 13.61
C LYS D 297 -29.93 -6.98 14.98
N PRO D 298 -31.07 -6.34 15.22
CA PRO D 298 -31.34 -5.73 16.52
C PRO D 298 -31.13 -6.68 17.67
N GLY D 299 -30.46 -6.20 18.72
CA GLY D 299 -30.18 -7.01 19.89
C GLY D 299 -28.79 -7.61 19.91
N GLN D 300 -28.15 -7.68 18.75
CA GLN D 300 -26.79 -8.20 18.67
C GLN D 300 -25.81 -7.16 19.16
N THR D 301 -24.61 -7.62 19.46
CA THR D 301 -23.51 -6.73 19.83
C THR D 301 -22.41 -6.82 18.82
N ALA D 302 -21.84 -5.66 18.52
CA ALA D 302 -20.58 -5.57 17.77
C ALA D 302 -19.51 -5.07 18.70
N MET D 303 -18.41 -5.81 18.79
CA MET D 303 -17.24 -5.42 19.56
C MET D 303 -16.22 -4.77 18.63
N LEU D 304 -15.80 -3.57 19.00
CA LEU D 304 -14.83 -2.82 18.22
C LEU D 304 -13.42 -3.14 18.74
N TRP D 305 -12.71 -3.98 17.99
CA TRP D 305 -11.36 -4.42 18.37
C TRP D 305 -10.36 -3.41 17.85
N PHE D 306 -10.32 -2.25 18.49
CA PHE D 306 -9.43 -1.16 18.11
C PHE D 306 -7.97 -1.63 17.91
N PRO D 307 -7.41 -2.54 18.76
CA PRO D 307 -6.01 -2.94 18.54
C PRO D 307 -5.74 -3.59 17.20
N ILE D 308 -6.75 -4.25 16.64
CA ILE D 308 -6.56 -4.88 15.34
C ILE D 308 -6.60 -3.83 14.23
N ALA D 309 -7.57 -2.92 14.30
CA ALA D 309 -7.69 -1.83 13.35
C ALA D 309 -6.46 -0.93 13.39
N SER D 310 -5.89 -0.75 14.56
CA SER D 310 -4.75 0.14 14.70
C SER D 310 -3.50 -0.50 14.07
N ARG D 311 -3.60 -1.77 13.62
CA ARG D 311 -2.56 -2.49 12.93
C ARG D 311 -2.90 -2.82 11.45
N ASP D 312 -3.94 -2.20 10.92
CA ASP D 312 -4.44 -2.48 9.56
C ASP D 312 -3.44 -1.90 8.53
N ARG D 313 -2.97 -2.75 7.65
CA ARG D 313 -2.02 -2.32 6.61
C ARG D 313 -2.63 -1.37 5.57
N SER D 314 -3.96 -1.30 5.50
CA SER D 314 -4.60 -0.34 4.62
CA SER D 314 -4.67 -0.35 4.64
C SER D 314 -4.78 1.04 5.26
N ALA D 315 -4.33 1.20 6.51
CA ALA D 315 -4.38 2.47 7.22
C ALA D 315 -3.06 2.96 7.74
N PHE D 316 -2.05 2.08 7.82
CA PHE D 316 -0.75 2.44 8.38
C PHE D 316 0.36 1.73 7.62
N ASP D 317 1.39 2.48 7.26
CA ASP D 317 2.61 1.83 6.82
C ASP D 317 3.35 1.17 7.99
N SER D 318 3.96 0.01 7.76
N SER D 318 4.00 0.04 7.75
CA SER D 318 4.77 -0.65 8.77
CA SER D 318 4.78 -0.69 8.77
C SER D 318 4.02 -0.69 10.12
C SER D 318 4.04 -0.74 10.11
N PRO D 319 2.83 -1.28 10.11
CA PRO D 319 2.01 -1.20 11.31
C PRO D 319 2.55 -1.97 12.47
N ASP D 320 3.43 -2.95 12.24
CA ASP D 320 3.93 -3.73 13.37
C ASP D 320 5.18 -3.15 14.01
N ASN D 321 5.61 -1.99 13.55
CA ASN D 321 6.75 -1.27 14.12
C ASN D 321 6.26 0.00 14.83
N ILE D 322 6.96 0.36 15.89
CA ILE D 322 6.77 1.58 16.62
C ILE D 322 7.61 2.66 15.98
N VAL D 323 6.96 3.43 15.10
CA VAL D 323 7.63 4.45 14.30
C VAL D 323 7.30 5.77 14.99
N ILE D 324 8.20 6.22 15.84
CA ILE D 324 7.85 7.34 16.74
C ILE D 324 7.62 8.62 16.02
N GLU D 325 8.16 8.77 14.81
CA GLU D 325 7.97 10.01 14.04
C GLU D 325 6.76 9.96 13.10
N ARG D 326 5.96 8.89 13.20
CA ARG D 326 4.74 8.78 12.40
C ARG D 326 3.84 9.99 12.66
N THR D 327 3.41 10.69 11.63
CA THR D 327 2.52 11.86 11.82
C THR D 327 1.89 12.23 10.51
N PRO D 328 0.59 12.48 10.51
CA PRO D 328 -0.38 12.33 11.60
C PRO D 328 -0.52 10.86 12.04
N ASN D 329 -1.12 10.65 13.19
CA ASN D 329 -1.31 9.28 13.64
C ASN D 329 -2.81 9.01 13.79
N ARG D 330 -3.41 8.28 12.86
CA ARG D 330 -4.87 8.13 12.89
C ARG D 330 -5.31 6.88 13.61
N HIS D 331 -4.65 6.56 14.70
CA HIS D 331 -5.06 5.41 15.48
C HIS D 331 -6.46 5.60 16.06
N LEU D 332 -7.08 4.47 16.45
CA LEU D 332 -8.42 4.46 16.99
C LEU D 332 -8.43 4.21 18.50
N SER D 333 -7.28 4.32 19.15
CA SER D 333 -7.18 3.98 20.57
C SER D 333 -7.94 4.89 21.51
N LEU D 334 -8.24 6.10 21.05
CA LEU D 334 -9.05 7.02 21.83
C LEU D 334 -10.42 7.21 21.19
N GLY D 335 -10.81 6.29 20.33
CA GLY D 335 -12.08 6.36 19.66
C GLY D 335 -12.07 7.30 18.46
N HIS D 336 -13.27 7.66 18.00
CA HIS D 336 -13.44 8.42 16.79
C HIS D 336 -14.89 8.87 16.74
N GLY D 337 -15.15 10.07 16.25
CA GLY D 337 -16.52 10.53 16.11
C GLY D 337 -17.04 11.10 17.42
N ILE D 338 -18.34 10.97 17.65
CA ILE D 338 -18.97 11.74 18.72
C ILE D 338 -18.58 11.33 20.13
N HIS D 339 -18.10 10.10 20.30
CA HIS D 339 -17.69 9.60 21.61
C HIS D 339 -16.16 9.62 21.83
N ARG D 340 -15.44 10.28 20.94
CA ARG D 340 -13.98 10.30 21.06
C ARG D 340 -13.58 10.77 22.46
N CYS D 341 -12.55 10.16 23.03
CA CYS D 341 -12.19 10.30 24.42
C CYS D 341 -12.17 11.76 24.90
N LEU D 342 -12.92 12.04 25.96
CA LEU D 342 -12.91 13.35 26.59
C LEU D 342 -11.54 13.66 27.16
N GLY D 343 -10.83 12.61 27.58
CA GLY D 343 -9.49 12.73 28.15
C GLY D 343 -8.36 12.73 27.18
N ALA D 344 -8.65 12.86 25.87
CA ALA D 344 -7.60 12.64 24.88
C ALA D 344 -6.40 13.55 25.09
N HIS D 345 -6.65 14.83 25.29
CA HIS D 345 -5.55 15.78 25.49
C HIS D 345 -4.85 15.50 26.83
N LEU D 346 -5.64 15.31 27.87
CA LEU D 346 -5.11 15.09 29.20
C LEU D 346 -4.15 13.94 29.21
N ILE D 347 -4.54 12.83 28.61
CA ILE D 347 -3.70 11.65 28.73
C ILE D 347 -2.44 11.75 27.89
N ARG D 348 -2.47 12.49 26.78
CA ARG D 348 -1.26 12.70 25.99
C ARG D 348 -0.27 13.50 26.83
N VAL D 349 -0.78 14.50 27.55
CA VAL D 349 0.09 15.31 28.38
C VAL D 349 0.61 14.50 29.57
N GLU D 350 -0.28 13.74 30.20
CA GLU D 350 0.10 12.89 31.32
C GLU D 350 1.16 11.84 30.97
N ALA D 351 0.96 11.16 29.85
CA ALA D 351 1.97 10.21 29.41
C ALA D 351 3.32 10.88 29.10
N ARG D 352 3.30 12.05 28.47
CA ARG D 352 4.53 12.79 28.23
C ARG D 352 5.25 13.09 29.53
N VAL D 353 4.53 13.60 30.53
CA VAL D 353 5.13 13.92 31.83
C VAL D 353 5.66 12.65 32.51
N ALA D 354 4.89 11.56 32.48
CA ALA D 354 5.33 10.33 33.13
C ALA D 354 6.61 9.80 32.51
N ILE D 355 6.65 9.73 31.17
CA ILE D 355 7.82 9.18 30.47
C ILE D 355 9.02 10.11 30.72
N THR D 356 8.79 11.42 30.63
CA THR D 356 9.87 12.37 30.78
C THR D 356 10.49 12.29 32.17
N GLU D 357 9.67 12.32 33.22
CA GLU D 357 10.23 12.32 34.57
C GLU D 357 10.85 10.98 34.87
N PHE D 358 10.21 9.88 34.45
CA PHE D 358 10.77 8.58 34.78
C PHE D 358 12.15 8.43 34.11
N LEU D 359 12.25 8.73 32.83
CA LEU D 359 13.54 8.57 32.13
C LEU D 359 14.60 9.54 32.62
N LYS D 360 14.19 10.71 33.09
CA LYS D 360 15.13 11.65 33.70
C LYS D 360 15.73 11.08 35.00
N ARG D 361 14.87 10.49 35.82
CA ARG D 361 15.26 9.99 37.13
C ARG D 361 15.97 8.62 37.04
N ILE D 362 15.50 7.76 36.12
CA ILE D 362 15.91 6.36 36.02
C ILE D 362 16.11 6.02 34.54
N PRO D 363 17.23 6.47 33.96
CA PRO D 363 17.50 6.21 32.55
C PRO D 363 17.87 4.79 32.22
N GLU D 364 18.35 4.06 33.21
CA GLU D 364 18.77 2.67 33.04
C GLU D 364 17.92 1.77 33.92
N PHE D 365 17.24 0.80 33.32
CA PHE D 365 16.37 -0.13 34.05
C PHE D 365 16.11 -1.31 33.16
N SER D 366 15.61 -2.39 33.74
CA SER D 366 15.27 -3.56 32.95
C SER D 366 14.21 -4.36 33.66
N LEU D 367 13.63 -5.31 32.97
CA LEU D 367 12.70 -6.23 33.60
C LEU D 367 13.41 -7.18 34.58
N ASP D 368 12.76 -7.44 35.71
CA ASP D 368 13.36 -8.25 36.74
C ASP D 368 13.35 -9.71 36.30
N PRO D 369 14.52 -10.32 36.23
CA PRO D 369 14.60 -11.73 35.80
C PRO D 369 14.02 -12.72 36.81
N ASN D 370 13.70 -12.26 38.01
CA ASN D 370 13.25 -13.20 39.06
C ASN D 370 11.79 -13.06 39.41
N LYS D 371 11.09 -12.17 38.71
CA LYS D 371 9.67 -11.97 38.92
C LYS D 371 8.96 -11.95 37.59
N GLU D 372 7.69 -12.27 37.59
CA GLU D 372 6.90 -12.34 36.36
C GLU D 372 6.15 -11.05 36.03
N CYS D 373 6.12 -10.69 34.75
CA CYS D 373 5.13 -9.73 34.24
C CYS D 373 3.77 -10.44 34.07
N GLU D 374 2.70 -9.67 33.99
CA GLU D 374 1.38 -10.22 33.80
C GLU D 374 0.57 -9.20 33.02
N TRP D 375 -0.05 -9.66 31.94
CA TRP D 375 -0.97 -8.88 31.09
C TRP D 375 -2.42 -9.12 31.51
N LEU D 376 -3.15 -8.06 31.81
CA LEU D 376 -4.58 -8.15 32.10
C LEU D 376 -5.40 -8.04 30.81
N MET D 377 -6.28 -9.00 30.57
CA MET D 377 -7.15 -9.03 29.41
C MET D 377 -8.50 -8.42 29.74
N GLY D 378 -9.28 -8.09 28.72
CA GLY D 378 -10.65 -7.60 28.89
C GLY D 378 -10.89 -6.37 28.01
N GLN D 379 -11.87 -5.56 28.36
CA GLN D 379 -12.19 -4.35 27.63
C GLN D 379 -11.20 -3.21 27.92
N VAL D 380 -10.41 -3.34 28.98
CA VAL D 380 -9.36 -2.40 29.31
C VAL D 380 -8.14 -3.23 29.64
N ALA D 381 -7.27 -3.44 28.65
CA ALA D 381 -6.22 -4.42 28.71
C ALA D 381 -4.84 -3.79 28.72
N GLY D 382 -3.91 -4.46 29.35
CA GLY D 382 -2.52 -4.05 29.32
C GLY D 382 -1.77 -4.66 30.48
N MET D 383 -0.48 -4.34 30.59
CA MET D 383 0.29 -4.91 31.69
C MET D 383 -0.30 -4.55 33.04
N LEU D 384 -0.36 -5.52 33.93
CA LEU D 384 -0.84 -5.34 35.31
C LEU D 384 0.31 -5.39 36.30
N HIS D 385 1.35 -6.17 35.98
CA HIS D 385 2.57 -6.27 36.81
C HIS D 385 3.77 -6.17 35.92
N VAL D 386 4.64 -5.21 36.23
CA VAL D 386 5.83 -4.95 35.45
C VAL D 386 6.99 -4.79 36.44
N PRO D 387 7.51 -5.91 36.95
CA PRO D 387 8.64 -5.84 37.89
C PRO D 387 9.90 -5.40 37.17
N ILE D 388 10.53 -4.34 37.67
CA ILE D 388 11.76 -3.81 37.09
C ILE D 388 12.87 -3.73 38.15
N ILE D 389 14.10 -3.69 37.66
CA ILE D 389 15.25 -3.42 38.50
C ILE D 389 16.04 -2.28 37.88
N PHE D 390 16.82 -1.59 38.70
CA PHE D 390 17.54 -0.39 38.26
C PHE D 390 18.61 -0.07 39.30
N PRO D 391 19.68 0.61 38.89
CA PRO D 391 20.66 1.08 39.88
C PRO D 391 19.99 2.00 40.89
N LYS D 392 20.35 1.86 42.15
CA LYS D 392 19.78 2.71 43.17
C LYS D 392 20.10 4.18 42.90
N GLY D 393 19.11 5.04 43.12
CA GLY D 393 19.29 6.46 42.88
C GLY D 393 18.89 7.28 44.09
N LYS D 394 18.75 8.59 43.86
CA LYS D 394 18.53 9.55 44.93
C LYS D 394 17.11 10.13 44.94
N ARG D 395 16.55 10.29 46.13
CA ARG D 395 15.33 11.06 46.29
CA ARG D 395 15.32 11.05 46.28
C ARG D 395 15.58 12.53 45.97
N LEU D 396 14.57 13.22 45.43
CA LEU D 396 14.67 14.65 45.26
C LEU D 396 14.31 15.27 46.62
N SER D 397 13.21 14.80 47.22
CA SER D 397 12.74 15.32 48.50
C SER D 397 12.82 14.25 49.61
#